data_9DLZ
#
_entry.id   9DLZ
#
loop_
_entity.id
_entity.type
_entity.pdbx_description
1 polymer 'Actin-related protein 3'
2 polymer 'Actin-related protein 2'
3 polymer 'Actin-related protein 2/3 complex subunit 1A'
4 polymer 'Actin-related protein 2/3 complex subunit 2'
5 polymer 'Actin-related protein 2/3 complex subunit 3'
6 polymer 'Actin-related protein 2/3 complex subunit 4'
7 polymer 'Actin-related protein 2/3 complex subunit 5'
8 polymer 'WASP like actin nucleation promoting factor'
9 non-polymer "ADENOSINE-5'-TRIPHOSPHATE"
10 non-polymer 'MAGNESIUM ION'
#
loop_
_entity_poly.entity_id
_entity_poly.type
_entity_poly.pdbx_seq_one_letter_code
_entity_poly.pdbx_strand_id
1 'polypeptide(L)'
;GRLPACVVDCGTGYTKLGYAGNTEPQFIIPSCIAIKESAKVGDQAQRRVMKGVDDLDFFIGDEAIEKPTYATKWPIRHGI
VEDWDLMERFMEQVIFKYLRAEPEDHYFLLTEPPLNTPENREYTAEIMFESFNVPGLYIAVQAVLALAASWTSRQVGERT
LTGTVIDSGDGVTHVIPVAEGYVIGSCIKHIPIAGRDITYFIQQLLRDREVGIPPEQSLETAKAVKERYSYVCPDLVKEF
NKYDTDGSKWIKQYTGINAISKKEFSIDVGYERFLGPEIFFHPEFANPDFTQPISEVVDEVIQNCPIDVRRPLYKNIVLS
GGSTMFRDFGRRLQRDLKRTVDARLKLSEELSGGRLKPKPIDVQVITHHMQRYAVWFGGSMLASTPEFYQVCHTKKDYEE
IGPSICRHNPV
;
A
2 'polypeptide(L)'
;MDSQGRKVVVCDNGTGFVKCGYAGSNFPEHIFPALVGRPIIRSTTKVGNIEIKDLMVGDEASELRSMLEVNYPMENGIVR
NWDDMKHLWDYTFGPEKLNIDTRNCKILLTEPPMNPTKNREKIVEVMFETYQFSGVYVAIQAVLTLYAQGLLTGVVVDSG
DGVTHICPVYEGFSLPHLTRRLDIAGRDITRYLIKLLLLRGYAFNHSADFETVRMIKEKLCYVGYNIEQEQKLALETTVL
VESYTLPDGRIIKVGGERFEAPEALFQPHLINVEGVGVAELLFNTIQAADIDTRSEFYKHIVLSGGSTMYPGLPSRLERE
LKQLYLERVLKGDVEKLSKFKIRIEDPPRRKHMVFLGGAVLADIMKDKDNFWMTRQEYQEKGVRVLEKLG
;
B
3 'polypeptide(L)'
;MSLHQFLLEPITCHAWNRDRTQIALSPNNHEVHIYKKNGGQWVKAHELKEHNGHITGIDWAPKSDRIVTCGADRNAYVWS
QKDGVWKPTLVILRINRAATFVKWSPLENKFAVGSGARLISVCYFESENDWWVSKHIKKPIRSTVLSLDWHPNNVLLAAG
SCDFKCRVFSAYIKEVDEKPASTPWGSKMPFGQLMSEFGGSGTGGWVHGVSFSASGSRLAWVSHDSTVSVADASKSVQVS
TLKTEFLPLLSVSFVSENSVVAAGHDCCPMLFNYDDRGCLTFVSKLDIPKQSIQRNMSAMERFRNMDKRATTEDRNTALE
TLHQNSITQVSIYEVDKQDCRKFCTTGIDGAMTIWDFKTLESSIQGLRIM
;
C
4 'polypeptide(L)'
;MILLEVNNRIIEETLALKFENAAAGNKPEAVEVTFADFDGVLYHISNPNGDKTKVMVSISLKFYKELQAHGADELLKRVY
GSYLVNPESGYNVSLLYDLENLPASKDSIVHQAGMLKRNCFASVFEKYFQFQEEGKEGENRAVIHYRDDETMYVESKKDR
VTVVFSTVFKDDDDVVIGKVFMQEFKEGRRASHTAPQVLFSHREPPLELKDTDAAVGDNIGYITFVLFPRHTNASARDNT
INLIHTFRDYLHYHIKCSKAYIHTRMRAKTSDFLKVLNRARPDAE
;
D
5 'polypeptide(L)'
;PAYHSSLMDPDTKLIGNMALLPIRSQFKGPAPRETKDTDIVDEAIYYFKANVFFKNYEIKNEADRTLIYITLYISECLKK
LQKCNSKSQGEKEMYTLGITNFPIPGEPGFPLNAIYAKPANKQEDEVMRAYLQQLRQETGLRLCEKVFDPQNDKPSKWWT
CFVKRQFMNKSLSGP
;
E
6 'polypeptide(L)'
;TATLRPYLSAVRATLQAALCLENFSSQVVERHNKPEVEVRSSKELLLQPVTISRNEKEKVLIEGSINSVRVSIAVKQADE
IEKILCHKFMRFMMMRAENFFILRRKPVEGYDISFLITNFHTEQMYKHKLVDFVIHFMEEIDKEISEMKLSVNARARIVA
EEFLKNF
;
F
7 'polypeptide(L)'
;SSARFRKVDVGEYDENKFVDEEDGGDGQAGPDEGEVDSCLRQGNMTAALQAALKNPPINTKSQAVKDRAGSIVLKVLISF
KANDIEKAVQSLDKNGVDLLMKYIYKGFESPSDNSSAVLLQWHEKALAAGGVGSIVRVLTARKTV
;
G
8 'polypeptide(L)' SGIVGALMEVMQKRSKAIHSSDEDEDEEEEEDFEDDDEWED H,I
#
loop_
_chem_comp.id
_chem_comp.type
_chem_comp.name
_chem_comp.formula
ATP non-polymer ADENOSINE-5'-TRIPHOSPHATE 'C10 H16 N5 O13 P3'
MG non-polymer 'MAGNESIUM ION' 'Mg 2'
#
# COMPACT_ATOMS: atom_id res chain seq x y z
N GLY A 1 12.30 42.29 3.91
CA GLY A 1 13.47 41.61 3.39
C GLY A 1 13.17 40.22 2.87
N ARG A 2 12.69 39.36 3.76
CA ARG A 2 12.32 38.01 3.39
C ARG A 2 11.01 38.01 2.62
N LEU A 3 10.97 37.29 1.51
CA LEU A 3 9.75 37.18 0.73
C LEU A 3 8.76 36.25 1.42
N PRO A 4 7.47 36.55 1.36
CA PRO A 4 6.48 35.69 2.01
C PRO A 4 6.24 34.41 1.23
N ALA A 5 5.79 33.38 1.94
CA ALA A 5 5.53 32.09 1.34
C ALA A 5 4.23 32.10 0.56
N CYS A 6 4.11 31.15 -0.36
CA CYS A 6 2.93 31.01 -1.21
C CYS A 6 2.00 29.94 -0.64
N VAL A 7 0.71 30.27 -0.56
CA VAL A 7 -0.30 29.35 -0.05
C VAL A 7 -1.26 29.03 -1.19
N VAL A 8 -1.38 27.75 -1.51
CA VAL A 8 -2.22 27.23 -2.59
C VAL A 8 -3.11 26.14 -2.02
N ASP A 9 -4.42 26.30 -2.16
CA ASP A 9 -5.39 25.29 -1.75
C ASP A 9 -6.18 24.85 -2.98
N CYS A 10 -6.12 23.56 -3.29
CA CYS A 10 -6.79 23.01 -4.45
C CYS A 10 -8.01 22.23 -4.03
N GLY A 11 -9.11 22.41 -4.76
CA GLY A 11 -10.34 21.73 -4.48
C GLY A 11 -10.98 21.24 -5.76
N THR A 12 -12.16 20.63 -5.61
CA THR A 12 -12.89 20.13 -6.77
C THR A 12 -13.51 21.28 -7.56
N GLY A 13 -14.08 22.26 -6.87
CA GLY A 13 -14.74 23.34 -7.54
C GLY A 13 -13.86 24.56 -7.73
N TYR A 14 -13.16 24.97 -6.67
CA TYR A 14 -12.42 26.23 -6.70
C TYR A 14 -11.03 26.03 -6.11
N THR A 15 -10.08 26.76 -6.69
CA THR A 15 -8.70 26.79 -6.25
C THR A 15 -8.38 28.19 -5.74
N LYS A 16 -7.79 28.25 -4.55
CA LYS A 16 -7.55 29.49 -3.83
C LYS A 16 -6.05 29.74 -3.70
N LEU A 17 -5.60 30.89 -4.19
CA LEU A 17 -4.19 31.21 -4.34
C LEU A 17 -3.87 32.50 -3.62
N GLY A 18 -2.71 32.56 -2.99
CA GLY A 18 -2.26 33.83 -2.46
C GLY A 18 -0.93 33.71 -1.77
N TYR A 19 -0.54 34.81 -1.12
CA TYR A 19 0.69 34.87 -0.33
C TYR A 19 0.35 34.85 1.15
N ALA A 20 1.33 34.49 1.96
CA ALA A 20 1.13 34.36 3.39
C ALA A 20 1.06 35.73 4.05
N GLY A 21 0.36 35.79 5.18
CA GLY A 21 0.20 37.02 5.92
C GLY A 21 -1.00 37.85 5.57
N ASN A 22 -1.91 37.34 4.73
CA ASN A 22 -3.09 38.07 4.31
C ASN A 22 -4.35 37.37 4.81
N THR A 23 -5.40 38.16 5.04
CA THR A 23 -6.64 37.60 5.55
C THR A 23 -7.43 36.88 4.45
N GLU A 24 -7.42 37.42 3.25
CA GLU A 24 -8.19 36.89 2.15
C GLU A 24 -7.27 36.35 1.06
N PRO A 25 -7.68 35.32 0.32
CA PRO A 25 -6.90 34.87 -0.83
C PRO A 25 -6.95 35.88 -1.96
N GLN A 26 -5.84 35.96 -2.70
CA GLN A 26 -5.75 36.90 -3.80
C GLN A 26 -6.51 36.41 -5.03
N PHE A 27 -6.58 35.10 -5.25
CA PHE A 27 -7.29 34.57 -6.41
C PHE A 27 -8.17 33.41 -5.99
N ILE A 28 -9.43 33.42 -6.45
CA ILE A 28 -10.30 32.26 -6.39
C ILE A 28 -10.72 31.95 -7.82
N ILE A 29 -10.27 30.81 -8.33
CA ILE A 29 -10.53 30.46 -9.73
C ILE A 29 -11.24 29.11 -9.77
N PRO A 30 -11.99 28.82 -10.82
CA PRO A 30 -12.47 27.45 -11.02
C PRO A 30 -11.33 26.49 -11.32
N SER A 31 -11.49 25.26 -10.86
CA SER A 31 -10.42 24.26 -10.93
C SER A 31 -10.59 23.41 -12.18
N CYS A 32 -10.47 24.07 -13.34
CA CYS A 32 -10.63 23.40 -14.61
C CYS A 32 -9.53 23.86 -15.58
N ILE A 33 -9.22 23.01 -16.54
CA ILE A 33 -8.21 23.29 -17.55
C ILE A 33 -8.79 22.97 -18.93
N ALA A 34 -8.58 23.87 -19.88
CA ALA A 34 -9.05 23.70 -21.25
C ALA A 34 -7.86 23.43 -22.15
N ILE A 35 -7.86 22.28 -22.81
CA ILE A 35 -6.76 21.89 -23.68
C ILE A 35 -7.27 21.84 -25.12
N LYS A 36 -6.31 21.81 -26.05
CA LYS A 36 -6.63 21.66 -27.46
C LYS A 36 -7.14 20.25 -27.75
N GLU A 37 -8.06 20.16 -28.71
CA GLU A 37 -8.65 18.88 -29.10
C GLU A 37 -7.62 17.96 -29.74
N SER A 38 -7.70 16.67 -29.41
CA SER A 38 -6.78 15.70 -30.01
C SER A 38 -7.13 15.42 -31.47
N ALA A 39 -8.43 15.31 -31.77
CA ALA A 39 -9.04 15.14 -33.09
C ALA A 39 -8.57 13.89 -33.84
N LYS A 40 -8.11 12.86 -33.13
CA LYS A 40 -7.66 11.63 -33.77
C LYS A 40 -8.12 10.41 -32.98
N ARG A 48 -0.64 11.18 -28.11
CA ARG A 48 -0.30 11.75 -29.41
C ARG A 48 1.06 12.43 -29.37
N VAL A 49 1.69 12.59 -30.53
CA VAL A 49 2.97 13.28 -30.63
C VAL A 49 2.67 14.79 -30.58
N MET A 50 3.51 15.53 -29.85
CA MET A 50 3.34 16.97 -29.73
C MET A 50 4.60 17.65 -30.26
N LYS A 51 4.61 17.87 -31.57
CA LYS A 51 5.73 18.52 -32.22
C LYS A 51 5.72 20.02 -31.93
N GLY A 52 6.86 20.54 -31.47
CA GLY A 52 6.90 21.92 -31.06
C GLY A 52 6.29 22.09 -29.67
N VAL A 53 6.00 23.34 -29.34
CA VAL A 53 5.38 23.66 -28.04
C VAL A 53 3.86 23.59 -28.22
N ASP A 54 3.36 22.35 -28.17
CA ASP A 54 1.93 22.12 -28.25
C ASP A 54 1.30 21.78 -26.90
N ASP A 55 2.11 21.47 -25.89
CA ASP A 55 1.58 21.33 -24.54
C ASP A 55 1.54 22.65 -23.80
N LEU A 56 2.04 23.74 -24.41
CA LEU A 56 1.95 25.07 -23.84
C LEU A 56 0.77 25.86 -24.42
N ASP A 57 -0.24 25.17 -24.94
CA ASP A 57 -1.41 25.81 -25.54
C ASP A 57 -2.63 25.38 -24.74
N PHE A 58 -2.89 26.07 -23.64
CA PHE A 58 -3.98 25.73 -22.75
C PHE A 58 -4.37 26.96 -21.94
N PHE A 59 -5.54 26.88 -21.31
CA PHE A 59 -6.03 27.93 -20.44
C PHE A 59 -6.62 27.30 -19.19
N ILE A 60 -6.43 27.96 -18.05
CA ILE A 60 -6.98 27.51 -16.79
C ILE A 60 -7.90 28.60 -16.25
N GLY A 61 -8.68 28.24 -15.23
CA GLY A 61 -9.47 29.22 -14.52
C GLY A 61 -10.78 29.55 -15.22
N ASP A 62 -11.20 30.81 -15.06
CA ASP A 62 -12.51 31.24 -15.57
C ASP A 62 -12.49 31.41 -17.08
N GLU A 63 -11.32 31.62 -17.68
CA GLU A 63 -11.23 31.76 -19.13
C GLU A 63 -11.16 30.40 -19.81
N ALA A 64 -11.02 29.32 -19.03
CA ALA A 64 -11.11 27.97 -19.59
C ALA A 64 -12.55 27.59 -19.88
N ILE A 65 -13.51 28.18 -19.16
CA ILE A 65 -14.90 27.80 -19.31
C ILE A 65 -15.48 28.49 -20.54
N GLU A 66 -16.05 27.69 -21.46
CA GLU A 66 -16.71 28.08 -22.71
C GLU A 66 -15.72 28.84 -23.61
N LYS A 67 -14.77 28.07 -24.12
CA LYS A 67 -13.89 28.53 -25.17
C LYS A 67 -14.04 27.62 -26.38
N PRO A 68 -14.26 28.17 -27.57
CA PRO A 68 -14.43 27.33 -28.76
C PRO A 68 -13.12 26.67 -29.19
N THR A 69 -13.26 25.46 -29.76
CA THR A 69 -12.18 24.54 -30.14
C THR A 69 -11.24 24.22 -28.98
N TYR A 70 -11.79 24.10 -27.77
CA TYR A 70 -11.05 23.66 -26.60
C TYR A 70 -11.96 22.80 -25.75
N ALA A 71 -11.37 21.81 -25.08
CA ALA A 71 -12.12 20.86 -24.27
C ALA A 71 -11.79 21.08 -22.81
N THR A 72 -12.82 21.37 -22.02
CA THR A 72 -12.64 21.64 -20.59
C THR A 72 -12.58 20.34 -19.82
N LYS A 73 -11.53 20.17 -19.02
CA LYS A 73 -11.33 18.95 -18.24
C LYS A 73 -11.13 19.30 -16.77
N TRP A 74 -11.59 18.41 -15.89
CA TRP A 74 -11.56 18.64 -14.45
C TRP A 74 -10.64 17.60 -13.81
N PRO A 75 -9.43 17.98 -13.38
CA PRO A 75 -8.47 16.95 -12.94
C PRO A 75 -8.72 16.42 -11.54
N ILE A 76 -9.40 17.17 -10.67
CA ILE A 76 -9.59 16.76 -9.29
C ILE A 76 -11.02 16.30 -9.09
N ARG A 77 -11.17 15.05 -8.63
CA ARG A 77 -12.49 14.46 -8.36
C ARG A 77 -12.52 13.99 -6.92
N HIS A 78 -13.46 14.53 -6.14
CA HIS A 78 -13.70 14.23 -4.72
C HIS A 78 -12.46 14.46 -3.85
N GLY A 79 -11.64 15.45 -4.19
CA GLY A 79 -10.44 15.78 -3.47
C GLY A 79 -9.20 15.01 -3.90
N ILE A 80 -9.35 14.01 -4.75
CA ILE A 80 -8.25 13.13 -5.14
C ILE A 80 -7.91 13.40 -6.59
N VAL A 81 -6.64 13.69 -6.86
CA VAL A 81 -6.19 14.00 -8.21
C VAL A 81 -6.21 12.73 -9.06
N GLU A 82 -6.90 12.81 -10.20
CA GLU A 82 -7.02 11.68 -11.12
C GLU A 82 -5.91 11.65 -12.17
N ASP A 83 -5.66 12.77 -12.83
CA ASP A 83 -4.64 12.87 -13.87
C ASP A 83 -3.50 13.74 -13.33
N TRP A 84 -2.29 13.20 -13.34
CA TRP A 84 -1.14 13.95 -12.86
C TRP A 84 -0.47 14.77 -13.96
N ASP A 85 -0.78 14.50 -15.22
CA ASP A 85 -0.23 15.32 -16.30
C ASP A 85 -0.95 16.66 -16.38
N LEU A 86 -2.26 16.66 -16.13
CA LEU A 86 -3.00 17.92 -16.16
C LEU A 86 -2.76 18.73 -14.89
N MET A 87 -2.46 18.05 -13.78
CA MET A 87 -2.19 18.74 -12.52
C MET A 87 -0.82 19.42 -12.55
N GLU A 88 0.13 18.84 -13.30
CA GLU A 88 1.44 19.48 -13.46
C GLU A 88 1.34 20.70 -14.35
N ARG A 89 0.50 20.67 -15.37
CA ARG A 89 0.32 21.84 -16.23
C ARG A 89 -0.56 22.89 -15.56
N PHE A 90 -1.37 22.48 -14.57
CA PHE A 90 -2.17 23.44 -13.82
C PHE A 90 -1.29 24.30 -12.92
N MET A 91 -0.25 23.73 -12.35
CA MET A 91 0.61 24.47 -11.45
C MET A 91 1.63 25.34 -12.17
N GLU A 92 1.80 25.17 -13.48
CA GLU A 92 2.68 26.05 -14.24
C GLU A 92 2.09 27.44 -14.37
N GLN A 93 0.81 27.52 -14.73
CA GLN A 93 0.18 28.83 -14.92
C GLN A 93 -0.28 29.45 -13.61
N VAL A 94 -0.34 28.67 -12.53
CA VAL A 94 -0.59 29.26 -11.21
C VAL A 94 0.63 30.06 -10.75
N ILE A 95 1.81 29.48 -10.91
CA ILE A 95 3.03 30.12 -10.44
C ILE A 95 3.48 31.24 -11.38
N PHE A 96 3.51 30.98 -12.69
CA PHE A 96 4.17 31.88 -13.62
C PHE A 96 3.25 32.89 -14.28
N LYS A 97 1.94 32.80 -14.11
CA LYS A 97 1.04 33.81 -14.64
C LYS A 97 0.27 34.57 -13.57
N TYR A 98 -0.33 33.86 -12.61
CA TYR A 98 -1.17 34.50 -11.61
C TYR A 98 -0.37 35.02 -10.42
N LEU A 99 0.41 34.15 -9.77
CA LEU A 99 1.17 34.57 -8.60
C LEU A 99 2.40 35.38 -8.98
N ARG A 100 3.00 35.06 -10.15
CA ARG A 100 4.23 35.68 -10.69
C ARG A 100 5.39 35.61 -9.72
N ALA A 101 5.56 34.45 -9.10
CA ALA A 101 6.61 34.23 -8.11
C ALA A 101 7.71 33.36 -8.71
N GLU A 102 8.95 33.72 -8.45
CA GLU A 102 10.06 32.85 -8.79
C GLU A 102 10.06 31.68 -7.82
N PRO A 103 9.97 30.43 -8.29
CA PRO A 103 9.77 29.30 -7.37
C PRO A 103 11.01 28.89 -6.61
N GLU A 104 12.19 29.40 -6.98
CA GLU A 104 13.40 29.04 -6.25
C GLU A 104 13.56 29.86 -4.96
N ASP A 105 12.79 30.93 -4.78
CA ASP A 105 12.95 31.80 -3.63
C ASP A 105 11.85 31.65 -2.59
N HIS A 106 10.74 30.99 -2.91
CA HIS A 106 9.57 30.98 -2.05
C HIS A 106 9.33 29.58 -1.50
N TYR A 107 9.09 29.51 -0.19
CA TYR A 107 8.58 28.28 0.41
C TYR A 107 7.12 28.10 0.04
N PHE A 108 6.65 26.86 0.05
CA PHE A 108 5.30 26.55 -0.39
C PHE A 108 4.54 25.80 0.68
N LEU A 109 3.23 26.02 0.71
CA LEU A 109 2.32 25.27 1.57
C LEU A 109 1.17 24.77 0.71
N LEU A 110 0.92 23.47 0.74
CA LEU A 110 -0.16 22.84 0.00
C LEU A 110 -1.02 22.04 0.96
N THR A 111 -2.26 21.78 0.54
CA THR A 111 -3.20 21.02 1.33
C THR A 111 -3.49 19.68 0.67
N GLU A 112 -4.01 18.76 1.46
CA GLU A 112 -4.31 17.40 1.05
C GLU A 112 -5.70 17.02 1.50
N PRO A 113 -6.36 16.06 0.84
CA PRO A 113 -7.64 15.54 1.33
C PRO A 113 -7.46 14.78 2.64
N PRO A 114 -8.51 14.68 3.47
CA PRO A 114 -8.36 14.03 4.79
C PRO A 114 -8.10 12.54 4.75
N LEU A 115 -8.47 11.86 3.67
CA LEU A 115 -8.15 10.45 3.49
C LEU A 115 -7.22 10.35 2.28
N ASN A 116 -5.92 10.50 2.53
CA ASN A 116 -4.93 10.55 1.47
C ASN A 116 -3.91 9.45 1.67
N THR A 117 -3.58 8.76 0.59
CA THR A 117 -2.55 7.73 0.63
C THR A 117 -1.17 8.37 0.73
N PRO A 118 -0.20 7.67 1.30
CA PRO A 118 1.19 8.18 1.24
C PRO A 118 1.81 8.16 -0.14
N GLU A 119 1.27 7.37 -1.06
CA GLU A 119 1.80 7.35 -2.43
C GLU A 119 1.42 8.62 -3.17
N ASN A 120 0.27 9.21 -2.86
CA ASN A 120 -0.11 10.47 -3.47
C ASN A 120 0.69 11.63 -2.90
N ARG A 121 1.19 11.50 -1.67
CA ARG A 121 1.99 12.56 -1.08
C ARG A 121 3.39 12.61 -1.69
N GLU A 122 3.89 11.48 -2.18
CA GLU A 122 5.20 11.46 -2.83
C GLU A 122 5.11 11.93 -4.27
N TYR A 123 3.93 11.85 -4.90
CA TYR A 123 3.80 12.33 -6.27
C TYR A 123 3.75 13.84 -6.32
N THR A 124 3.26 14.48 -5.25
CA THR A 124 3.20 15.93 -5.21
C THR A 124 4.57 16.53 -5.00
N ALA A 125 5.40 15.89 -4.18
CA ALA A 125 6.73 16.42 -3.91
C ALA A 125 7.70 16.14 -5.05
N GLU A 126 7.37 15.21 -5.93
CA GLU A 126 8.16 15.02 -7.14
C GLU A 126 8.01 16.21 -8.09
N ILE A 127 6.79 16.74 -8.20
CA ILE A 127 6.52 17.85 -9.10
C ILE A 127 7.15 19.13 -8.57
N MET A 128 7.07 19.37 -7.26
CA MET A 128 7.57 20.61 -6.69
C MET A 128 9.09 20.66 -6.64
N PHE A 129 9.74 19.55 -6.29
CA PHE A 129 11.17 19.59 -6.07
C PHE A 129 11.96 19.40 -7.37
N GLU A 130 11.47 18.55 -8.27
CA GLU A 130 12.27 18.20 -9.45
C GLU A 130 11.86 18.93 -10.70
N SER A 131 10.70 19.58 -10.74
CA SER A 131 10.29 20.34 -11.90
C SER A 131 10.21 21.83 -11.66
N PHE A 132 10.17 22.27 -10.40
CA PHE A 132 10.10 23.69 -10.09
C PHE A 132 11.19 24.17 -9.14
N ASN A 133 11.91 23.25 -8.47
CA ASN A 133 13.09 23.52 -7.62
C ASN A 133 12.78 24.46 -6.45
N VAL A 134 11.72 24.14 -5.70
CA VAL A 134 11.36 24.94 -4.53
C VAL A 134 12.34 24.62 -3.40
N PRO A 135 12.66 25.59 -2.52
CA PRO A 135 13.58 25.27 -1.42
C PRO A 135 12.92 24.59 -0.25
N GLY A 136 11.60 24.60 -0.15
CA GLY A 136 10.92 23.97 0.96
C GLY A 136 9.48 23.67 0.61
N LEU A 137 8.91 22.70 1.32
CA LEU A 137 7.55 22.27 1.05
C LEU A 137 6.93 21.71 2.31
N TYR A 138 5.70 22.13 2.58
CA TYR A 138 4.93 21.62 3.71
C TYR A 138 3.54 21.26 3.22
N ILE A 139 3.13 20.02 3.45
CA ILE A 139 1.81 19.54 3.07
C ILE A 139 0.99 19.39 4.33
N ALA A 140 -0.12 20.13 4.41
CA ALA A 140 -0.84 20.33 5.66
C ALA A 140 -2.18 19.62 5.66
N VAL A 141 -2.60 19.20 6.85
CA VAL A 141 -3.90 18.58 7.05
C VAL A 141 -4.95 19.69 7.11
N GLN A 142 -6.06 19.48 6.38
CA GLN A 142 -7.09 20.52 6.30
C GLN A 142 -7.90 20.65 7.58
N ALA A 143 -7.93 19.60 8.42
CA ALA A 143 -8.77 19.63 9.60
C ALA A 143 -8.17 20.50 10.70
N VAL A 144 -6.84 20.52 10.80
CA VAL A 144 -6.19 21.31 11.85
C VAL A 144 -6.24 22.80 11.51
N LEU A 145 -6.12 23.14 10.23
CA LEU A 145 -6.12 24.54 9.81
C LEU A 145 -7.52 25.14 9.90
N ALA A 146 -8.56 24.34 9.67
CA ALA A 146 -9.92 24.83 9.84
C ALA A 146 -10.27 24.98 11.31
N LEU A 147 -9.66 24.16 12.16
CA LEU A 147 -9.87 24.28 13.60
C LEU A 147 -9.14 25.49 14.16
N ALA A 148 -7.97 25.81 13.60
CA ALA A 148 -7.19 26.95 14.11
C ALA A 148 -7.80 28.27 13.69
N ALA A 149 -8.53 28.29 12.57
CA ALA A 149 -9.13 29.52 12.08
C ALA A 149 -10.36 29.95 12.88
N SER A 150 -10.89 29.08 13.74
CA SER A 150 -12.03 29.44 14.56
C SER A 150 -11.62 30.07 15.88
N TRP A 151 -10.33 30.33 16.10
CA TRP A 151 -9.90 30.94 17.35
C TRP A 151 -10.11 32.45 17.36
N THR A 152 -10.45 33.06 16.22
CA THR A 152 -10.70 34.49 16.18
C THR A 152 -12.02 34.84 16.85
N SER A 153 -13.03 33.99 16.70
CA SER A 153 -14.32 34.25 17.33
C SER A 153 -14.27 33.98 18.83
N ARG A 154 -13.64 32.89 19.24
CA ARG A 154 -13.59 32.54 20.65
C ARG A 154 -12.51 33.32 21.38
N GLN A 155 -12.65 33.40 22.70
CA GLN A 155 -11.70 34.12 23.53
C GLN A 155 -10.57 33.19 23.97
N VAL A 156 -9.80 33.66 24.96
CA VAL A 156 -8.49 33.10 25.30
C VAL A 156 -8.59 31.70 25.92
N GLY A 157 -9.56 31.50 26.82
CA GLY A 157 -9.52 30.33 27.70
C GLY A 157 -9.94 29.04 27.02
N GLU A 158 -10.64 29.13 25.89
CA GLU A 158 -11.10 27.94 25.20
C GLU A 158 -10.38 27.71 23.88
N ARG A 159 -9.21 28.31 23.69
CA ARG A 159 -8.41 28.07 22.48
C ARG A 159 -7.68 26.74 22.64
N THR A 160 -8.34 25.65 22.25
CA THR A 160 -7.75 24.32 22.32
C THR A 160 -7.72 23.73 20.92
N LEU A 161 -7.19 22.50 20.82
CA LEU A 161 -7.05 21.82 19.54
C LEU A 161 -7.83 20.51 19.50
N THR A 162 -8.87 20.37 20.31
CA THR A 162 -9.75 19.22 20.27
C THR A 162 -11.13 19.67 19.79
N GLY A 163 -11.67 18.96 18.82
CA GLY A 163 -12.97 19.34 18.28
C GLY A 163 -13.38 18.43 17.14
N THR A 164 -14.54 18.76 16.57
CA THR A 164 -15.07 18.08 15.40
C THR A 164 -15.22 19.10 14.29
N VAL A 165 -14.69 18.78 13.12
CA VAL A 165 -14.68 19.69 11.98
C VAL A 165 -15.62 19.14 10.92
N ILE A 166 -16.59 19.95 10.51
CA ILE A 166 -17.51 19.61 9.44
C ILE A 166 -17.11 20.43 8.22
N ASP A 167 -16.64 19.75 7.19
CA ASP A 167 -16.22 20.38 5.94
C ASP A 167 -17.18 20.00 4.84
N SER A 168 -17.61 20.99 4.06
CA SER A 168 -18.65 20.75 3.06
C SER A 168 -18.51 21.72 1.90
N GLY A 169 -18.13 21.23 0.74
CA GLY A 169 -18.38 21.93 -0.50
C GLY A 169 -17.91 21.21 -1.74
N ASP A 170 -18.82 21.05 -2.71
CA ASP A 170 -18.58 20.52 -4.07
C ASP A 170 -17.91 19.14 -4.06
N GLY A 171 -18.60 18.18 -3.47
CA GLY A 171 -17.95 16.90 -3.25
C GLY A 171 -18.69 15.99 -2.30
N VAL A 172 -18.02 15.56 -1.26
CA VAL A 172 -18.65 14.87 -0.14
C VAL A 172 -18.43 15.70 1.11
N THR A 173 -19.27 15.46 2.12
CA THR A 173 -19.24 16.22 3.36
C THR A 173 -18.60 15.36 4.45
N HIS A 174 -17.40 15.73 4.88
CA HIS A 174 -16.65 14.95 5.84
C HIS A 174 -16.96 15.42 7.26
N VAL A 175 -16.94 14.46 8.19
CA VAL A 175 -17.01 14.72 9.62
C VAL A 175 -15.73 14.18 10.22
N ILE A 176 -14.80 15.06 10.56
CA ILE A 176 -13.45 14.70 10.94
C ILE A 176 -13.25 15.01 12.41
N PRO A 177 -13.19 14.00 13.27
CA PRO A 177 -12.79 14.24 14.66
C PRO A 177 -11.30 14.45 14.76
N VAL A 178 -10.89 15.28 15.71
CA VAL A 178 -9.48 15.58 15.96
C VAL A 178 -9.28 15.80 17.46
N ALA A 179 -8.22 15.22 18.01
CA ALA A 179 -7.91 15.32 19.43
C ALA A 179 -6.43 15.60 19.58
N GLU A 180 -6.11 16.69 20.30
CA GLU A 180 -4.75 17.15 20.61
C GLU A 180 -3.92 17.41 19.34
N GLY A 181 -4.56 17.89 18.30
CA GLY A 181 -3.90 18.14 17.04
C GLY A 181 -3.70 16.94 16.15
N TYR A 182 -4.19 15.77 16.54
CA TYR A 182 -4.02 14.55 15.76
C TYR A 182 -5.39 14.02 15.35
N VAL A 183 -5.52 13.70 14.07
CA VAL A 183 -6.80 13.25 13.52
C VAL A 183 -7.00 11.78 13.83
N ILE A 184 -8.10 11.46 14.49
CA ILE A 184 -8.52 10.07 14.65
C ILE A 184 -9.08 9.61 13.31
N GLY A 185 -8.27 8.87 12.55
CA GLY A 185 -8.65 8.49 11.20
C GLY A 185 -9.56 7.29 11.14
N SER A 186 -9.82 6.63 12.27
CA SER A 186 -10.65 5.45 12.27
C SER A 186 -12.13 5.81 12.26
N CYS A 187 -12.46 7.02 12.68
CA CYS A 187 -13.85 7.42 12.92
C CYS A 187 -14.37 8.42 11.89
N ILE A 188 -13.66 8.62 10.78
CA ILE A 188 -14.09 9.61 9.80
C ILE A 188 -15.20 9.03 8.93
N LYS A 189 -16.34 9.71 8.91
CA LYS A 189 -17.47 9.32 8.08
C LYS A 189 -17.79 10.46 7.12
N HIS A 190 -18.41 10.10 5.99
CA HIS A 190 -18.68 11.08 4.95
C HIS A 190 -20.14 10.99 4.52
N ILE A 191 -20.64 12.12 4.01
CA ILE A 191 -22.01 12.24 3.49
C ILE A 191 -21.91 12.50 1.99
N PRO A 192 -22.69 11.82 1.16
CA PRO A 192 -22.62 12.09 -0.29
C PRO A 192 -23.28 13.40 -0.72
N ILE A 193 -23.98 14.10 0.16
CA ILE A 193 -24.62 15.35 -0.19
C ILE A 193 -23.67 16.51 0.05
N ALA A 194 -23.41 17.29 -1.00
CA ALA A 194 -22.67 18.54 -0.88
C ALA A 194 -23.19 19.51 -1.94
N GLY A 195 -22.40 20.55 -2.23
CA GLY A 195 -22.95 21.76 -2.83
C GLY A 195 -23.29 21.64 -4.30
N ARG A 196 -22.82 20.59 -4.96
CA ARG A 196 -23.28 20.34 -6.33
C ARG A 196 -24.64 19.65 -6.35
N ASP A 197 -25.06 19.08 -5.21
CA ASP A 197 -26.34 18.38 -5.19
C ASP A 197 -27.49 19.30 -4.84
N ILE A 198 -27.22 20.41 -4.14
CA ILE A 198 -28.26 21.42 -3.92
C ILE A 198 -28.57 22.12 -5.26
N THR A 199 -27.54 22.33 -6.09
CA THR A 199 -27.69 23.04 -7.36
C THR A 199 -28.53 22.23 -8.36
N TYR A 200 -28.37 20.91 -8.37
CA TYR A 200 -29.19 20.08 -9.24
C TYR A 200 -30.62 19.95 -8.72
N PHE A 201 -30.81 20.12 -7.41
CA PHE A 201 -32.15 20.03 -6.85
C PHE A 201 -32.96 21.29 -7.14
N ILE A 202 -32.30 22.45 -7.15
CA ILE A 202 -32.97 23.70 -7.50
C ILE A 202 -33.30 23.74 -9.00
N GLN A 203 -32.43 23.14 -9.82
CA GLN A 203 -32.63 23.13 -11.27
C GLN A 203 -33.82 22.27 -11.68
N GLN A 204 -34.11 21.22 -10.91
CA GLN A 204 -35.29 20.42 -11.20
C GLN A 204 -36.57 21.11 -10.75
N LEU A 205 -36.49 21.89 -9.68
CA LEU A 205 -37.66 22.62 -9.20
C LEU A 205 -37.98 23.80 -10.11
N LEU A 206 -36.96 24.45 -10.67
CA LEU A 206 -37.19 25.59 -11.53
C LEU A 206 -37.66 25.17 -12.92
N ARG A 207 -37.34 23.94 -13.32
CA ARG A 207 -37.70 23.47 -14.65
C ARG A 207 -39.19 23.15 -14.74
N ASP A 208 -39.78 22.64 -13.66
CA ASP A 208 -41.18 22.23 -13.69
C ASP A 208 -42.11 23.43 -13.61
N ARG A 209 -41.72 24.46 -12.85
CA ARG A 209 -42.62 25.57 -12.59
C ARG A 209 -42.41 26.72 -13.57
N GLU A 210 -41.20 27.29 -13.61
CA GLU A 210 -40.96 28.48 -14.40
C GLU A 210 -40.72 28.13 -15.86
N VAL A 211 -41.03 29.10 -16.73
CA VAL A 211 -40.80 28.98 -18.16
C VAL A 211 -40.11 30.26 -18.62
N GLY A 212 -39.39 30.17 -19.73
CA GLY A 212 -38.64 31.30 -20.25
C GLY A 212 -37.16 31.27 -19.95
N ILE A 213 -36.70 30.36 -19.11
CA ILE A 213 -35.25 30.19 -18.89
C ILE A 213 -34.63 29.56 -20.13
N PRO A 214 -33.50 30.07 -20.61
CA PRO A 214 -32.79 29.41 -21.72
C PRO A 214 -32.23 28.07 -21.29
N PRO A 215 -32.19 27.08 -22.19
CA PRO A 215 -31.70 25.76 -21.81
C PRO A 215 -30.19 25.70 -21.60
N GLU A 216 -29.44 26.60 -22.25
CA GLU A 216 -28.00 26.60 -22.07
C GLU A 216 -27.56 27.35 -20.82
N GLN A 217 -28.49 28.09 -20.20
CA GLN A 217 -28.18 28.88 -19.01
C GLN A 217 -28.94 28.39 -17.78
N SER A 218 -29.41 27.15 -17.79
CA SER A 218 -30.27 26.68 -16.70
C SER A 218 -29.46 26.34 -15.45
N LEU A 219 -28.15 26.13 -15.60
CA LEU A 219 -27.36 25.71 -14.46
C LEU A 219 -26.91 26.90 -13.61
N GLU A 220 -26.43 27.97 -14.25
CA GLU A 220 -25.83 29.06 -13.47
C GLU A 220 -26.90 30.02 -12.93
N THR A 221 -28.12 29.95 -13.45
CA THR A 221 -29.21 30.67 -12.79
C THR A 221 -29.65 29.94 -11.54
N ALA A 222 -29.51 28.62 -11.51
CA ALA A 222 -29.79 27.87 -10.29
C ALA A 222 -28.69 28.09 -9.26
N LYS A 223 -27.47 28.39 -9.73
CA LYS A 223 -26.37 28.69 -8.82
C LYS A 223 -26.51 30.10 -8.24
N ALA A 224 -27.05 31.04 -9.02
CA ALA A 224 -27.19 32.41 -8.55
C ALA A 224 -28.36 32.55 -7.58
N VAL A 225 -29.38 31.72 -7.72
CA VAL A 225 -30.50 31.71 -6.78
C VAL A 225 -30.06 31.18 -5.42
N LYS A 226 -29.19 30.16 -5.42
CA LYS A 226 -28.76 29.51 -4.18
C LYS A 226 -27.87 30.44 -3.34
N GLU A 227 -26.98 31.18 -3.99
CA GLU A 227 -26.02 32.00 -3.25
C GLU A 227 -26.65 33.29 -2.72
N ARG A 228 -27.84 33.67 -3.21
CA ARG A 228 -28.44 34.93 -2.82
C ARG A 228 -29.69 34.77 -1.97
N TYR A 229 -30.58 33.85 -2.32
CA TYR A 229 -31.92 33.81 -1.75
C TYR A 229 -32.17 32.65 -0.81
N SER A 230 -31.23 31.73 -0.65
CA SER A 230 -31.50 30.51 0.10
C SER A 230 -31.21 30.69 1.59
N TYR A 231 -31.94 29.94 2.40
CA TYR A 231 -31.75 29.89 3.85
C TYR A 231 -32.22 28.53 4.34
N VAL A 232 -32.13 28.34 5.65
CA VAL A 232 -32.56 27.09 6.28
C VAL A 232 -33.81 27.37 7.11
N CYS A 233 -34.92 26.74 6.73
CA CYS A 233 -36.14 26.89 7.49
C CYS A 233 -36.13 25.98 8.70
N PRO A 234 -36.73 26.38 9.81
CA PRO A 234 -36.78 25.51 10.98
C PRO A 234 -37.83 24.41 10.88
N ASP A 235 -38.97 24.70 10.25
CA ASP A 235 -40.03 23.73 10.09
C ASP A 235 -40.63 23.86 8.71
N LEU A 236 -40.96 22.72 8.09
CA LEU A 236 -41.35 22.73 6.69
C LEU A 236 -42.80 23.14 6.49
N VAL A 237 -43.71 22.60 7.32
CA VAL A 237 -45.13 22.79 7.05
C VAL A 237 -45.58 24.18 7.51
N LYS A 238 -44.86 24.79 8.43
CA LYS A 238 -45.14 26.18 8.78
C LYS A 238 -44.60 27.13 7.72
N GLU A 239 -43.55 26.72 7.02
CA GLU A 239 -42.96 27.57 5.99
C GLU A 239 -43.80 27.56 4.72
N PHE A 240 -44.48 26.44 4.44
CA PHE A 240 -45.37 26.38 3.29
C PHE A 240 -46.63 27.21 3.54
N ASN A 241 -47.06 27.31 4.80
CA ASN A 241 -48.24 28.08 5.13
C ASN A 241 -47.95 29.58 5.06
N LYS A 242 -46.71 29.99 5.29
CA LYS A 242 -46.36 31.40 5.22
C LYS A 242 -46.35 31.91 3.77
N TYR A 243 -46.00 31.04 2.83
CA TYR A 243 -45.85 31.47 1.44
C TYR A 243 -47.21 31.60 0.77
N ASP A 244 -48.17 30.75 1.13
CA ASP A 244 -49.48 30.79 0.46
C ASP A 244 -50.35 31.91 1.01
N THR A 245 -50.27 32.19 2.31
CA THR A 245 -51.12 33.22 2.90
C THR A 245 -50.61 34.62 2.55
N ASP A 246 -49.31 34.83 2.62
CA ASP A 246 -48.69 36.13 2.35
C ASP A 246 -47.60 35.92 1.31
N GLY A 247 -47.99 35.94 0.04
CA GLY A 247 -47.03 35.70 -1.02
C GLY A 247 -46.23 36.92 -1.41
N SER A 248 -46.63 38.11 -0.95
CA SER A 248 -45.92 39.32 -1.33
C SER A 248 -44.62 39.47 -0.56
N LYS A 249 -44.55 38.94 0.66
CA LYS A 249 -43.37 39.13 1.49
C LYS A 249 -42.22 38.23 1.06
N TRP A 250 -42.51 36.98 0.72
CA TRP A 250 -41.46 35.97 0.59
C TRP A 250 -41.09 35.62 -0.84
N ILE A 251 -41.99 35.80 -1.81
CA ILE A 251 -41.66 35.50 -3.18
C ILE A 251 -40.84 36.65 -3.78
N LYS A 252 -39.65 36.33 -4.26
CA LYS A 252 -38.74 37.31 -4.82
C LYS A 252 -38.62 37.11 -6.33
N GLN A 253 -38.13 38.13 -7.01
CA GLN A 253 -37.97 38.12 -8.45
C GLN A 253 -36.49 38.16 -8.82
N TYR A 254 -36.11 37.33 -9.77
CA TYR A 254 -34.75 37.26 -10.27
C TYR A 254 -34.77 37.58 -11.76
N THR A 255 -33.81 38.38 -12.20
CA THR A 255 -33.70 38.76 -13.60
C THR A 255 -32.32 38.39 -14.14
N GLY A 256 -32.25 38.16 -15.45
CA GLY A 256 -31.02 37.80 -16.10
C GLY A 256 -31.06 38.21 -17.56
N ILE A 257 -29.90 38.12 -18.21
CA ILE A 257 -29.74 38.54 -19.59
C ILE A 257 -29.41 37.32 -20.45
N ASN A 258 -30.02 37.25 -21.62
CA ASN A 258 -29.78 36.13 -22.54
C ASN A 258 -28.43 36.31 -23.23
N ALA A 259 -27.74 35.20 -23.45
CA ALA A 259 -26.39 35.26 -24.02
C ALA A 259 -26.43 35.49 -25.52
N ILE A 260 -27.37 34.84 -26.21
CA ILE A 260 -27.30 34.81 -27.67
C ILE A 260 -28.14 35.91 -28.30
N SER A 261 -29.06 36.51 -27.54
CA SER A 261 -29.97 37.50 -28.09
C SER A 261 -29.93 38.84 -27.38
N LYS A 262 -29.22 38.92 -26.24
CA LYS A 262 -29.09 40.09 -25.36
C LYS A 262 -30.44 40.62 -24.88
N LYS A 263 -31.40 39.72 -24.62
CA LYS A 263 -32.69 40.09 -24.09
C LYS A 263 -32.80 39.69 -22.63
N GLU A 264 -33.77 40.27 -21.94
CA GLU A 264 -33.93 40.04 -20.51
C GLU A 264 -35.08 39.09 -20.24
N PHE A 265 -34.91 38.27 -19.19
CA PHE A 265 -35.93 37.36 -18.73
C PHE A 265 -36.06 37.50 -17.21
N SER A 266 -37.27 37.31 -16.71
CA SER A 266 -37.54 37.40 -15.27
C SER A 266 -38.37 36.21 -14.82
N ILE A 267 -38.02 35.67 -13.66
CA ILE A 267 -38.68 34.50 -13.08
C ILE A 267 -39.05 34.80 -11.64
N ASP A 268 -39.79 33.86 -11.04
CA ASP A 268 -40.21 33.95 -9.65
C ASP A 268 -39.48 32.88 -8.84
N VAL A 269 -38.94 33.28 -7.69
CA VAL A 269 -38.25 32.37 -6.79
C VAL A 269 -39.17 32.08 -5.62
N GLY A 270 -39.64 30.84 -5.53
CA GLY A 270 -40.64 30.48 -4.54
C GLY A 270 -40.17 29.47 -3.51
N TYR A 271 -40.63 28.22 -3.67
CA TYR A 271 -40.43 27.19 -2.64
C TYR A 271 -39.00 26.68 -2.56
N GLU A 272 -38.14 27.01 -3.52
CA GLU A 272 -36.78 26.50 -3.52
C GLU A 272 -35.82 27.30 -2.65
N ARG A 273 -36.31 28.34 -1.97
CA ARG A 273 -35.45 29.09 -1.06
C ARG A 273 -35.14 28.29 0.20
N PHE A 274 -36.08 27.45 0.63
CA PHE A 274 -35.85 26.62 1.81
C PHE A 274 -35.80 25.13 1.50
N LEU A 275 -36.24 24.71 0.30
CA LEU A 275 -36.17 23.29 -0.05
C LEU A 275 -34.79 22.90 -0.54
N GLY A 276 -33.95 23.89 -0.86
CA GLY A 276 -32.59 23.67 -1.26
C GLY A 276 -31.69 23.09 -0.18
N PRO A 277 -31.45 23.85 0.91
CA PRO A 277 -30.61 23.33 1.99
C PRO A 277 -31.26 22.29 2.89
N GLU A 278 -32.53 21.92 2.67
CA GLU A 278 -33.19 20.94 3.52
C GLU A 278 -32.70 19.52 3.26
N ILE A 279 -32.04 19.27 2.12
CA ILE A 279 -31.54 17.93 1.82
C ILE A 279 -30.29 17.57 2.60
N PHE A 280 -29.70 18.51 3.34
CA PHE A 280 -28.71 18.15 4.35
C PHE A 280 -29.35 17.34 5.47
N PHE A 281 -30.57 17.71 5.86
CA PHE A 281 -31.25 17.08 6.99
C PHE A 281 -32.27 16.04 6.56
N HIS A 282 -32.69 16.05 5.30
CA HIS A 282 -33.52 14.99 4.72
C HIS A 282 -32.90 14.60 3.38
N PRO A 283 -31.91 13.69 3.38
CA PRO A 283 -31.22 13.37 2.13
C PRO A 283 -32.01 12.47 1.19
N GLU A 284 -33.14 11.94 1.63
CA GLU A 284 -34.00 11.12 0.78
C GLU A 284 -34.85 11.95 -0.18
N PHE A 285 -34.81 13.29 -0.05
CA PHE A 285 -35.52 14.16 -0.99
C PHE A 285 -34.90 14.09 -2.37
N ALA A 286 -33.56 14.04 -2.44
CA ALA A 286 -32.85 14.00 -3.70
C ALA A 286 -32.15 12.65 -3.92
N ASN A 287 -31.30 12.26 -2.98
CA ASN A 287 -30.57 11.01 -3.13
C ASN A 287 -31.45 9.84 -2.70
N PRO A 288 -31.71 8.86 -3.57
CA PRO A 288 -32.60 7.75 -3.19
C PRO A 288 -31.90 6.62 -2.44
N ASP A 289 -30.61 6.75 -2.13
CA ASP A 289 -29.87 5.69 -1.47
C ASP A 289 -29.46 6.02 -0.05
N PHE A 290 -29.30 7.31 0.28
CA PHE A 290 -28.88 7.75 1.60
C PHE A 290 -30.07 8.35 2.33
N THR A 291 -30.36 7.83 3.53
CA THR A 291 -31.50 8.28 4.30
C THR A 291 -31.14 8.86 5.66
N GLN A 292 -29.86 8.98 5.98
CA GLN A 292 -29.44 9.35 7.32
C GLN A 292 -29.16 10.84 7.40
N PRO A 293 -29.76 11.58 8.34
CA PRO A 293 -29.49 13.02 8.44
C PRO A 293 -28.11 13.29 9.02
N ILE A 294 -27.70 14.56 8.91
CA ILE A 294 -26.34 14.94 9.31
C ILE A 294 -26.22 15.00 10.83
N SER A 295 -27.33 15.15 11.55
CA SER A 295 -27.25 15.20 13.01
C SER A 295 -27.08 13.81 13.61
N GLU A 296 -27.41 12.76 12.86
CA GLU A 296 -27.20 11.40 13.37
C GLU A 296 -25.78 10.92 13.10
N VAL A 297 -25.14 11.45 12.06
CA VAL A 297 -23.81 11.00 11.68
C VAL A 297 -22.75 11.63 12.57
N VAL A 298 -22.94 12.90 12.94
CA VAL A 298 -22.06 13.59 13.89
C VAL A 298 -22.16 12.95 15.28
N ASP A 299 -23.36 12.49 15.65
CA ASP A 299 -23.51 11.73 16.90
C ASP A 299 -22.85 10.37 16.82
N GLU A 300 -22.86 9.74 15.64
CA GLU A 300 -22.27 8.40 15.51
C GLU A 300 -20.75 8.45 15.49
N VAL A 301 -20.17 9.55 14.99
CA VAL A 301 -18.72 9.69 14.94
C VAL A 301 -18.14 9.87 16.34
N ILE A 302 -18.81 10.67 17.17
CA ILE A 302 -18.37 10.93 18.54
C ILE A 302 -18.54 9.68 19.40
N GLN A 303 -19.58 8.88 19.15
CA GLN A 303 -19.78 7.66 19.93
C GLN A 303 -18.78 6.56 19.56
N ASN A 304 -18.12 6.66 18.40
CA ASN A 304 -17.08 5.69 18.06
C ASN A 304 -15.71 6.12 18.54
N CYS A 305 -15.60 7.33 19.11
CA CYS A 305 -14.36 7.82 19.70
C CYS A 305 -14.16 7.17 21.08
N PRO A 306 -12.97 7.28 21.67
CA PRO A 306 -12.81 6.88 23.07
C PRO A 306 -13.63 7.71 24.05
N ILE A 307 -13.81 7.14 25.25
CA ILE A 307 -14.80 7.61 26.21
C ILE A 307 -14.37 8.94 26.82
N ASP A 308 -13.07 9.10 27.12
CA ASP A 308 -12.60 10.23 27.89
C ASP A 308 -12.52 11.51 27.06
N VAL A 309 -12.61 11.40 25.74
CA VAL A 309 -12.47 12.57 24.86
C VAL A 309 -13.83 12.98 24.28
N ARG A 310 -14.91 12.27 24.64
CA ARG A 310 -16.22 12.49 24.03
C ARG A 310 -16.84 13.82 24.46
N ARG A 311 -16.73 14.15 25.73
CA ARG A 311 -17.27 15.41 26.25
C ARG A 311 -16.53 16.67 25.81
N PRO A 312 -15.20 16.69 25.56
CA PRO A 312 -14.65 17.84 24.82
C PRO A 312 -15.07 17.91 23.36
N LEU A 313 -15.40 16.79 22.73
CA LEU A 313 -15.77 16.81 21.31
C LEU A 313 -17.16 17.38 21.08
N TYR A 314 -18.05 17.25 22.07
CA TYR A 314 -19.39 17.81 21.94
C TYR A 314 -19.37 19.32 22.10
N LYS A 315 -18.44 19.84 22.91
CA LYS A 315 -18.42 21.25 23.27
C LYS A 315 -17.81 22.11 22.18
N ASN A 316 -17.12 21.53 21.19
CA ASN A 316 -16.42 22.28 20.17
C ASN A 316 -16.69 21.64 18.81
N ILE A 317 -17.70 22.15 18.11
CA ILE A 317 -18.00 21.72 16.75
C ILE A 317 -17.79 22.91 15.83
N VAL A 318 -16.87 22.77 14.88
CA VAL A 318 -16.43 23.87 14.04
C VAL A 318 -16.87 23.60 12.61
N LEU A 319 -17.61 24.54 12.03
CA LEU A 319 -18.07 24.45 10.65
C LEU A 319 -17.02 25.04 9.71
N SER A 320 -16.93 24.45 8.53
CA SER A 320 -16.00 24.93 7.51
C SER A 320 -16.54 24.58 6.14
N GLY A 321 -16.07 25.30 5.13
CA GLY A 321 -16.48 25.05 3.77
C GLY A 321 -17.45 26.10 3.27
N GLY A 322 -17.68 26.08 1.95
CA GLY A 322 -18.53 27.09 1.34
C GLY A 322 -20.00 26.75 1.41
N SER A 323 -20.33 25.48 1.61
CA SER A 323 -21.73 25.07 1.65
C SER A 323 -22.33 25.18 3.05
N THR A 324 -21.56 25.62 4.04
CA THR A 324 -22.07 25.88 5.37
C THR A 324 -22.38 27.35 5.60
N MET A 325 -22.56 28.12 4.53
CA MET A 325 -22.74 29.56 4.61
C MET A 325 -24.20 29.99 4.57
N PHE A 326 -25.14 29.07 4.84
CA PHE A 326 -26.54 29.45 4.91
C PHE A 326 -26.84 30.14 6.24
N ARG A 327 -28.06 30.65 6.37
CA ARG A 327 -28.37 31.62 7.41
C ARG A 327 -28.49 30.96 8.79
N ASP A 328 -29.14 29.81 8.87
CA ASP A 328 -29.36 29.15 10.15
C ASP A 328 -28.87 27.71 10.12
N PHE A 329 -27.65 27.50 9.61
CA PHE A 329 -27.08 26.17 9.59
C PHE A 329 -26.60 25.75 10.97
N GLY A 330 -26.09 26.69 11.76
CA GLY A 330 -25.57 26.36 13.07
C GLY A 330 -26.65 26.14 14.11
N ARG A 331 -27.75 26.90 14.01
CA ARG A 331 -28.81 26.79 15.00
C ARG A 331 -29.66 25.55 14.78
N ARG A 332 -29.80 25.12 13.53
CA ARG A 332 -30.56 23.91 13.24
C ARG A 332 -29.79 22.66 13.65
N LEU A 333 -28.47 22.68 13.46
CA LEU A 333 -27.64 21.52 13.81
C LEU A 333 -27.47 21.39 15.32
N GLN A 334 -27.49 22.52 16.04
CA GLN A 334 -27.39 22.47 17.49
C GLN A 334 -28.68 21.95 18.11
N ARG A 335 -29.82 22.28 17.51
CA ARG A 335 -31.11 21.85 18.05
C ARG A 335 -31.35 20.36 17.81
N ASP A 336 -30.93 19.85 16.66
CA ASP A 336 -31.20 18.45 16.34
C ASP A 336 -30.22 17.53 17.06
N LEU A 337 -29.04 18.03 17.42
CA LEU A 337 -28.10 17.22 18.19
C LEU A 337 -28.55 17.05 19.63
N LYS A 338 -29.20 18.08 20.19
CA LYS A 338 -29.64 17.99 21.57
C LYS A 338 -30.86 17.09 21.71
N ARG A 339 -31.62 16.91 20.64
CA ARG A 339 -32.72 15.94 20.66
C ARG A 339 -32.19 14.51 20.52
N THR A 340 -31.08 14.34 19.81
CA THR A 340 -30.55 13.00 19.56
C THR A 340 -29.89 12.42 20.80
N VAL A 341 -29.17 13.26 21.56
CA VAL A 341 -28.53 12.82 22.80
C VAL A 341 -29.58 12.56 23.87
N ASP A 342 -30.58 13.44 23.98
CA ASP A 342 -31.59 13.30 25.04
C ASP A 342 -32.58 12.19 24.73
N ALA A 343 -32.63 11.72 23.48
CA ALA A 343 -33.33 10.46 23.20
C ALA A 343 -32.60 9.28 23.79
N ARG A 344 -31.27 9.30 23.74
CA ARG A 344 -30.47 8.21 24.30
C ARG A 344 -30.44 8.28 25.82
N LEU A 345 -30.35 9.48 26.38
CA LEU A 345 -30.22 9.62 27.83
C LEU A 345 -31.54 9.34 28.54
N LYS A 346 -32.66 9.55 27.85
CA LYS A 346 -33.95 9.14 28.41
C LYS A 346 -34.09 7.62 28.35
N LEU A 347 -33.62 7.00 27.27
CA LEU A 347 -33.85 5.58 27.05
C LEU A 347 -32.97 4.73 27.97
N SER A 348 -31.79 5.22 28.33
CA SER A 348 -30.96 4.51 29.30
C SER A 348 -31.50 4.66 30.71
N GLU A 349 -32.19 5.78 30.98
CA GLU A 349 -32.71 6.01 32.32
C GLU A 349 -33.95 5.18 32.61
N GLU A 350 -34.85 5.06 31.62
CA GLU A 350 -36.09 4.32 31.83
C GLU A 350 -35.87 2.82 31.81
N LEU A 351 -34.85 2.35 31.09
CA LEU A 351 -34.58 0.91 31.03
C LEU A 351 -33.91 0.44 32.31
N SER A 352 -33.07 1.28 32.90
CA SER A 352 -32.36 0.94 34.14
C SER A 352 -33.14 1.34 35.38
N GLY A 353 -34.34 1.90 35.23
CA GLY A 353 -35.13 2.34 36.36
C GLY A 353 -34.57 3.54 37.09
N GLY A 354 -34.02 4.51 36.35
CA GLY A 354 -33.44 5.68 36.97
C GLY A 354 -32.03 5.50 37.48
N ARG A 355 -31.37 4.38 37.15
CA ARG A 355 -30.01 4.16 37.64
C ARG A 355 -29.01 5.02 36.86
N LEU A 356 -29.15 5.10 35.55
CA LEU A 356 -28.26 5.90 34.71
C LEU A 356 -28.73 7.34 34.75
N LYS A 357 -28.08 8.15 35.60
CA LYS A 357 -28.38 9.58 35.74
C LYS A 357 -27.11 10.43 35.59
N PRO A 358 -26.63 10.59 34.36
CA PRO A 358 -25.41 11.37 34.15
C PRO A 358 -25.70 12.87 34.15
N LYS A 359 -24.63 13.64 34.15
CA LYS A 359 -24.76 15.08 33.95
C LYS A 359 -25.13 15.36 32.50
N PRO A 360 -25.98 16.36 32.26
CA PRO A 360 -26.31 16.72 30.87
C PRO A 360 -25.13 17.41 30.19
N ILE A 361 -24.89 17.03 28.94
CA ILE A 361 -23.74 17.54 28.22
C ILE A 361 -24.06 18.92 27.67
N ASP A 362 -23.05 19.63 27.21
CA ASP A 362 -23.22 20.94 26.58
C ASP A 362 -22.81 20.80 25.12
N VAL A 363 -23.75 21.08 24.22
CA VAL A 363 -23.51 21.03 22.79
C VAL A 363 -23.43 22.47 22.27
N GLN A 364 -22.37 22.78 21.55
CA GLN A 364 -22.14 24.14 21.07
C GLN A 364 -21.56 24.08 19.67
N VAL A 365 -22.25 24.66 18.70
CA VAL A 365 -21.78 24.76 17.33
C VAL A 365 -21.30 26.18 17.10
N ILE A 366 -20.08 26.31 16.62
CA ILE A 366 -19.37 27.59 16.57
C ILE A 366 -19.39 28.12 15.15
N THR A 367 -19.96 29.31 14.98
CA THR A 367 -19.97 30.01 13.70
C THR A 367 -19.10 31.25 13.81
N HIS A 368 -18.17 31.41 12.87
CA HIS A 368 -17.26 32.55 12.87
C HIS A 368 -17.38 33.28 11.53
N HIS A 369 -16.59 34.34 11.39
CA HIS A 369 -16.68 35.18 10.19
C HIS A 369 -16.05 34.51 8.98
N MET A 370 -14.89 33.88 9.17
CA MET A 370 -14.12 33.33 8.05
C MET A 370 -14.41 31.84 7.85
N GLN A 371 -15.69 31.53 7.68
CA GLN A 371 -16.08 30.16 7.39
C GLN A 371 -15.84 29.79 5.94
N ARG A 372 -15.84 30.80 5.06
CA ARG A 372 -15.80 30.54 3.63
C ARG A 372 -14.41 30.11 3.17
N TYR A 373 -13.37 30.67 3.76
CA TYR A 373 -11.98 30.35 3.44
C TYR A 373 -11.22 29.96 4.70
N ALA A 374 -11.80 29.04 5.47
CA ALA A 374 -11.23 28.69 6.78
C ALA A 374 -9.95 27.88 6.67
N VAL A 375 -9.86 27.04 5.63
CA VAL A 375 -8.66 26.22 5.44
C VAL A 375 -7.49 27.10 4.96
N TRP A 376 -7.77 28.06 4.09
CA TRP A 376 -6.73 28.94 3.58
C TRP A 376 -6.25 29.92 4.64
N PHE A 377 -7.16 30.40 5.49
CA PHE A 377 -6.80 31.40 6.49
C PHE A 377 -5.95 30.81 7.59
N GLY A 378 -6.20 29.54 7.95
CA GLY A 378 -5.36 28.87 8.92
C GLY A 378 -3.98 28.54 8.37
N GLY A 379 -3.91 28.26 7.06
CA GLY A 379 -2.62 28.00 6.46
C GLY A 379 -1.83 29.28 6.21
N SER A 380 -2.53 30.41 6.12
CA SER A 380 -1.84 31.68 5.92
C SER A 380 -1.21 32.17 7.22
N MET A 381 -1.85 31.90 8.36
CA MET A 381 -1.30 32.34 9.63
C MET A 381 -0.15 31.46 10.08
N LEU A 382 -0.15 30.19 9.66
CA LEU A 382 0.93 29.29 10.02
C LEU A 382 2.21 29.62 9.28
N ALA A 383 2.09 30.04 8.02
CA ALA A 383 3.27 30.33 7.22
C ALA A 383 3.86 31.71 7.52
N SER A 384 3.16 32.54 8.28
CA SER A 384 3.72 33.83 8.69
C SER A 384 4.53 33.75 9.97
N THR A 385 4.50 32.61 10.66
CA THR A 385 5.27 32.44 11.88
C THR A 385 6.74 32.22 11.54
N PRO A 386 7.66 32.63 12.43
CA PRO A 386 9.09 32.35 12.19
C PRO A 386 9.46 30.88 12.38
N GLU A 387 8.62 30.10 13.06
CA GLU A 387 8.90 28.69 13.28
C GLU A 387 8.38 27.80 12.16
N PHE A 388 7.84 28.38 11.09
CA PHE A 388 7.37 27.60 9.95
C PHE A 388 8.53 27.00 9.16
N TYR A 389 9.68 27.68 9.15
CA TYR A 389 10.80 27.23 8.33
C TYR A 389 11.58 26.08 8.96
N GLN A 390 11.28 25.73 10.21
CA GLN A 390 11.95 24.62 10.87
C GLN A 390 11.14 23.32 10.82
N VAL A 391 9.96 23.32 10.20
CA VAL A 391 9.18 22.10 10.08
C VAL A 391 8.90 21.82 8.61
N CYS A 392 9.67 22.45 7.72
CA CYS A 392 9.55 22.24 6.29
C CYS A 392 10.57 21.23 5.82
N HIS A 393 10.19 20.42 4.83
CA HIS A 393 11.14 19.52 4.18
C HIS A 393 11.95 20.33 3.18
N THR A 394 13.25 20.43 3.40
CA THR A 394 14.11 21.20 2.53
C THR A 394 14.52 20.38 1.32
N LYS A 395 15.10 21.07 0.33
CA LYS A 395 15.55 20.39 -0.88
C LYS A 395 16.82 19.60 -0.65
N LYS A 396 17.59 19.95 0.38
CA LYS A 396 18.84 19.24 0.67
C LYS A 396 18.57 17.85 1.23
N ASP A 397 17.49 17.71 2.00
CA ASP A 397 17.13 16.40 2.53
C ASP A 397 16.52 15.51 1.44
N TYR A 398 15.91 16.12 0.43
CA TYR A 398 15.33 15.36 -0.66
C TYR A 398 16.40 14.78 -1.57
N GLU A 399 17.53 15.48 -1.72
CA GLU A 399 18.60 15.01 -2.58
C GLU A 399 19.39 13.89 -1.90
N GLU A 400 19.58 13.98 -0.59
CA GLU A 400 20.40 13.01 0.13
C GLU A 400 19.60 11.79 0.56
N ILE A 401 18.53 12.01 1.33
CA ILE A 401 17.76 10.88 1.87
C ILE A 401 16.86 10.30 0.78
N GLY A 402 16.05 11.14 0.15
CA GLY A 402 15.19 10.69 -0.92
C GLY A 402 13.75 11.10 -0.72
N PRO A 403 12.82 10.48 -1.46
CA PRO A 403 11.41 10.87 -1.35
C PRO A 403 10.66 10.20 -0.21
N SER A 404 11.33 9.56 0.74
CA SER A 404 10.64 8.95 1.86
C SER A 404 10.39 9.93 3.00
N ILE A 405 10.94 11.15 2.92
CA ILE A 405 10.75 12.12 4.00
C ILE A 405 9.37 12.75 3.92
N CYS A 406 8.74 12.73 2.75
CA CYS A 406 7.43 13.35 2.55
C CYS A 406 6.30 12.32 2.73
N ARG A 407 6.39 11.58 3.83
CA ARG A 407 5.36 10.62 4.20
C ARG A 407 4.72 10.88 5.55
N HIS A 408 5.41 11.59 6.45
CA HIS A 408 4.86 11.93 7.76
C HIS A 408 4.93 13.44 7.94
N ASN A 409 3.80 14.05 8.29
CA ASN A 409 3.75 15.49 8.49
C ASN A 409 3.64 15.77 9.98
N PRO A 410 4.68 16.32 10.62
CA PRO A 410 4.57 16.64 12.05
C PRO A 410 3.71 17.87 12.27
N VAL A 411 2.92 17.85 13.34
CA VAL A 411 2.04 18.95 13.68
C VAL A 411 2.79 20.00 14.47
N MET B 1 -8.94 -40.27 41.08
CA MET B 1 -9.19 -41.66 40.69
C MET B 1 -8.21 -42.59 41.41
N ASP B 2 -7.96 -42.32 42.68
CA ASP B 2 -7.07 -43.11 43.50
C ASP B 2 -7.86 -44.21 44.22
N SER B 3 -7.23 -44.83 45.23
CA SER B 3 -7.90 -45.86 46.01
C SER B 3 -8.99 -45.29 46.92
N GLN B 4 -8.92 -43.99 47.23
CA GLN B 4 -10.00 -43.35 47.97
C GLN B 4 -11.21 -43.08 47.08
N GLY B 5 -11.03 -43.10 45.76
CA GLY B 5 -12.10 -42.85 44.83
C GLY B 5 -12.36 -41.39 44.53
N ARG B 6 -11.50 -40.49 45.00
CA ARG B 6 -11.69 -39.07 44.77
C ARG B 6 -11.29 -38.70 43.35
N LYS B 7 -12.12 -37.87 42.71
CA LYS B 7 -11.81 -37.40 41.36
C LYS B 7 -10.70 -36.36 41.41
N VAL B 8 -9.80 -36.42 40.43
CA VAL B 8 -8.68 -35.49 40.33
C VAL B 8 -8.93 -34.57 39.15
N VAL B 9 -9.12 -33.28 39.43
CA VAL B 9 -9.42 -32.27 38.42
C VAL B 9 -8.27 -31.29 38.36
N VAL B 10 -7.68 -31.14 37.17
CA VAL B 10 -6.62 -30.18 36.93
C VAL B 10 -7.24 -28.95 36.29
N CYS B 11 -7.15 -27.81 36.96
CA CYS B 11 -7.73 -26.55 36.48
C CYS B 11 -6.62 -25.51 36.39
N ASP B 12 -6.46 -24.94 35.19
CA ASP B 12 -5.49 -23.88 34.96
C ASP B 12 -6.25 -22.55 34.99
N ASN B 13 -5.89 -21.68 35.94
CA ASN B 13 -6.50 -20.36 36.05
C ASN B 13 -5.66 -19.38 35.23
N GLY B 14 -5.85 -19.44 33.92
CA GLY B 14 -5.16 -18.55 33.02
C GLY B 14 -5.79 -17.16 32.98
N THR B 15 -5.17 -16.30 32.17
CA THR B 15 -5.67 -14.93 32.04
C THR B 15 -6.94 -14.88 31.20
N GLY B 16 -6.99 -15.63 30.11
CA GLY B 16 -8.13 -15.58 29.22
C GLY B 16 -8.96 -16.84 29.20
N PHE B 17 -8.36 -17.99 29.51
CA PHE B 17 -9.04 -19.26 29.43
C PHE B 17 -8.81 -20.07 30.70
N VAL B 18 -9.87 -20.72 31.16
CA VAL B 18 -9.83 -21.65 32.28
C VAL B 18 -10.21 -23.02 31.75
N LYS B 19 -9.36 -24.02 31.98
CA LYS B 19 -9.49 -25.33 31.38
C LYS B 19 -9.93 -26.34 32.45
N CYS B 20 -10.98 -27.08 32.17
CA CYS B 20 -11.52 -28.07 33.09
C CYS B 20 -11.28 -29.45 32.50
N GLY B 21 -10.42 -30.24 33.16
CA GLY B 21 -10.07 -31.55 32.65
C GLY B 21 -9.71 -32.50 33.77
N TYR B 22 -9.36 -33.72 33.37
CA TYR B 22 -9.05 -34.80 34.30
C TYR B 22 -7.71 -35.44 33.94
N ALA B 23 -7.25 -36.32 34.82
CA ALA B 23 -5.95 -36.96 34.67
C ALA B 23 -5.95 -37.99 33.56
N GLY B 24 -4.80 -38.14 32.91
CA GLY B 24 -4.64 -39.11 31.85
C GLY B 24 -5.16 -38.66 30.50
N SER B 25 -5.61 -37.42 30.37
CA SER B 25 -6.23 -36.93 29.15
C SER B 25 -5.29 -35.94 28.47
N ASN B 26 -5.11 -36.11 27.15
CA ASN B 26 -4.30 -35.17 26.38
C ASN B 26 -5.05 -33.87 26.10
N PHE B 27 -6.36 -33.89 26.21
CA PHE B 27 -7.19 -32.70 26.06
C PHE B 27 -8.21 -32.67 27.18
N PRO B 28 -8.51 -31.48 27.71
CA PRO B 28 -9.47 -31.39 28.82
C PRO B 28 -10.90 -31.58 28.36
N GLU B 29 -11.76 -31.89 29.33
CA GLU B 29 -13.18 -32.13 29.05
C GLU B 29 -13.90 -30.84 28.67
N HIS B 30 -13.55 -29.73 29.30
CA HIS B 30 -14.22 -28.47 29.07
C HIS B 30 -13.20 -27.33 28.97
N ILE B 31 -13.30 -26.54 27.91
CA ILE B 31 -12.48 -25.35 27.71
C ILE B 31 -13.45 -24.18 27.67
N PHE B 32 -13.60 -23.50 28.80
CA PHE B 32 -14.56 -22.40 28.76
C PHE B 32 -13.87 -21.06 28.98
N PRO B 33 -14.35 -19.99 28.34
CA PRO B 33 -13.76 -18.67 28.57
C PRO B 33 -14.22 -18.08 29.89
N ALA B 34 -13.33 -17.33 30.53
CA ALA B 34 -13.62 -16.70 31.81
C ALA B 34 -14.10 -15.26 31.58
N LEU B 35 -15.31 -15.16 31.04
CA LEU B 35 -15.95 -13.88 30.75
C LEU B 35 -17.29 -13.81 31.46
N VAL B 36 -17.49 -12.75 32.24
CA VAL B 36 -18.74 -12.50 32.95
C VAL B 36 -19.42 -11.31 32.31
N GLY B 37 -20.39 -11.57 31.42
CA GLY B 37 -21.06 -10.51 30.71
C GLY B 37 -22.31 -9.99 31.40
N ARG B 38 -22.26 -8.75 31.88
CA ARG B 38 -23.42 -8.17 32.54
C ARG B 38 -24.45 -7.72 31.50
N PRO B 39 -25.74 -8.04 31.70
CA PRO B 39 -26.78 -7.55 30.77
C PRO B 39 -27.28 -6.15 31.12
N ILE B 40 -26.59 -5.11 30.65
CA ILE B 40 -27.04 -3.74 30.90
C ILE B 40 -28.28 -3.42 30.07
N LEU B 55 -25.34 -10.59 35.51
CA LEU B 55 -24.11 -11.21 35.96
C LEU B 55 -24.01 -12.67 35.49
N MET B 56 -24.41 -12.92 34.25
CA MET B 56 -24.29 -14.27 33.70
C MET B 56 -22.84 -14.55 33.32
N VAL B 57 -22.47 -15.82 33.33
CA VAL B 57 -21.11 -16.26 33.04
C VAL B 57 -21.19 -17.35 31.97
N GLY B 58 -20.25 -17.33 31.04
CA GLY B 58 -20.21 -18.31 29.96
C GLY B 58 -20.97 -17.86 28.72
N VAL B 70 -18.32 -8.47 30.81
CA VAL B 70 -16.92 -8.58 30.44
C VAL B 70 -16.01 -8.32 31.64
N ASN B 71 -16.54 -8.58 32.83
CA ASN B 71 -15.75 -8.44 34.05
C ASN B 71 -14.74 -9.56 34.17
N TYR B 72 -13.49 -9.20 34.41
CA TYR B 72 -12.42 -10.18 34.59
C TYR B 72 -11.94 -10.15 36.03
N PRO B 73 -11.91 -11.29 36.71
CA PRO B 73 -11.58 -11.28 38.14
C PRO B 73 -10.10 -11.12 38.44
N MET B 74 -9.23 -11.50 37.50
CA MET B 74 -7.79 -11.38 37.67
C MET B 74 -7.15 -10.79 36.42
N GLU B 75 -6.12 -9.96 36.63
CA GLU B 75 -5.26 -9.47 35.56
C GLU B 75 -3.83 -9.55 36.04
N ASN B 76 -2.94 -9.97 35.13
CA ASN B 76 -1.49 -10.09 35.30
C ASN B 76 -1.09 -11.05 36.42
N GLY B 77 -1.93 -12.02 36.78
CA GLY B 77 -1.62 -12.96 37.83
C GLY B 77 -1.97 -12.53 39.24
N ILE B 78 -2.61 -11.39 39.43
CA ILE B 78 -2.95 -10.88 40.76
C ILE B 78 -4.47 -10.77 40.86
N VAL B 79 -5.04 -11.38 41.90
CA VAL B 79 -6.47 -11.32 42.18
C VAL B 79 -6.81 -9.91 42.66
N ARG B 80 -7.78 -9.29 42.01
CA ARG B 80 -8.29 -8.00 42.48
C ARG B 80 -9.68 -8.13 43.10
N ASN B 81 -10.37 -9.24 42.82
CA ASN B 81 -11.73 -9.45 43.33
C ASN B 81 -11.92 -10.94 43.58
N TRP B 82 -12.33 -11.28 44.81
CA TRP B 82 -12.44 -12.69 45.20
C TRP B 82 -13.86 -13.20 45.09
N ASP B 83 -14.85 -12.29 45.07
CA ASP B 83 -16.24 -12.72 44.88
C ASP B 83 -16.48 -13.17 43.45
N ASP B 84 -15.76 -12.60 42.49
CA ASP B 84 -15.87 -13.08 41.12
C ASP B 84 -15.11 -14.39 40.93
N MET B 85 -14.04 -14.63 41.71
CA MET B 85 -13.52 -15.99 41.85
C MET B 85 -14.55 -16.95 42.42
N LYS B 86 -15.33 -16.52 43.40
CA LYS B 86 -16.36 -17.38 43.96
C LYS B 86 -17.47 -17.67 42.95
N HIS B 87 -17.82 -16.68 42.11
CA HIS B 87 -18.80 -16.87 41.05
C HIS B 87 -18.29 -17.79 39.95
N LEU B 88 -17.04 -17.59 39.49
CA LEU B 88 -16.46 -18.41 38.43
C LEU B 88 -16.18 -19.83 38.90
N TRP B 89 -15.72 -19.96 40.15
CA TRP B 89 -15.46 -21.28 40.70
C TRP B 89 -16.75 -22.03 41.01
N ASP B 90 -17.81 -21.31 41.39
CA ASP B 90 -19.11 -21.97 41.54
C ASP B 90 -19.73 -22.31 40.20
N TYR B 91 -19.36 -21.60 39.14
CA TYR B 91 -19.74 -22.02 37.79
C TYR B 91 -19.02 -23.29 37.39
N THR B 92 -17.76 -23.45 37.83
CA THR B 92 -17.06 -24.72 37.59
C THR B 92 -17.65 -25.85 38.44
N PHE B 93 -18.07 -25.55 39.67
CA PHE B 93 -18.62 -26.59 40.54
C PHE B 93 -20.05 -26.94 40.18
N GLY B 94 -20.70 -26.18 39.31
CA GLY B 94 -22.07 -26.43 38.97
C GLY B 94 -22.22 -27.57 37.97
N PRO B 95 -23.46 -27.88 37.60
CA PRO B 95 -23.71 -29.03 36.73
C PRO B 95 -23.30 -28.84 35.28
N GLU B 96 -22.92 -27.63 34.87
CA GLU B 96 -22.53 -27.38 33.49
C GLU B 96 -21.18 -28.02 33.16
N LYS B 97 -20.18 -27.80 34.01
CA LYS B 97 -18.82 -28.22 33.71
C LYS B 97 -18.40 -29.49 34.45
N LEU B 98 -18.42 -29.48 35.78
CA LEU B 98 -17.87 -30.59 36.55
C LEU B 98 -18.90 -31.29 37.42
N ASN B 99 -19.64 -30.52 38.24
CA ASN B 99 -20.57 -31.00 39.27
C ASN B 99 -19.90 -31.98 40.25
N ILE B 100 -18.68 -31.65 40.65
CA ILE B 100 -17.90 -32.50 41.53
C ILE B 100 -18.32 -32.27 42.97
N ASP B 101 -17.91 -33.18 43.84
CA ASP B 101 -18.22 -33.08 45.26
C ASP B 101 -17.34 -32.01 45.90
N THR B 102 -17.97 -30.97 46.45
CA THR B 102 -17.20 -29.89 47.06
C THR B 102 -16.62 -30.31 48.40
N ARG B 103 -17.27 -31.22 49.09
CA ARG B 103 -16.74 -31.70 50.37
C ARG B 103 -15.55 -32.64 50.19
N ASN B 104 -15.63 -33.58 49.24
CA ASN B 104 -14.60 -34.61 49.11
C ASN B 104 -14.21 -34.78 47.64
N CYS B 105 -13.24 -33.99 47.20
CA CYS B 105 -12.57 -34.16 45.92
C CYS B 105 -11.15 -33.62 46.04
N LYS B 106 -10.35 -33.92 45.02
CA LYS B 106 -8.99 -33.41 44.92
C LYS B 106 -8.85 -32.55 43.67
N ILE B 107 -8.15 -31.42 43.81
CA ILE B 107 -8.01 -30.46 42.73
C ILE B 107 -6.54 -30.06 42.65
N LEU B 108 -6.15 -29.51 41.50
CA LEU B 108 -4.81 -29.01 41.28
C LEU B 108 -4.86 -27.57 40.81
N LEU B 109 -4.10 -26.71 41.47
CA LEU B 109 -4.09 -25.28 41.17
C LEU B 109 -2.68 -24.87 40.78
N THR B 110 -2.56 -23.63 40.32
CA THR B 110 -1.27 -23.10 39.87
C THR B 110 -1.19 -21.60 40.16
N GLU B 111 0.03 -21.07 40.10
CA GLU B 111 0.29 -19.68 40.47
C GLU B 111 1.53 -19.19 39.72
N PRO B 112 1.52 -17.94 39.25
CA PRO B 112 2.65 -17.44 38.45
C PRO B 112 3.81 -17.02 39.34
N PRO B 113 5.04 -16.96 38.82
CA PRO B 113 6.18 -16.49 39.62
C PRO B 113 6.09 -15.01 39.93
N MET B 114 6.85 -14.62 40.97
CA MET B 114 6.77 -13.33 41.67
C MET B 114 5.36 -13.01 42.17
N ASN B 115 4.67 -14.02 42.69
CA ASN B 115 3.38 -13.80 43.34
C ASN B 115 3.59 -13.54 44.83
N PRO B 116 2.85 -12.59 45.42
CA PRO B 116 2.88 -12.43 46.88
C PRO B 116 2.25 -13.61 47.59
N THR B 117 2.77 -13.88 48.80
CA THR B 117 2.31 -15.02 49.58
C THR B 117 0.95 -14.76 50.24
N LYS B 118 0.55 -13.49 50.35
CA LYS B 118 -0.73 -13.14 50.94
C LYS B 118 -1.89 -13.61 50.06
N ASN B 119 -1.72 -13.53 48.73
CA ASN B 119 -2.73 -14.05 47.81
C ASN B 119 -2.80 -15.57 47.87
N ARG B 120 -1.67 -16.23 48.13
CA ARG B 120 -1.67 -17.68 48.32
C ARG B 120 -2.40 -18.07 49.60
N GLU B 121 -2.22 -17.27 50.66
CA GLU B 121 -2.96 -17.48 51.91
C GLU B 121 -4.46 -17.24 51.70
N LYS B 122 -4.81 -16.25 50.87
CA LYS B 122 -6.20 -15.99 50.53
C LYS B 122 -6.84 -17.14 49.76
N ILE B 123 -6.11 -17.72 48.79
CA ILE B 123 -6.75 -18.76 47.98
C ILE B 123 -6.78 -20.08 48.73
N VAL B 124 -5.85 -20.31 49.66
CA VAL B 124 -5.99 -21.55 50.45
C VAL B 124 -7.08 -21.36 51.51
N GLU B 125 -7.33 -20.11 51.93
CA GLU B 125 -8.46 -19.80 52.79
C GLU B 125 -9.79 -20.03 52.06
N VAL B 126 -9.84 -19.69 50.77
CA VAL B 126 -11.04 -19.94 49.96
C VAL B 126 -11.25 -21.44 49.74
N MET B 127 -10.18 -22.19 49.43
CA MET B 127 -10.30 -23.62 49.17
C MET B 127 -10.62 -24.43 50.43
N PHE B 128 -10.13 -24.00 51.59
CA PHE B 128 -10.31 -24.80 52.80
C PHE B 128 -11.25 -24.16 53.82
N GLU B 129 -11.92 -23.07 53.47
CA GLU B 129 -12.97 -22.53 54.33
C GLU B 129 -14.33 -22.48 53.65
N THR B 130 -14.40 -21.95 52.42
CA THR B 130 -15.68 -21.86 51.73
C THR B 130 -16.10 -23.21 51.16
N TYR B 131 -15.15 -23.97 50.62
CA TYR B 131 -15.47 -25.23 49.95
C TYR B 131 -14.99 -26.47 50.68
N GLN B 132 -13.85 -26.40 51.39
CA GLN B 132 -13.25 -27.45 52.21
C GLN B 132 -12.95 -28.71 51.39
N PHE B 133 -12.01 -28.55 50.46
CA PHE B 133 -11.53 -29.67 49.66
C PHE B 133 -10.68 -30.65 50.47
N SER B 134 -10.50 -31.85 49.92
CA SER B 134 -9.68 -32.85 50.59
C SER B 134 -8.23 -32.80 50.11
N GLY B 135 -7.99 -32.37 48.87
CA GLY B 135 -6.63 -32.23 48.40
C GLY B 135 -6.43 -31.08 47.44
N VAL B 136 -5.55 -30.15 47.79
CA VAL B 136 -5.23 -28.97 46.98
C VAL B 136 -3.71 -28.84 46.91
N TYR B 137 -3.19 -28.79 45.69
CA TYR B 137 -1.80 -28.40 45.48
C TYR B 137 -1.74 -27.22 44.51
N VAL B 138 -0.91 -26.24 44.87
CA VAL B 138 -0.71 -25.02 44.08
C VAL B 138 0.77 -24.95 43.74
N ALA B 139 1.10 -24.72 42.48
CA ALA B 139 2.50 -24.80 42.05
C ALA B 139 2.80 -23.77 40.96
N ILE B 140 4.01 -23.87 40.42
CA ILE B 140 4.54 -22.89 39.46
C ILE B 140 4.43 -23.47 38.06
N GLN B 141 4.01 -22.64 37.09
CA GLN B 141 3.75 -23.11 35.73
C GLN B 141 5.02 -23.52 34.98
N ALA B 142 6.19 -23.03 35.44
CA ALA B 142 7.45 -23.45 34.85
C ALA B 142 7.74 -24.92 35.13
N VAL B 143 7.46 -25.37 36.35
CA VAL B 143 7.66 -26.76 36.74
C VAL B 143 6.67 -27.67 36.00
N LEU B 144 5.45 -27.19 35.82
CA LEU B 144 4.43 -27.99 35.12
C LEU B 144 4.70 -28.04 33.62
N THR B 145 5.26 -26.96 33.05
CA THR B 145 5.63 -26.97 31.64
C THR B 145 6.84 -27.87 31.39
N LEU B 146 7.79 -27.88 32.33
CA LEU B 146 8.91 -28.80 32.24
C LEU B 146 8.49 -30.25 32.40
N TYR B 147 7.50 -30.51 33.27
CA TYR B 147 7.00 -31.88 33.41
C TYR B 147 6.14 -32.29 32.23
N ALA B 148 5.53 -31.33 31.53
CA ALA B 148 4.89 -31.63 30.25
C ALA B 148 5.92 -31.94 29.19
N GLN B 149 7.08 -31.29 29.25
CA GLN B 149 8.19 -31.63 28.35
C GLN B 149 8.79 -32.99 28.70
N GLY B 150 8.71 -33.40 29.97
CA GLY B 150 9.31 -34.63 30.43
C GLY B 150 10.70 -34.46 31.02
N LEU B 151 11.20 -33.23 31.09
CA LEU B 151 12.52 -32.96 31.63
C LEU B 151 12.40 -32.25 32.97
N LEU B 152 13.23 -32.67 33.92
CA LEU B 152 13.09 -32.20 35.30
C LEU B 152 13.79 -30.88 35.59
N THR B 153 14.96 -30.63 35.01
CA THR B 153 15.78 -29.48 35.35
C THR B 153 16.03 -28.62 34.12
N GLY B 154 15.78 -27.31 34.24
CA GLY B 154 16.02 -26.43 33.11
C GLY B 154 15.74 -24.98 33.47
N VAL B 155 15.56 -24.17 32.43
CA VAL B 155 15.14 -22.78 32.58
C VAL B 155 13.93 -22.55 31.68
N VAL B 156 13.00 -21.71 32.15
CA VAL B 156 11.79 -21.40 31.42
C VAL B 156 11.72 -19.89 31.22
N VAL B 157 11.61 -19.48 29.96
CA VAL B 157 11.38 -18.08 29.59
C VAL B 157 9.93 -17.96 29.17
N ASP B 158 9.13 -17.23 29.94
CA ASP B 158 7.70 -17.15 29.72
C ASP B 158 7.29 -15.70 29.57
N SER B 159 6.61 -15.38 28.47
CA SER B 159 6.22 -14.02 28.16
C SER B 159 4.79 -13.97 27.67
N GLY B 160 3.95 -13.23 28.37
CA GLY B 160 2.57 -13.01 27.96
C GLY B 160 2.29 -11.54 27.73
N ASP B 161 1.44 -10.95 28.57
CA ASP B 161 1.13 -9.54 28.51
C ASP B 161 1.69 -8.82 29.73
N GLY B 162 2.46 -7.78 29.48
CA GLY B 162 3.06 -6.97 30.54
C GLY B 162 4.36 -7.50 31.11
N VAL B 163 4.36 -8.73 31.60
CA VAL B 163 5.42 -9.24 32.46
C VAL B 163 6.06 -10.46 31.81
N THR B 164 7.39 -10.47 31.75
CA THR B 164 8.17 -11.60 31.22
C THR B 164 9.03 -12.20 32.32
N HIS B 165 8.85 -13.49 32.62
CA HIS B 165 9.65 -14.15 33.63
C HIS B 165 10.76 -14.99 32.99
N ILE B 166 11.90 -15.03 33.68
CA ILE B 166 12.94 -16.04 33.46
C ILE B 166 13.08 -16.81 34.77
N CYS B 167 12.77 -18.10 34.74
CA CYS B 167 12.72 -18.91 35.95
C CYS B 167 13.54 -20.18 35.81
N PRO B 168 14.61 -20.36 36.59
CA PRO B 168 15.32 -21.64 36.59
C PRO B 168 14.69 -22.61 37.58
N VAL B 169 14.55 -23.86 37.15
CA VAL B 169 14.03 -24.93 38.00
C VAL B 169 15.09 -26.01 38.11
N TYR B 170 15.50 -26.30 39.34
CA TYR B 170 16.53 -27.28 39.65
C TYR B 170 15.86 -28.44 40.38
N GLU B 171 16.22 -29.67 39.97
CA GLU B 171 15.57 -30.94 40.32
C GLU B 171 14.07 -30.89 40.04
N GLY B 172 13.30 -30.38 40.99
CA GLY B 172 11.87 -30.26 40.79
C GLY B 172 11.30 -29.00 41.40
N PHE B 173 12.16 -28.12 41.89
CA PHE B 173 11.75 -26.92 42.58
C PHE B 173 12.36 -25.70 41.91
N SER B 174 11.67 -24.56 42.04
CA SER B 174 12.17 -23.31 41.50
C SER B 174 13.16 -22.66 42.46
N LEU B 175 14.17 -22.02 41.90
CA LEU B 175 15.14 -21.28 42.68
C LEU B 175 14.68 -19.83 42.80
N PRO B 176 14.38 -19.33 44.01
CA PRO B 176 13.82 -17.98 44.11
C PRO B 176 14.85 -16.87 43.96
N HIS B 177 16.12 -17.15 44.25
CA HIS B 177 17.15 -16.11 44.17
C HIS B 177 17.55 -15.85 42.72
N LEU B 178 17.38 -16.82 41.83
CA LEU B 178 17.93 -16.70 40.50
C LEU B 178 16.89 -16.29 39.47
N THR B 179 15.60 -16.37 39.77
CA THR B 179 14.58 -15.99 38.82
C THR B 179 14.48 -14.46 38.72
N ARG B 180 14.19 -13.98 37.50
CA ARG B 180 14.23 -12.55 37.23
C ARG B 180 13.07 -12.16 36.34
N ARG B 181 12.87 -10.85 36.21
CA ARG B 181 11.70 -10.28 35.57
C ARG B 181 12.12 -9.22 34.57
N LEU B 182 11.35 -9.11 33.48
CA LEU B 182 11.54 -8.07 32.47
C LEU B 182 10.18 -7.47 32.14
N ASP B 183 10.15 -6.13 32.05
CA ASP B 183 8.88 -5.41 31.92
C ASP B 183 8.42 -5.29 30.48
N ILE B 184 9.22 -5.73 29.51
CA ILE B 184 8.86 -5.55 28.12
C ILE B 184 8.12 -6.79 27.61
N ALA B 185 6.93 -6.58 27.07
CA ALA B 185 6.12 -7.66 26.52
C ALA B 185 5.27 -7.10 25.38
N GLY B 186 4.22 -7.84 25.01
CA GLY B 186 3.58 -7.65 23.71
C GLY B 186 2.75 -6.38 23.57
N ARG B 187 2.33 -5.78 24.68
CA ARG B 187 1.61 -4.52 24.61
C ARG B 187 2.54 -3.37 24.21
N ASP B 188 3.80 -3.42 24.67
CA ASP B 188 4.77 -2.42 24.27
C ASP B 188 5.20 -2.61 22.82
N ILE B 189 5.22 -3.87 22.35
CA ILE B 189 5.49 -4.18 20.95
C ILE B 189 4.35 -3.67 20.08
N THR B 190 3.11 -3.78 20.56
CA THR B 190 1.95 -3.26 19.83
C THR B 190 1.96 -1.74 19.76
N ARG B 191 2.35 -1.08 20.86
CA ARG B 191 2.44 0.38 20.85
C ARG B 191 3.60 0.87 19.98
N TYR B 192 4.70 0.11 19.95
CA TYR B 192 5.81 0.45 19.07
C TYR B 192 5.46 0.23 17.61
N LEU B 193 4.61 -0.76 17.34
CA LEU B 193 4.13 -0.98 15.98
C LEU B 193 3.17 0.12 15.55
N ILE B 194 2.38 0.64 16.49
CA ILE B 194 1.54 1.82 16.25
C ILE B 194 2.39 3.03 15.91
N LYS B 195 3.50 3.21 16.65
CA LYS B 195 4.40 4.33 16.42
C LYS B 195 5.12 4.24 15.06
N LEU B 196 5.56 3.04 14.69
CA LEU B 196 6.20 2.87 13.37
C LEU B 196 5.21 2.97 12.23
N LEU B 197 3.96 2.53 12.44
CA LEU B 197 2.96 2.70 11.38
C LEU B 197 2.53 4.16 11.27
N LEU B 198 2.61 4.91 12.37
CA LEU B 198 2.31 6.34 12.32
C LEU B 198 3.42 7.11 11.61
N LEU B 199 4.67 6.71 11.84
CA LEU B 199 5.78 7.37 11.14
C LEU B 199 5.89 6.89 9.70
N ARG B 200 5.28 5.75 9.38
CA ARG B 200 5.21 5.30 7.99
C ARG B 200 4.30 6.19 7.14
N GLY B 201 3.19 6.66 7.71
CA GLY B 201 2.26 7.53 7.01
C GLY B 201 0.81 7.21 7.25
N TYR B 202 0.50 6.04 7.81
CA TYR B 202 -0.88 5.65 8.05
C TYR B 202 -1.29 6.08 9.45
N ALA B 203 -2.41 6.78 9.56
CA ALA B 203 -2.86 7.33 10.84
C ALA B 203 -3.63 6.29 11.63
N PHE B 204 -3.19 6.03 12.85
CA PHE B 204 -3.90 5.15 13.78
C PHE B 204 -4.02 5.84 15.13
N ASN B 205 -5.23 5.86 15.67
CA ASN B 205 -5.42 6.23 17.07
C ASN B 205 -4.92 5.08 17.95
N HIS B 206 -4.29 5.42 19.06
CA HIS B 206 -3.72 4.40 19.94
C HIS B 206 -4.81 3.63 20.69
N SER B 207 -5.85 4.34 21.14
CA SER B 207 -6.88 3.67 21.95
C SER B 207 -7.89 2.95 21.07
N ALA B 208 -8.28 3.53 19.95
CA ALA B 208 -9.34 2.96 19.13
C ALA B 208 -8.84 1.77 18.32
N ASP B 209 -7.57 1.77 17.93
CA ASP B 209 -7.02 0.75 17.05
C ASP B 209 -5.94 -0.08 17.72
N PHE B 210 -6.16 -0.52 18.96
CA PHE B 210 -5.22 -1.43 19.59
C PHE B 210 -5.34 -2.83 19.00
N GLU B 211 -6.57 -3.27 18.73
CA GLU B 211 -6.84 -4.66 18.40
C GLU B 211 -6.41 -4.99 16.97
N THR B 212 -6.57 -4.06 16.03
CA THR B 212 -6.20 -4.35 14.66
C THR B 212 -4.67 -4.33 14.48
N VAL B 213 -3.95 -3.53 15.28
CA VAL B 213 -2.51 -3.56 15.20
C VAL B 213 -1.96 -4.78 15.96
N ARG B 214 -2.70 -5.26 16.96
CA ARG B 214 -2.39 -6.56 17.56
C ARG B 214 -2.60 -7.70 16.57
N MET B 215 -3.61 -7.58 15.70
CA MET B 215 -3.82 -8.54 14.63
C MET B 215 -2.71 -8.48 13.58
N ILE B 216 -2.21 -7.26 13.30
CA ILE B 216 -1.06 -7.06 12.42
C ILE B 216 0.19 -7.72 12.99
N LYS B 217 0.41 -7.56 14.30
CA LYS B 217 1.56 -8.15 14.98
C LYS B 217 1.48 -9.67 15.00
N GLU B 218 0.27 -10.21 15.17
CA GLU B 218 0.12 -11.66 15.12
C GLU B 218 0.19 -12.20 13.69
N LYS B 219 -0.07 -11.35 12.69
CA LYS B 219 -0.11 -11.85 11.32
C LYS B 219 1.26 -11.81 10.65
N LEU B 220 1.96 -10.67 10.70
CA LEU B 220 3.06 -10.43 9.77
C LEU B 220 4.44 -10.30 10.42
N CYS B 221 4.53 -10.08 11.73
CA CYS B 221 5.81 -9.76 12.33
C CYS B 221 6.69 -10.99 12.50
N TYR B 222 8.01 -10.75 12.48
CA TYR B 222 9.01 -11.80 12.64
C TYR B 222 10.28 -11.16 13.15
N VAL B 223 11.22 -11.99 13.60
CA VAL B 223 12.45 -11.53 14.22
C VAL B 223 13.62 -11.77 13.25
N GLY B 224 14.38 -10.72 12.98
CA GLY B 224 15.53 -10.81 12.11
C GLY B 224 16.72 -11.47 12.80
N TYR B 225 17.68 -11.91 11.99
CA TYR B 225 18.84 -12.63 12.52
C TYR B 225 20.04 -11.71 12.64
N ASN B 226 20.47 -11.12 11.52
CA ASN B 226 21.53 -10.12 11.51
C ASN B 226 20.90 -8.83 11.03
N ILE B 227 20.96 -7.79 11.87
CA ILE B 227 20.08 -6.64 11.70
C ILE B 227 20.57 -5.73 10.57
N GLU B 228 21.86 -5.77 10.25
CA GLU B 228 22.36 -4.97 9.14
C GLU B 228 21.97 -5.58 7.80
N GLN B 229 21.92 -6.92 7.72
CA GLN B 229 21.42 -7.59 6.53
C GLN B 229 19.92 -7.36 6.35
N GLU B 230 19.18 -7.29 7.47
CA GLU B 230 17.75 -7.04 7.40
C GLU B 230 17.45 -5.62 6.94
N GLN B 231 18.22 -4.63 7.43
CA GLN B 231 17.96 -3.26 7.00
C GLN B 231 18.49 -3.01 5.59
N LYS B 232 19.53 -3.73 5.15
CA LYS B 232 19.96 -3.62 3.76
C LYS B 232 18.96 -4.28 2.82
N LEU B 233 18.35 -5.39 3.25
CA LEU B 233 17.31 -6.03 2.47
C LEU B 233 16.02 -5.20 2.45
N ALA B 234 15.79 -4.41 3.50
CA ALA B 234 14.64 -3.52 3.50
C ALA B 234 14.87 -2.31 2.60
N LEU B 235 16.07 -1.74 2.64
CA LEU B 235 16.34 -0.53 1.86
C LEU B 235 16.57 -0.82 0.38
N GLU B 236 17.16 -1.97 0.05
CA GLU B 236 17.61 -2.16 -1.33
C GLU B 236 16.55 -2.80 -2.21
N THR B 237 15.74 -3.72 -1.69
CA THR B 237 14.79 -4.45 -2.52
C THR B 237 13.43 -4.51 -1.83
N THR B 238 12.42 -4.85 -2.62
CA THR B 238 11.03 -4.83 -2.20
C THR B 238 10.44 -6.22 -1.99
N VAL B 239 11.24 -7.16 -1.47
CA VAL B 239 10.74 -8.53 -1.32
C VAL B 239 10.08 -8.76 0.01
N LEU B 240 9.97 -7.73 0.86
CA LEU B 240 9.37 -7.91 2.18
C LEU B 240 7.99 -7.30 2.31
N VAL B 241 7.39 -6.80 1.23
CA VAL B 241 6.35 -5.79 1.39
C VAL B 241 4.94 -6.32 1.71
N GLU B 242 4.36 -7.20 0.87
CA GLU B 242 3.00 -7.75 0.97
C GLU B 242 1.88 -6.70 1.11
N SER B 243 0.68 -7.12 1.50
CA SER B 243 -0.42 -6.18 1.66
C SER B 243 -1.36 -6.70 2.75
N TYR B 244 -2.06 -5.76 3.40
CA TYR B 244 -3.08 -6.11 4.38
C TYR B 244 -4.33 -5.28 4.14
N THR B 245 -5.49 -5.88 4.36
CA THR B 245 -6.77 -5.21 4.18
C THR B 245 -7.35 -4.85 5.54
N LEU B 246 -7.58 -3.55 5.75
CA LEU B 246 -8.27 -3.05 6.92
C LEU B 246 -9.77 -3.35 6.81
N PRO B 247 -10.50 -3.41 7.95
CA PRO B 247 -11.94 -3.74 7.88
C PRO B 247 -12.83 -2.73 7.18
N ASP B 248 -12.42 -1.46 7.07
CA ASP B 248 -13.24 -0.51 6.33
C ASP B 248 -13.09 -0.69 4.83
N GLY B 249 -11.90 -1.11 4.39
CA GLY B 249 -11.69 -1.39 2.98
C GLY B 249 -10.33 -0.96 2.46
N ARG B 250 -9.60 -0.17 3.26
CA ARG B 250 -8.29 0.31 2.84
C ARG B 250 -7.25 -0.79 2.94
N ILE B 251 -6.25 -0.73 2.06
CA ILE B 251 -5.18 -1.72 1.99
C ILE B 251 -3.86 -1.02 2.25
N ILE B 252 -3.11 -1.51 3.23
CA ILE B 252 -1.82 -0.93 3.59
C ILE B 252 -0.71 -1.87 3.18
N LYS B 253 0.49 -1.30 3.05
CA LYS B 253 1.71 -2.01 2.66
C LYS B 253 2.69 -1.88 3.82
N VAL B 254 3.28 -2.99 4.23
CA VAL B 254 4.16 -3.01 5.40
C VAL B 254 5.60 -3.13 4.95
N GLY B 255 6.44 -2.17 5.34
CA GLY B 255 7.81 -2.15 4.90
C GLY B 255 8.72 -3.01 5.75
N GLY B 256 9.79 -2.40 6.29
CA GLY B 256 10.70 -3.08 7.19
C GLY B 256 10.23 -3.22 8.61
N GLU B 257 9.04 -2.68 8.91
CA GLU B 257 8.46 -2.66 10.25
C GLU B 257 8.14 -4.05 10.77
N ARG B 258 8.02 -5.05 9.88
CA ARG B 258 7.89 -6.46 10.23
C ARG B 258 9.04 -6.95 11.09
N PHE B 259 10.26 -6.44 10.89
CA PHE B 259 11.30 -6.78 11.84
C PHE B 259 11.62 -5.65 12.81
N GLU B 260 10.93 -4.51 12.71
CA GLU B 260 11.29 -3.40 13.59
C GLU B 260 10.57 -3.47 14.92
N ALA B 261 9.32 -3.95 14.92
CA ALA B 261 8.55 -4.05 16.16
C ALA B 261 9.08 -5.09 17.16
N PRO B 262 9.47 -6.34 16.80
CA PRO B 262 10.02 -7.21 17.85
C PRO B 262 11.50 -6.98 18.17
N GLU B 263 12.12 -5.92 17.66
CA GLU B 263 13.51 -5.62 18.00
C GLU B 263 13.64 -4.88 19.33
N ALA B 264 12.52 -4.49 19.95
CA ALA B 264 12.57 -3.74 21.20
C ALA B 264 12.94 -4.62 22.38
N LEU B 265 12.76 -5.95 22.25
CA LEU B 265 13.12 -6.86 23.33
C LEU B 265 14.63 -6.98 23.48
N PHE B 266 15.36 -6.82 22.38
CA PHE B 266 16.82 -6.91 22.42
C PHE B 266 17.49 -5.55 22.52
N GLN B 267 16.78 -4.49 22.18
CA GLN B 267 17.26 -3.11 22.36
C GLN B 267 16.16 -2.35 23.08
N PRO B 268 16.25 -2.23 24.41
CA PRO B 268 15.16 -1.58 25.16
C PRO B 268 15.16 -0.06 25.04
N HIS B 269 16.28 0.53 24.62
CA HIS B 269 16.35 1.99 24.51
C HIS B 269 15.55 2.55 23.34
N LEU B 270 15.07 1.69 22.44
CA LEU B 270 14.11 2.12 21.43
C LEU B 270 12.75 2.44 22.06
N ILE B 271 12.40 1.77 23.15
CA ILE B 271 11.07 1.96 23.74
C ILE B 271 11.23 2.84 24.98
N ASN B 272 12.45 3.39 25.15
CA ASN B 272 12.86 4.31 26.23
C ASN B 272 12.63 3.71 27.62
N VAL B 273 12.92 2.43 27.77
CA VAL B 273 12.88 1.75 29.06
C VAL B 273 14.29 1.33 29.39
N GLU B 274 14.81 1.81 30.51
CA GLU B 274 16.19 1.52 30.89
C GLU B 274 16.33 0.10 31.39
N GLY B 275 17.47 -0.50 31.06
CA GLY B 275 17.75 -1.88 31.41
C GLY B 275 18.61 -2.51 30.33
N VAL B 276 18.52 -3.85 30.24
CA VAL B 276 19.26 -4.62 29.26
C VAL B 276 18.28 -5.51 28.49
N GLY B 277 18.82 -6.19 27.48
CA GLY B 277 18.00 -7.08 26.68
C GLY B 277 17.70 -8.38 27.40
N VAL B 278 16.89 -9.22 26.74
CA VAL B 278 16.47 -10.48 27.35
C VAL B 278 17.60 -11.50 27.29
N ALA B 279 18.51 -11.36 26.32
CA ALA B 279 19.64 -12.27 26.21
C ALA B 279 20.68 -11.99 27.28
N GLU B 280 20.92 -10.71 27.59
CA GLU B 280 21.85 -10.36 28.64
C GLU B 280 21.28 -10.69 30.01
N LEU B 281 19.95 -10.62 30.16
CA LEU B 281 19.30 -11.05 31.40
C LEU B 281 19.42 -12.55 31.58
N LEU B 282 19.26 -13.32 30.49
CA LEU B 282 19.43 -14.77 30.54
C LEU B 282 20.87 -15.16 30.85
N PHE B 283 21.83 -14.43 30.28
CA PHE B 283 23.25 -14.71 30.53
C PHE B 283 23.65 -14.34 31.97
N ASN B 284 23.11 -13.22 32.49
CA ASN B 284 23.45 -12.82 33.85
C ASN B 284 22.75 -13.70 34.88
N THR B 285 21.59 -14.26 34.53
CA THR B 285 20.97 -15.27 35.37
C THR B 285 21.78 -16.56 35.36
N ILE B 286 22.19 -17.01 34.18
CA ILE B 286 22.74 -18.35 34.04
C ILE B 286 24.22 -18.39 34.43
N GLN B 287 24.85 -17.22 34.54
CA GLN B 287 26.25 -17.21 34.97
C GLN B 287 26.37 -17.11 36.48
N ALA B 288 25.47 -16.38 37.12
CA ALA B 288 25.48 -16.20 38.57
C ALA B 288 24.74 -17.36 39.24
N ALA B 289 25.38 -18.52 39.22
CA ALA B 289 24.81 -19.75 39.76
C ALA B 289 25.95 -20.67 40.15
N ASP B 290 25.61 -21.93 40.43
CA ASP B 290 26.61 -22.94 40.71
C ASP B 290 27.34 -23.33 39.42
N ILE B 291 28.60 -23.75 39.57
CA ILE B 291 29.45 -24.02 38.42
C ILE B 291 29.04 -25.32 37.72
N ASP B 292 28.62 -26.32 38.49
CA ASP B 292 28.25 -27.61 37.91
C ASP B 292 26.87 -27.54 37.27
N THR B 293 26.03 -26.61 37.70
CA THR B 293 24.68 -26.50 37.15
C THR B 293 24.63 -25.80 35.81
N ARG B 294 25.73 -25.10 35.43
CA ARG B 294 25.74 -24.23 34.27
C ARG B 294 25.63 -25.02 32.96
N SER B 295 26.17 -26.24 32.95
CA SER B 295 26.14 -27.06 31.74
C SER B 295 24.73 -27.53 31.40
N GLU B 296 24.02 -28.08 32.38
CA GLU B 296 22.66 -28.54 32.11
C GLU B 296 21.68 -27.37 32.06
N PHE B 297 22.06 -26.21 32.58
CA PHE B 297 21.28 -25.02 32.27
C PHE B 297 21.54 -24.53 30.84
N TYR B 298 22.73 -24.80 30.30
CA TYR B 298 23.02 -24.43 28.92
C TYR B 298 22.31 -25.32 27.91
N LYS B 299 22.28 -26.64 28.13
CA LYS B 299 21.64 -27.52 27.15
C LYS B 299 20.11 -27.45 27.22
N HIS B 300 19.56 -27.06 28.36
CA HIS B 300 18.11 -27.15 28.57
C HIS B 300 17.50 -25.76 28.74
N ILE B 301 17.05 -25.17 27.63
CA ILE B 301 16.26 -23.95 27.64
C ILE B 301 14.92 -24.23 26.97
N VAL B 302 13.82 -23.92 27.66
CA VAL B 302 12.48 -24.18 27.17
C VAL B 302 11.73 -22.87 27.02
N LEU B 303 11.19 -22.62 25.83
CA LEU B 303 10.39 -21.44 25.55
C LEU B 303 8.91 -21.75 25.66
N SER B 304 8.15 -20.83 26.24
CA SER B 304 6.70 -20.94 26.32
C SER B 304 6.11 -19.55 26.39
N GLY B 305 4.83 -19.45 26.07
CA GLY B 305 4.12 -18.20 26.12
C GLY B 305 3.60 -17.77 24.76
N GLY B 306 2.73 -16.75 24.78
CA GLY B 306 2.13 -16.29 23.54
C GLY B 306 3.04 -15.38 22.75
N SER B 307 3.95 -14.68 23.42
CA SER B 307 4.82 -13.75 22.72
C SER B 307 5.98 -14.46 22.05
N THR B 308 6.37 -15.63 22.57
CA THR B 308 7.44 -16.43 21.95
C THR B 308 6.82 -17.37 20.90
N MET B 309 6.36 -16.75 19.82
CA MET B 309 5.70 -17.48 18.74
C MET B 309 6.17 -16.95 17.39
N TYR B 310 7.04 -15.94 17.36
CA TYR B 310 7.53 -15.37 16.11
C TYR B 310 8.46 -16.35 15.40
N PRO B 311 8.27 -16.58 14.10
CA PRO B 311 9.25 -17.37 13.34
C PRO B 311 10.58 -16.67 13.24
N GLY B 312 11.65 -17.41 13.55
CA GLY B 312 12.98 -16.86 13.52
C GLY B 312 13.56 -16.49 14.86
N LEU B 313 12.93 -16.88 15.94
CA LEU B 313 13.32 -16.41 17.27
C LEU B 313 14.48 -17.15 17.97
N PRO B 314 14.55 -18.49 18.09
CA PRO B 314 15.60 -19.06 18.96
C PRO B 314 17.01 -19.04 18.37
N SER B 315 17.15 -18.90 17.04
CA SER B 315 18.46 -18.78 16.44
C SER B 315 19.12 -17.45 16.78
N ARG B 316 18.30 -16.40 16.96
CA ARG B 316 18.79 -15.12 17.43
C ARG B 316 19.34 -15.21 18.85
N LEU B 317 18.65 -15.95 19.73
CA LEU B 317 19.15 -16.16 21.09
C LEU B 317 20.40 -17.02 21.10
N GLU B 318 20.50 -17.97 20.17
CA GLU B 318 21.71 -18.78 20.04
C GLU B 318 22.92 -17.95 19.62
N ARG B 319 22.70 -17.03 18.67
CA ARG B 319 23.78 -16.13 18.23
C ARG B 319 24.18 -15.14 19.32
N GLU B 320 23.19 -14.66 20.09
CA GLU B 320 23.47 -13.73 21.18
C GLU B 320 24.25 -14.39 22.31
N LEU B 321 23.88 -15.62 22.69
CA LEU B 321 24.62 -16.32 23.74
C LEU B 321 26.00 -16.76 23.26
N LYS B 322 26.15 -17.05 21.96
CA LYS B 322 27.48 -17.34 21.41
C LYS B 322 28.39 -16.12 21.46
N GLN B 323 27.86 -14.95 21.11
CA GLN B 323 28.65 -13.72 21.12
C GLN B 323 29.00 -13.29 22.54
N LEU B 324 28.06 -13.43 23.47
CA LEU B 324 28.31 -13.05 24.85
C LEU B 324 29.28 -14.00 25.54
N TYR B 325 29.19 -15.30 25.25
CA TYR B 325 30.16 -16.24 25.81
C TYR B 325 31.53 -16.10 25.15
N LEU B 326 31.56 -15.60 23.91
CA LEU B 326 32.85 -15.33 23.28
C LEU B 326 33.55 -14.14 23.91
N GLU B 327 32.83 -13.04 24.13
CA GLU B 327 33.51 -11.84 24.58
C GLU B 327 33.69 -11.81 26.10
N ARG B 328 32.73 -12.32 26.86
CA ARG B 328 32.82 -12.16 28.31
C ARG B 328 33.72 -13.21 28.96
N VAL B 329 33.45 -14.49 28.71
CA VAL B 329 34.13 -15.55 29.44
C VAL B 329 35.46 -15.90 28.79
N LEU B 330 35.44 -16.19 27.49
CA LEU B 330 36.64 -16.66 26.80
C LEU B 330 37.55 -15.55 26.32
N LYS B 331 37.18 -14.28 26.58
CA LYS B 331 37.92 -13.05 26.29
C LYS B 331 38.15 -12.86 24.80
N GLY B 332 39.11 -13.60 24.24
CA GLY B 332 39.41 -13.49 22.83
C GLY B 332 39.79 -14.79 22.15
N ASP B 333 39.57 -15.91 22.83
CA ASP B 333 39.97 -17.21 22.29
C ASP B 333 38.90 -17.68 21.32
N VAL B 334 39.25 -17.71 20.03
CA VAL B 334 38.30 -18.04 18.97
C VAL B 334 37.96 -19.53 18.98
N GLU B 335 38.96 -20.39 19.22
CA GLU B 335 38.77 -21.84 19.09
C GLU B 335 37.91 -22.41 20.22
N LYS B 336 37.94 -21.78 21.39
CA LYS B 336 37.17 -22.22 22.55
C LYS B 336 35.67 -22.02 22.39
N LEU B 337 35.24 -21.22 21.41
CA LEU B 337 33.83 -21.16 21.03
C LEU B 337 33.33 -22.47 20.42
N SER B 338 34.23 -23.28 19.83
CA SER B 338 33.81 -24.51 19.17
C SER B 338 33.38 -25.57 20.18
N LYS B 339 33.95 -25.55 21.39
CA LYS B 339 33.57 -26.49 22.44
C LYS B 339 32.51 -25.88 23.36
N PHE B 340 31.41 -25.47 22.75
CA PHE B 340 30.30 -24.87 23.49
C PHE B 340 28.98 -25.38 22.94
N LYS B 341 28.11 -25.84 23.83
CA LYS B 341 26.86 -26.48 23.45
C LYS B 341 25.68 -25.60 23.83
N ILE B 342 24.82 -25.30 22.86
CA ILE B 342 23.63 -24.48 23.06
C ILE B 342 22.47 -25.25 22.49
N ARG B 343 21.37 -25.36 23.25
CA ARG B 343 20.16 -25.97 22.70
C ARG B 343 18.97 -25.25 23.31
N ILE B 344 18.36 -24.34 22.55
CA ILE B 344 17.09 -23.73 22.92
C ILE B 344 16.00 -24.66 22.40
N GLU B 345 15.37 -25.40 23.30
CA GLU B 345 14.37 -26.39 22.91
C GLU B 345 13.02 -25.71 22.84
N ASP B 346 12.62 -25.33 21.63
CA ASP B 346 11.26 -24.88 21.43
C ASP B 346 10.37 -26.09 21.12
N PRO B 347 9.23 -26.22 21.78
CA PRO B 347 8.31 -27.31 21.45
C PRO B 347 7.64 -27.07 20.11
N PRO B 348 7.58 -28.07 19.24
CA PRO B 348 6.79 -27.92 18.00
C PRO B 348 5.30 -27.81 18.26
N ARG B 349 4.82 -28.41 19.33
CA ARG B 349 3.43 -28.26 19.76
C ARG B 349 3.37 -27.20 20.86
N ARG B 350 2.62 -26.14 20.62
CA ARG B 350 2.40 -25.09 21.61
C ARG B 350 0.90 -24.99 21.84
N LYS B 351 0.45 -25.55 22.95
CA LYS B 351 -0.96 -25.76 23.23
C LYS B 351 -1.07 -25.61 24.76
N HIS B 352 -2.12 -26.16 25.36
CA HIS B 352 -2.33 -26.04 26.80
C HIS B 352 -1.36 -26.94 27.56
N MET B 353 -0.12 -26.48 27.69
CA MET B 353 0.95 -27.33 28.21
C MET B 353 0.88 -27.50 29.72
N VAL B 354 0.30 -26.51 30.42
CA VAL B 354 0.19 -26.57 31.87
C VAL B 354 -0.78 -27.65 32.31
N PHE B 355 -1.86 -27.83 31.54
CA PHE B 355 -2.79 -28.93 31.81
C PHE B 355 -2.18 -30.29 31.49
N LEU B 356 -1.33 -30.36 30.46
CA LEU B 356 -0.62 -31.59 30.12
C LEU B 356 0.35 -31.99 31.21
N GLY B 357 1.09 -31.02 31.74
CA GLY B 357 1.96 -31.27 32.88
C GLY B 357 1.19 -31.61 34.14
N GLY B 358 0.00 -31.02 34.30
CA GLY B 358 -0.85 -31.39 35.44
C GLY B 358 -1.39 -32.80 35.34
N ALA B 359 -1.70 -33.25 34.13
CA ALA B 359 -2.16 -34.62 33.91
C ALA B 359 -1.03 -35.63 34.15
N VAL B 360 0.19 -35.29 33.70
CA VAL B 360 1.35 -36.15 33.93
C VAL B 360 1.70 -36.20 35.42
N LEU B 361 1.67 -35.05 36.09
CA LEU B 361 1.92 -34.97 37.53
C LEU B 361 0.82 -35.64 38.34
N ALA B 362 -0.40 -35.70 37.80
CA ALA B 362 -1.45 -36.44 38.47
C ALA B 362 -1.29 -37.95 38.26
N ASP B 363 -0.77 -38.36 37.11
CA ASP B 363 -0.63 -39.77 36.81
C ASP B 363 0.54 -40.41 37.57
N ILE B 364 1.60 -39.65 37.80
CA ILE B 364 2.77 -40.21 38.52
C ILE B 364 2.46 -40.40 40.01
N MET B 365 1.75 -39.45 40.60
CA MET B 365 1.76 -39.18 42.04
C MET B 365 0.56 -39.76 42.79
N LYS B 366 -0.43 -40.32 42.07
CA LYS B 366 -1.85 -40.36 42.47
C LYS B 366 -2.10 -41.10 43.79
N ASP B 367 -1.32 -42.15 44.07
CA ASP B 367 -1.48 -42.90 45.31
C ASP B 367 -0.85 -42.18 46.50
N LYS B 368 0.19 -41.37 46.27
CA LYS B 368 1.00 -40.77 47.34
C LYS B 368 0.22 -39.55 47.86
N ASP B 369 -0.55 -39.78 48.93
CA ASP B 369 -1.59 -38.84 49.35
C ASP B 369 -1.07 -37.67 50.18
N ASN B 370 0.09 -37.81 50.81
CA ASN B 370 0.56 -36.74 51.68
C ASN B 370 1.21 -35.57 50.94
N PHE B 371 1.38 -35.67 49.62
CA PHE B 371 1.89 -34.54 48.85
C PHE B 371 0.83 -33.45 48.74
N TRP B 372 -0.44 -33.83 48.67
CA TRP B 372 -1.53 -32.87 48.78
C TRP B 372 -1.62 -32.35 50.21
N MET B 373 -2.19 -31.15 50.34
CA MET B 373 -2.59 -30.63 51.63
C MET B 373 -4.08 -30.86 51.83
N THR B 374 -4.46 -31.18 53.07
CA THR B 374 -5.83 -31.53 53.39
C THR B 374 -6.49 -30.42 54.20
N ARG B 375 -7.81 -30.52 54.31
CA ARG B 375 -8.56 -29.59 55.15
C ARG B 375 -8.28 -29.85 56.63
N GLN B 376 -8.09 -31.13 56.99
CA GLN B 376 -7.84 -31.53 58.37
C GLN B 376 -6.54 -30.95 58.90
N GLU B 377 -5.54 -30.85 58.01
CA GLU B 377 -4.32 -30.11 58.31
C GLU B 377 -4.59 -28.61 58.44
N TYR B 378 -5.63 -28.10 57.77
CA TYR B 378 -5.91 -26.67 57.84
C TYR B 378 -6.63 -26.30 59.14
N GLN B 379 -7.41 -27.19 59.79
CA GLN B 379 -7.82 -26.78 61.14
C GLN B 379 -6.77 -27.15 62.18
N GLU B 380 -5.98 -28.21 61.95
CA GLU B 380 -5.05 -28.61 63.00
C GLU B 380 -3.77 -27.77 62.96
N LYS B 381 -3.57 -26.99 61.89
CA LYS B 381 -2.39 -26.14 61.76
C LYS B 381 -2.74 -24.68 61.50
N GLY B 382 -3.92 -24.38 60.97
CA GLY B 382 -4.21 -22.98 60.66
C GLY B 382 -3.55 -22.54 59.37
N VAL B 383 -2.90 -21.37 59.41
CA VAL B 383 -2.34 -20.77 58.21
C VAL B 383 -0.95 -21.29 57.90
N ARG B 384 -0.28 -21.92 58.87
CA ARG B 384 1.09 -22.39 58.68
C ARG B 384 1.19 -23.69 57.91
N VAL B 385 0.06 -24.26 57.45
CA VAL B 385 0.13 -25.40 56.55
C VAL B 385 0.66 -24.98 55.17
N LEU B 386 0.48 -23.70 54.80
CA LEU B 386 1.14 -23.17 53.62
C LEU B 386 2.62 -22.90 53.90
N GLU B 387 2.97 -22.62 55.15
CA GLU B 387 4.38 -22.50 55.52
C GLU B 387 5.05 -23.87 55.51
N LYS B 388 4.30 -24.93 55.83
CA LYS B 388 4.80 -26.29 55.65
C LYS B 388 4.87 -26.64 54.17
N LEU B 389 3.96 -26.07 53.37
CA LEU B 389 3.99 -26.27 51.92
C LEU B 389 5.20 -25.60 51.28
N GLY B 390 5.54 -24.39 51.71
CA GLY B 390 6.68 -23.69 51.18
C GLY B 390 8.00 -24.14 51.78
N MET C 1 -2.18 -38.32 -22.69
CA MET C 1 -2.08 -36.90 -23.04
C MET C 1 -3.30 -36.16 -22.53
N SER C 2 -4.04 -36.81 -21.62
CA SER C 2 -5.29 -36.26 -21.10
C SER C 2 -4.98 -35.21 -20.05
N LEU C 3 -5.01 -33.95 -20.46
CA LEU C 3 -4.85 -32.84 -19.52
C LEU C 3 -6.11 -32.66 -18.68
N HIS C 4 -5.91 -32.07 -17.51
CA HIS C 4 -7.03 -31.63 -16.68
C HIS C 4 -6.55 -30.44 -15.89
N GLN C 5 -7.03 -29.25 -16.23
CA GLN C 5 -6.66 -28.06 -15.50
C GLN C 5 -7.37 -28.04 -14.15
N PHE C 6 -6.71 -28.57 -13.13
CA PHE C 6 -7.24 -28.54 -11.77
C PHE C 6 -7.27 -27.11 -11.25
N LEU C 7 -6.19 -26.36 -11.47
CA LEU C 7 -5.94 -25.11 -10.78
C LEU C 7 -5.49 -24.07 -11.78
N LEU C 8 -5.23 -22.86 -11.28
CA LEU C 8 -4.38 -21.88 -11.96
C LEU C 8 -3.17 -21.55 -11.11
N GLU C 9 -2.80 -22.45 -10.22
CA GLU C 9 -1.78 -22.26 -9.20
C GLU C 9 -0.81 -23.42 -9.26
N PRO C 10 0.41 -23.26 -8.74
CA PRO C 10 1.35 -24.38 -8.69
C PRO C 10 0.91 -25.49 -7.75
N ILE C 11 1.28 -26.72 -8.11
CA ILE C 11 1.05 -27.91 -7.31
C ILE C 11 2.41 -28.39 -6.82
N THR C 12 2.54 -28.55 -5.51
CA THR C 12 3.82 -28.97 -4.96
C THR C 12 4.06 -30.46 -5.15
N CYS C 13 3.08 -31.29 -4.77
CA CYS C 13 3.24 -32.74 -4.82
C CYS C 13 1.87 -33.37 -4.92
N HIS C 14 1.86 -34.65 -5.30
CA HIS C 14 0.61 -35.39 -5.45
C HIS C 14 0.87 -36.86 -5.15
N ALA C 15 -0.22 -37.58 -4.88
CA ALA C 15 -0.13 -39.01 -4.60
C ALA C 15 -1.43 -39.67 -5.02
N TRP C 16 -1.34 -40.97 -5.31
CA TRP C 16 -2.47 -41.77 -5.78
C TRP C 16 -2.78 -42.86 -4.78
N ASN C 17 -4.04 -43.30 -4.78
CA ASN C 17 -4.43 -44.43 -3.96
C ASN C 17 -4.22 -45.73 -4.76
N ARG C 18 -4.72 -46.85 -4.21
CA ARG C 18 -4.48 -48.14 -4.84
C ARG C 18 -5.37 -48.34 -6.06
N ASP C 19 -6.60 -47.81 -6.01
CA ASP C 19 -7.54 -48.02 -7.12
C ASP C 19 -7.36 -47.03 -8.25
N ARG C 20 -6.46 -46.05 -8.10
CA ARG C 20 -6.22 -44.93 -9.02
C ARG C 20 -7.48 -44.14 -9.30
N THR C 21 -8.32 -43.95 -8.28
CA THR C 21 -9.54 -43.18 -8.40
C THR C 21 -9.50 -41.88 -7.60
N GLN C 22 -8.61 -41.76 -6.63
CA GLN C 22 -8.47 -40.56 -5.83
C GLN C 22 -7.07 -40.00 -6.00
N ILE C 23 -6.97 -38.68 -5.92
CA ILE C 23 -5.69 -38.00 -5.96
C ILE C 23 -5.61 -37.11 -4.72
N ALA C 24 -4.40 -36.73 -4.33
CA ALA C 24 -4.18 -35.91 -3.15
C ALA C 24 -3.15 -34.84 -3.49
N LEU C 25 -3.62 -33.70 -4.00
CA LEU C 25 -2.73 -32.62 -4.38
C LEU C 25 -2.76 -31.49 -3.34
N SER C 26 -1.81 -30.58 -3.45
CA SER C 26 -1.70 -29.44 -2.55
C SER C 26 -1.65 -28.16 -3.36
N PRO C 27 -2.61 -27.24 -3.20
CA PRO C 27 -2.66 -26.02 -4.01
C PRO C 27 -1.83 -24.87 -3.44
N ASN C 28 -0.56 -25.15 -3.11
CA ASN C 28 0.50 -24.17 -2.78
C ASN C 28 0.17 -23.32 -1.54
N ASN C 29 -0.41 -23.97 -0.54
CA ASN C 29 -0.81 -23.25 0.66
C ASN C 29 -0.74 -24.23 1.84
N HIS C 30 -1.44 -23.90 2.93
CA HIS C 30 -1.45 -24.73 4.12
C HIS C 30 -2.63 -25.71 4.15
N GLU C 31 -3.08 -26.18 2.98
CA GLU C 31 -4.18 -27.14 2.89
C GLU C 31 -3.82 -28.27 1.95
N VAL C 32 -4.44 -29.43 2.18
CA VAL C 32 -4.33 -30.61 1.33
C VAL C 32 -5.72 -30.95 0.83
N HIS C 33 -5.86 -31.11 -0.48
CA HIS C 33 -7.15 -31.38 -1.10
C HIS C 33 -7.16 -32.77 -1.73
N ILE C 34 -8.31 -33.42 -1.69
CA ILE C 34 -8.52 -34.74 -2.26
C ILE C 34 -9.62 -34.63 -3.31
N TYR C 35 -9.39 -35.21 -4.50
CA TYR C 35 -10.34 -35.16 -5.60
C TYR C 35 -10.83 -36.57 -5.92
N LYS C 36 -12.10 -36.67 -6.34
CA LYS C 36 -12.75 -37.93 -6.66
C LYS C 36 -13.20 -37.91 -8.11
N LYS C 37 -12.87 -38.97 -8.85
CA LYS C 37 -13.31 -39.10 -10.23
C LYS C 37 -14.65 -39.82 -10.29
N ASN C 38 -15.64 -39.20 -10.92
CA ASN C 38 -16.89 -39.87 -11.21
C ASN C 38 -17.49 -39.36 -12.53
N GLY C 39 -18.08 -40.28 -13.28
CA GLY C 39 -18.55 -39.98 -14.62
C GLY C 39 -17.40 -39.69 -15.56
N GLY C 40 -17.24 -38.42 -15.91
CA GLY C 40 -16.06 -37.96 -16.61
C GLY C 40 -15.51 -36.72 -15.94
N GLN C 41 -15.89 -36.49 -14.69
CA GLN C 41 -15.59 -35.24 -14.00
C GLN C 41 -14.87 -35.52 -12.69
N TRP C 42 -14.10 -34.52 -12.25
CA TRP C 42 -13.39 -34.56 -10.98
C TRP C 42 -14.08 -33.61 -10.01
N VAL C 43 -14.54 -34.17 -8.89
CA VAL C 43 -15.29 -33.43 -7.88
C VAL C 43 -14.43 -33.35 -6.63
N LYS C 44 -14.39 -32.17 -6.00
CA LYS C 44 -13.65 -32.00 -4.75
C LYS C 44 -14.25 -32.82 -3.63
N ALA C 45 -13.39 -33.41 -2.82
CA ALA C 45 -13.77 -34.33 -1.75
C ALA C 45 -13.20 -33.73 -0.48
N HIS C 46 -13.04 -34.59 0.55
CA HIS C 46 -12.63 -34.21 1.90
C HIS C 46 -11.29 -33.47 1.92
N GLU C 47 -11.26 -32.37 2.67
CA GLU C 47 -10.12 -31.48 2.72
C GLU C 47 -9.39 -31.63 4.05
N LEU C 48 -8.08 -31.50 4.02
CA LEU C 48 -7.23 -31.70 5.20
C LEU C 48 -6.55 -30.38 5.55
N LYS C 49 -6.71 -29.95 6.81
CA LYS C 49 -6.07 -28.72 7.25
C LYS C 49 -5.62 -28.84 8.69
N GLU C 50 -4.31 -29.01 8.87
CA GLU C 50 -3.69 -28.94 10.19
C GLU C 50 -2.39 -28.16 10.21
N HIS C 51 -1.69 -28.02 9.08
CA HIS C 51 -0.41 -27.33 9.06
C HIS C 51 -0.62 -25.83 9.11
N ASN C 52 0.15 -25.15 9.95
CA ASN C 52 0.21 -23.70 9.91
C ASN C 52 1.35 -23.18 9.03
N GLY C 53 2.08 -24.07 8.37
CA GLY C 53 3.16 -23.68 7.50
C GLY C 53 2.83 -23.86 6.03
N HIS C 54 3.63 -24.64 5.33
CA HIS C 54 3.47 -24.87 3.90
C HIS C 54 3.85 -26.31 3.58
N ILE C 55 2.89 -27.08 3.08
CA ILE C 55 3.11 -28.51 2.82
C ILE C 55 4.03 -28.69 1.63
N THR C 56 5.12 -29.42 1.84
CA THR C 56 6.06 -29.74 0.79
C THR C 56 6.00 -31.22 0.37
N GLY C 57 5.74 -32.15 1.30
CA GLY C 57 5.65 -33.54 0.91
C GLY C 57 4.39 -34.27 1.32
N ILE C 58 3.79 -35.01 0.38
CA ILE C 58 2.60 -35.82 0.59
C ILE C 58 2.87 -37.22 0.08
N ASP C 59 2.61 -38.24 0.90
CA ASP C 59 2.68 -39.61 0.39
C ASP C 59 1.47 -40.40 0.85
N TRP C 60 0.99 -41.28 -0.03
CA TRP C 60 -0.13 -42.17 0.24
C TRP C 60 0.34 -43.61 0.10
N ALA C 61 0.10 -44.41 1.14
CA ALA C 61 0.41 -45.83 1.06
C ALA C 61 -0.61 -46.54 0.18
N PRO C 62 -0.18 -47.60 -0.55
CA PRO C 62 -1.13 -48.39 -1.35
C PRO C 62 -2.11 -49.19 -0.50
N LYS C 63 -1.61 -49.88 0.52
CA LYS C 63 -2.45 -50.61 1.45
C LYS C 63 -2.53 -49.84 2.76
N SER C 64 -3.63 -50.09 3.50
CA SER C 64 -4.08 -49.55 4.78
C SER C 64 -4.53 -48.08 4.71
N ASP C 65 -4.40 -47.40 3.55
CA ASP C 65 -4.79 -46.02 3.20
C ASP C 65 -4.49 -44.97 4.28
N ARG C 66 -3.19 -44.83 4.59
CA ARG C 66 -2.72 -43.81 5.51
C ARG C 66 -1.93 -42.78 4.72
N ILE C 67 -2.18 -41.50 4.99
CA ILE C 67 -1.57 -40.41 4.22
C ILE C 67 -0.63 -39.64 5.14
N VAL C 68 0.65 -39.57 4.78
CA VAL C 68 1.62 -38.83 5.58
C VAL C 68 1.90 -37.49 4.90
N THR C 69 1.87 -36.42 5.70
CA THR C 69 2.14 -35.07 5.21
C THR C 69 3.22 -34.42 6.05
N CYS C 70 4.19 -33.79 5.39
CA CYS C 70 5.20 -33.01 6.06
C CYS C 70 5.39 -31.68 5.34
N GLY C 71 5.78 -30.67 6.11
CA GLY C 71 5.87 -29.33 5.57
C GLY C 71 6.96 -28.47 6.15
N ALA C 72 6.88 -27.16 5.93
CA ALA C 72 7.91 -26.23 6.36
C ALA C 72 7.73 -25.76 7.80
N ASP C 73 6.71 -26.22 8.50
CA ASP C 73 6.48 -25.85 9.89
C ASP C 73 7.12 -26.83 10.87
N ARG C 74 8.10 -27.62 10.40
CA ARG C 74 8.87 -28.61 11.19
C ARG C 74 7.99 -29.64 11.87
N ASN C 75 6.96 -30.12 11.18
CA ASN C 75 6.02 -31.04 11.80
C ASN C 75 5.54 -32.06 10.78
N ALA C 76 5.08 -33.21 11.27
CA ALA C 76 4.63 -34.30 10.41
C ALA C 76 3.34 -34.90 10.96
N TYR C 77 2.41 -35.21 10.06
CA TYR C 77 1.13 -35.77 10.45
C TYR C 77 0.86 -37.05 9.66
N VAL C 78 0.21 -38.00 10.33
CA VAL C 78 -0.27 -39.23 9.71
C VAL C 78 -1.79 -39.22 9.77
N TRP C 79 -2.43 -39.23 8.62
CA TRP C 79 -3.88 -39.11 8.51
C TRP C 79 -4.47 -40.48 8.24
N SER C 80 -5.44 -40.86 9.07
CA SER C 80 -6.12 -42.15 8.96
C SER C 80 -7.60 -41.95 8.71
N GLN C 81 -8.17 -42.85 7.92
CA GLN C 81 -9.56 -42.75 7.49
C GLN C 81 -10.46 -43.50 8.46
N LYS C 82 -11.53 -42.85 8.91
CA LYS C 82 -12.51 -43.50 9.77
C LYS C 82 -13.88 -42.85 9.53
N ASP C 83 -14.83 -43.67 9.08
CA ASP C 83 -16.27 -43.35 9.02
C ASP C 83 -16.58 -42.16 8.11
N GLY C 84 -15.77 -41.95 7.09
CA GLY C 84 -15.91 -40.83 6.19
C GLY C 84 -14.97 -39.67 6.44
N VAL C 85 -14.43 -39.54 7.65
CA VAL C 85 -13.60 -38.37 7.96
C VAL C 85 -12.16 -38.82 8.18
N TRP C 86 -11.22 -37.95 7.83
CA TRP C 86 -9.79 -38.23 8.01
C TRP C 86 -9.34 -37.54 9.30
N LYS C 87 -8.63 -38.28 10.14
CA LYS C 87 -8.16 -37.70 11.38
C LYS C 87 -6.64 -37.76 11.46
N PRO C 88 -5.98 -36.72 11.98
CA PRO C 88 -4.53 -36.71 12.03
C PRO C 88 -3.98 -37.28 13.33
N THR C 89 -2.72 -37.68 13.27
CA THR C 89 -1.95 -38.11 14.43
C THR C 89 -0.57 -37.48 14.32
N LEU C 90 -0.11 -36.89 15.42
CA LEU C 90 1.14 -36.13 15.46
C LEU C 90 2.34 -37.06 15.42
N VAL C 91 3.38 -36.66 14.68
CA VAL C 91 4.67 -37.31 14.71
C VAL C 91 5.70 -36.30 15.19
N ILE C 92 6.42 -36.64 16.26
CA ILE C 92 7.50 -35.80 16.76
C ILE C 92 8.72 -36.12 15.91
N LEU C 93 9.40 -35.07 15.46
CA LEU C 93 10.51 -35.26 14.53
C LEU C 93 11.87 -34.96 15.18
N ARG C 94 11.86 -34.15 16.25
CA ARG C 94 13.05 -33.56 16.89
C ARG C 94 13.94 -32.84 15.88
N ILE C 95 13.29 -32.04 15.04
CA ILE C 95 13.94 -31.32 13.96
C ILE C 95 13.83 -29.83 14.28
N ASN C 96 14.72 -29.02 13.70
CA ASN C 96 14.75 -27.60 14.03
C ASN C 96 14.90 -26.68 12.83
N ARG C 97 14.96 -27.21 11.61
CA ARG C 97 15.11 -26.34 10.44
C ARG C 97 13.92 -26.38 9.50
N ALA C 98 13.59 -27.55 8.94
CA ALA C 98 12.57 -27.71 7.90
C ALA C 98 12.34 -29.19 7.69
N ALA C 99 11.37 -29.48 6.82
CA ALA C 99 11.18 -30.82 6.26
C ALA C 99 10.89 -30.68 4.78
N THR C 100 11.60 -31.47 3.97
CA THR C 100 11.58 -31.24 2.52
C THR C 100 11.03 -32.37 1.68
N PHE C 101 11.05 -33.62 2.12
CA PHE C 101 10.61 -34.72 1.28
C PHE C 101 10.24 -35.88 2.19
N VAL C 102 9.26 -36.69 1.76
CA VAL C 102 8.81 -37.81 2.59
C VAL C 102 8.42 -38.99 1.70
N LYS C 103 8.77 -40.20 2.12
CA LYS C 103 8.34 -41.40 1.39
C LYS C 103 8.13 -42.56 2.34
N TRP C 104 7.06 -43.33 2.11
CA TRP C 104 6.78 -44.55 2.83
C TRP C 104 7.79 -45.64 2.49
N SER C 105 7.89 -46.62 3.37
CA SER C 105 8.61 -47.85 3.10
C SER C 105 7.74 -48.75 2.22
N PRO C 106 8.34 -49.70 1.49
CA PRO C 106 7.52 -50.64 0.69
C PRO C 106 6.67 -51.59 1.51
N LEU C 107 7.06 -51.92 2.74
CA LEU C 107 6.27 -52.79 3.59
C LEU C 107 5.42 -52.04 4.61
N GLU C 108 5.39 -50.70 4.53
CA GLU C 108 4.48 -49.80 5.24
C GLU C 108 4.61 -49.90 6.77
N ASN C 109 5.85 -49.96 7.26
CA ASN C 109 6.08 -49.90 8.70
C ASN C 109 6.95 -48.72 9.12
N LYS C 110 7.78 -48.18 8.24
CA LYS C 110 8.56 -46.98 8.51
C LYS C 110 8.26 -45.95 7.44
N PHE C 111 8.69 -44.71 7.68
CA PHE C 111 8.73 -43.74 6.60
C PHE C 111 9.91 -42.79 6.82
N ALA C 112 10.46 -42.29 5.72
CA ALA C 112 11.67 -41.48 5.74
C ALA C 112 11.36 -40.05 5.34
N VAL C 113 11.91 -39.10 6.12
CA VAL C 113 11.72 -37.68 5.92
C VAL C 113 13.08 -37.03 5.76
N GLY C 114 13.31 -36.39 4.62
CA GLY C 114 14.48 -35.55 4.47
C GLY C 114 14.26 -34.18 5.07
N SER C 115 15.36 -33.51 5.39
CA SER C 115 15.23 -32.25 6.13
C SER C 115 16.37 -31.32 5.76
N GLY C 116 16.17 -30.05 6.10
CA GLY C 116 17.16 -29.01 5.96
C GLY C 116 18.12 -28.86 7.11
N ALA C 117 18.00 -29.70 8.13
CA ALA C 117 18.94 -29.71 9.25
C ALA C 117 20.03 -30.74 9.09
N ARG C 118 20.37 -31.09 7.83
CA ARG C 118 21.49 -31.97 7.44
C ARG C 118 21.39 -33.36 8.05
N LEU C 119 20.17 -33.89 8.11
CA LEU C 119 19.97 -35.24 8.62
C LEU C 119 18.72 -35.83 7.95
N ILE C 120 18.58 -37.15 8.09
CA ILE C 120 17.43 -37.88 7.57
C ILE C 120 16.73 -38.54 8.74
N SER C 121 15.43 -38.31 8.87
CA SER C 121 14.64 -38.85 9.98
C SER C 121 13.90 -40.10 9.49
N VAL C 122 14.18 -41.23 10.11
CA VAL C 122 13.43 -42.46 9.88
C VAL C 122 12.47 -42.64 11.03
N CYS C 123 11.17 -42.64 10.74
CA CYS C 123 10.15 -42.71 11.77
C CYS C 123 9.44 -44.05 11.70
N TYR C 124 9.23 -44.66 12.87
CA TYR C 124 8.52 -45.93 13.00
C TYR C 124 7.49 -45.80 14.09
N PHE C 125 6.61 -46.79 14.19
CA PHE C 125 5.44 -46.71 15.05
C PHE C 125 5.65 -47.49 16.34
N GLU C 126 5.32 -46.86 17.47
CA GLU C 126 5.36 -47.49 18.78
C GLU C 126 3.94 -47.55 19.32
N SER C 127 3.41 -48.76 19.45
CA SER C 127 2.07 -49.01 19.97
C SER C 127 2.06 -49.29 21.47
N GLU C 128 3.23 -49.28 22.12
CA GLU C 128 3.28 -49.47 23.57
C GLU C 128 2.71 -48.26 24.30
N ASN C 129 2.97 -47.07 23.76
CA ASN C 129 2.36 -45.85 24.27
C ASN C 129 1.78 -44.99 23.14
N ASP C 130 1.72 -45.56 21.92
CA ASP C 130 0.95 -45.06 20.77
C ASP C 130 1.41 -43.68 20.29
N TRP C 131 2.67 -43.61 19.86
CA TRP C 131 3.12 -42.50 19.03
C TRP C 131 4.12 -43.00 18.01
N TRP C 132 4.85 -42.08 17.40
CA TRP C 132 5.81 -42.38 16.36
C TRP C 132 7.19 -41.91 16.80
N VAL C 133 8.15 -42.79 16.76
CA VAL C 133 9.50 -42.54 17.26
C VAL C 133 10.42 -42.35 16.06
N SER C 134 11.26 -41.30 16.13
CA SER C 134 12.15 -40.94 15.04
C SER C 134 13.60 -41.25 15.41
N LYS C 135 14.37 -41.66 14.41
CA LYS C 135 15.81 -41.84 14.53
C LYS C 135 16.48 -41.02 13.44
N HIS C 136 17.72 -40.61 13.71
CA HIS C 136 18.42 -39.66 12.85
C HIS C 136 19.63 -40.29 12.19
N ILE C 137 19.83 -39.98 10.91
CA ILE C 137 21.04 -40.29 10.18
C ILE C 137 21.71 -38.97 9.83
N LYS C 138 22.92 -38.76 10.34
CA LYS C 138 23.59 -37.46 10.27
C LYS C 138 24.88 -37.50 9.47
N LYS C 139 25.78 -38.42 9.78
CA LYS C 139 27.14 -38.35 9.26
C LYS C 139 27.34 -39.37 8.13
N PRO C 140 27.95 -38.98 7.01
CA PRO C 140 28.32 -37.62 6.58
C PRO C 140 27.29 -36.98 5.67
N ILE C 141 26.57 -35.97 6.15
CA ILE C 141 25.71 -35.13 5.31
C ILE C 141 26.00 -33.68 5.69
N ARG C 142 26.43 -32.89 4.72
CA ARG C 142 26.87 -31.52 5.00
C ARG C 142 25.99 -30.46 4.34
N SER C 143 24.79 -30.83 3.91
CA SER C 143 23.96 -29.91 3.14
C SER C 143 22.49 -30.32 3.28
N THR C 144 21.64 -29.63 2.53
CA THR C 144 20.21 -29.88 2.58
C THR C 144 19.84 -31.09 1.71
N VAL C 145 19.15 -32.05 2.30
CA VAL C 145 18.72 -33.25 1.61
C VAL C 145 17.51 -32.92 0.75
N LEU C 146 17.57 -33.29 -0.54
CA LEU C 146 16.49 -32.97 -1.46
C LEU C 146 15.69 -34.17 -1.93
N SER C 147 16.28 -35.36 -2.03
CA SER C 147 15.52 -36.47 -2.60
C SER C 147 15.86 -37.77 -1.92
N LEU C 148 14.85 -38.61 -1.72
CA LEU C 148 14.98 -39.92 -1.10
C LEU C 148 14.31 -40.98 -1.98
N ASP C 149 14.78 -42.21 -1.85
CA ASP C 149 14.10 -43.34 -2.48
C ASP C 149 14.41 -44.60 -1.66
N TRP C 150 13.45 -45.52 -1.62
CA TRP C 150 13.57 -46.74 -0.83
C TRP C 150 13.88 -47.93 -1.72
N HIS C 151 14.85 -48.74 -1.30
CA HIS C 151 15.15 -49.99 -1.96
C HIS C 151 14.01 -50.99 -1.74
N PRO C 152 13.72 -51.88 -2.72
CA PRO C 152 12.68 -52.90 -2.54
C PRO C 152 13.10 -54.16 -1.77
N ASN C 153 13.79 -53.96 -0.64
CA ASN C 153 13.89 -55.00 0.37
C ASN C 153 13.79 -54.42 1.78
N ASN C 154 13.18 -53.24 1.93
CA ASN C 154 12.84 -52.56 3.18
C ASN C 154 14.05 -52.18 4.03
N VAL C 155 15.26 -52.13 3.46
CA VAL C 155 16.44 -51.83 4.25
C VAL C 155 17.15 -50.58 3.73
N LEU C 156 17.62 -50.62 2.48
CA LEU C 156 18.53 -49.59 2.00
C LEU C 156 17.75 -48.34 1.57
N LEU C 157 18.44 -47.21 1.59
CA LEU C 157 17.85 -45.92 1.27
C LEU C 157 18.84 -45.14 0.41
N ALA C 158 18.32 -44.40 -0.57
CA ALA C 158 19.14 -43.58 -1.44
C ALA C 158 18.80 -42.12 -1.23
N ALA C 159 19.82 -41.28 -1.06
CA ALA C 159 19.62 -39.89 -0.73
C ALA C 159 20.49 -38.99 -1.61
N GLY C 160 19.86 -37.97 -2.17
CA GLY C 160 20.57 -36.94 -2.93
C GLY C 160 20.35 -35.60 -2.28
N SER C 161 21.44 -34.83 -2.15
CA SER C 161 21.45 -33.62 -1.36
C SER C 161 22.16 -32.50 -2.12
N CYS C 162 22.39 -31.39 -1.41
CA CYS C 162 22.95 -30.19 -2.02
C CYS C 162 24.47 -30.14 -1.95
N ASP C 163 25.13 -31.17 -1.43
CA ASP C 163 26.59 -31.21 -1.42
C ASP C 163 27.16 -31.98 -2.62
N PHE C 164 26.42 -31.98 -3.73
CA PHE C 164 26.84 -32.48 -5.06
C PHE C 164 27.13 -33.97 -5.08
N LYS C 165 26.57 -34.74 -4.13
CA LYS C 165 26.86 -36.16 -4.06
C LYS C 165 25.59 -36.92 -3.75
N CYS C 166 25.53 -38.16 -4.25
CA CYS C 166 24.43 -39.09 -4.00
C CYS C 166 24.96 -40.27 -3.21
N ARG C 167 24.30 -40.62 -2.11
CA ARG C 167 24.83 -41.66 -1.26
C ARG C 167 23.73 -42.61 -0.78
N VAL C 168 24.13 -43.85 -0.53
CA VAL C 168 23.22 -44.93 -0.17
C VAL C 168 23.48 -45.30 1.28
N PHE C 169 22.46 -45.13 2.11
CA PHE C 169 22.52 -45.47 3.53
C PHE C 169 21.76 -46.77 3.79
N SER C 170 22.00 -47.33 4.97
CA SER C 170 21.33 -48.54 5.41
C SER C 170 20.53 -48.22 6.66
N ALA C 171 19.23 -48.00 6.50
CA ALA C 171 18.33 -47.69 7.61
C ALA C 171 17.67 -48.99 8.07
N TYR C 172 18.02 -49.42 9.28
CA TYR C 172 17.55 -50.71 9.77
C TYR C 172 17.24 -50.57 11.25
N ILE C 173 15.98 -50.77 11.62
CA ILE C 173 15.53 -50.73 13.00
C ILE C 173 15.25 -52.15 13.45
N LYS C 174 15.85 -52.54 14.59
CA LYS C 174 15.82 -53.93 15.02
C LYS C 174 14.46 -54.36 15.53
N GLU C 175 13.63 -53.42 15.98
CA GLU C 175 12.36 -53.78 16.59
C GLU C 175 11.31 -54.10 15.53
N VAL C 176 11.36 -53.45 14.37
CA VAL C 176 10.28 -53.53 13.40
C VAL C 176 10.69 -54.24 12.13
N ASP C 177 11.90 -54.80 12.07
CA ASP C 177 12.35 -55.47 10.86
C ASP C 177 13.00 -56.80 11.21
N GLU C 178 13.01 -57.70 10.24
CA GLU C 178 13.71 -58.97 10.37
C GLU C 178 15.14 -58.85 9.87
N LYS C 179 15.86 -59.96 9.91
CA LYS C 179 17.27 -59.95 9.54
C LYS C 179 17.41 -59.89 8.02
N PRO C 180 18.12 -58.89 7.48
CA PRO C 180 18.24 -58.78 6.02
C PRO C 180 19.20 -59.80 5.45
N ALA C 181 19.00 -60.10 4.17
CA ALA C 181 19.89 -60.98 3.43
C ALA C 181 20.99 -60.16 2.77
N SER C 182 21.91 -60.87 2.12
CA SER C 182 23.04 -60.22 1.48
C SER C 182 22.62 -59.55 0.17
N THR C 183 23.21 -58.39 -0.09
CA THR C 183 22.96 -57.59 -1.27
C THR C 183 24.27 -57.40 -2.01
N PRO C 184 24.23 -57.12 -3.32
CA PRO C 184 25.47 -56.75 -4.02
C PRO C 184 26.03 -55.39 -3.62
N TRP C 185 25.24 -54.53 -2.99
CA TRP C 185 25.75 -53.24 -2.52
C TRP C 185 26.69 -53.42 -1.33
N GLY C 186 26.35 -54.32 -0.41
CA GLY C 186 27.19 -54.54 0.75
C GLY C 186 26.72 -55.74 1.54
N SER C 187 27.52 -56.10 2.53
CA SER C 187 27.24 -57.24 3.39
C SER C 187 26.96 -56.87 4.83
N LYS C 188 27.75 -55.97 5.41
CA LYS C 188 27.55 -55.50 6.78
C LYS C 188 26.64 -54.28 6.74
N MET C 189 25.43 -54.41 7.28
CA MET C 189 24.44 -53.33 7.25
C MET C 189 23.88 -53.02 8.63
N PRO C 190 24.61 -52.26 9.44
CA PRO C 190 23.98 -51.71 10.66
C PRO C 190 23.21 -50.44 10.33
N PHE C 191 22.64 -49.84 11.37
CA PHE C 191 21.84 -48.64 11.18
C PHE C 191 22.74 -47.43 10.95
N GLY C 192 22.43 -46.64 9.92
CA GLY C 192 23.17 -45.44 9.63
C GLY C 192 24.44 -45.64 8.83
N GLN C 193 24.72 -46.85 8.39
CA GLN C 193 25.96 -47.12 7.67
C GLN C 193 25.85 -46.67 6.22
N LEU C 194 26.87 -45.96 5.75
CA LEU C 194 27.00 -45.59 4.36
C LEU C 194 27.53 -46.80 3.59
N MET C 195 26.89 -47.12 2.47
CA MET C 195 27.35 -48.19 1.61
C MET C 195 28.26 -47.69 0.50
N SER C 196 27.84 -46.66 -0.22
CA SER C 196 28.67 -46.04 -1.25
C SER C 196 28.34 -44.57 -1.32
N GLU C 197 29.29 -43.79 -1.85
CA GLU C 197 29.12 -42.34 -1.99
C GLU C 197 29.56 -41.97 -3.41
N PHE C 198 28.63 -42.02 -4.35
CA PHE C 198 28.89 -41.57 -5.70
C PHE C 198 28.78 -40.05 -5.77
N GLY C 199 29.38 -39.47 -6.81
CA GLY C 199 29.26 -38.04 -7.01
C GLY C 199 30.38 -37.54 -7.87
N GLY C 200 30.11 -36.40 -8.52
CA GLY C 200 31.11 -35.77 -9.34
C GLY C 200 32.02 -34.87 -8.53
N SER C 201 33.30 -35.23 -8.43
CA SER C 201 34.26 -34.34 -7.81
C SER C 201 34.62 -33.20 -8.77
N GLY C 202 35.06 -32.09 -8.20
CA GLY C 202 35.35 -30.92 -9.00
C GLY C 202 34.08 -30.20 -9.40
N THR C 203 33.67 -30.36 -10.66
CA THR C 203 32.39 -29.85 -11.09
C THR C 203 31.27 -30.69 -10.48
N GLY C 204 30.10 -30.07 -10.31
CA GLY C 204 28.98 -30.77 -9.73
C GLY C 204 27.80 -29.86 -9.57
N GLY C 205 26.63 -30.47 -9.40
CA GLY C 205 25.41 -29.73 -9.18
C GLY C 205 24.58 -30.44 -8.13
N TRP C 206 23.48 -29.79 -7.76
CA TRP C 206 22.58 -30.33 -6.75
C TRP C 206 21.79 -31.49 -7.34
N VAL C 207 21.74 -32.59 -6.60
CA VAL C 207 21.04 -33.79 -7.06
C VAL C 207 19.55 -33.61 -6.76
N HIS C 208 18.73 -33.61 -7.81
CA HIS C 208 17.31 -33.37 -7.65
C HIS C 208 16.49 -34.64 -7.53
N GLY C 209 16.89 -35.70 -8.20
CA GLY C 209 16.07 -36.91 -8.20
C GLY C 209 16.87 -38.19 -8.30
N VAL C 210 16.52 -39.17 -7.45
CA VAL C 210 17.13 -40.49 -7.43
C VAL C 210 16.02 -41.52 -7.64
N SER C 211 16.44 -42.71 -8.10
CA SER C 211 15.51 -43.81 -8.33
C SER C 211 16.26 -45.14 -8.31
N PHE C 212 15.62 -46.16 -7.73
CA PHE C 212 16.11 -47.52 -7.80
C PHE C 212 15.45 -48.27 -8.97
N SER C 213 15.68 -49.57 -9.03
CA SER C 213 15.10 -50.42 -10.06
C SER C 213 14.10 -51.38 -9.45
N ALA C 214 13.49 -52.19 -10.33
CA ALA C 214 12.64 -53.28 -9.85
C ALA C 214 13.47 -54.40 -9.25
N SER C 215 14.62 -54.69 -9.84
CA SER C 215 15.50 -55.71 -9.28
C SER C 215 16.26 -55.19 -8.06
N GLY C 216 16.45 -53.87 -7.97
CA GLY C 216 17.15 -53.28 -6.85
C GLY C 216 18.65 -53.23 -6.98
N SER C 217 19.21 -53.51 -8.16
CA SER C 217 20.65 -53.53 -8.35
C SER C 217 21.17 -52.38 -9.20
N ARG C 218 20.32 -51.43 -9.57
CA ARG C 218 20.76 -50.29 -10.37
C ARG C 218 20.16 -49.02 -9.79
N LEU C 219 20.95 -47.95 -9.77
CA LEU C 219 20.51 -46.67 -9.24
C LEU C 219 20.69 -45.61 -10.31
N ALA C 220 19.79 -44.62 -10.32
CA ALA C 220 19.94 -43.53 -11.28
C ALA C 220 19.64 -42.21 -10.60
N TRP C 221 20.44 -41.20 -10.92
CA TRP C 221 20.14 -39.88 -10.40
C TRP C 221 20.44 -38.81 -11.45
N VAL C 222 19.68 -37.73 -11.36
CA VAL C 222 19.88 -36.57 -12.24
C VAL C 222 20.49 -35.44 -11.42
N SER C 223 21.11 -34.50 -12.10
CA SER C 223 21.73 -33.38 -11.41
C SER C 223 21.37 -32.07 -12.10
N HIS C 224 21.89 -30.97 -11.54
CA HIS C 224 21.68 -29.64 -12.08
C HIS C 224 22.70 -29.26 -13.14
N ASP C 225 23.56 -30.19 -13.55
CA ASP C 225 24.47 -29.98 -14.66
C ASP C 225 23.89 -30.41 -15.99
N SER C 226 22.56 -30.64 -16.04
CA SER C 226 21.83 -31.30 -17.12
C SER C 226 22.43 -32.68 -17.44
N THR C 227 22.82 -33.40 -16.40
CA THR C 227 23.44 -34.71 -16.55
C THR C 227 22.60 -35.75 -15.83
N VAL C 228 22.54 -36.92 -16.44
CA VAL C 228 21.84 -38.08 -15.88
C VAL C 228 22.85 -39.22 -15.77
N SER C 229 22.85 -39.93 -14.66
CA SER C 229 23.85 -40.97 -14.47
C SER C 229 23.24 -42.20 -13.81
N VAL C 230 23.77 -43.36 -14.21
CA VAL C 230 23.31 -44.66 -13.74
C VAL C 230 24.49 -45.39 -13.13
N ALA C 231 24.34 -45.81 -11.88
CA ALA C 231 25.34 -46.60 -11.17
C ALA C 231 24.88 -48.05 -11.09
N ASP C 232 25.76 -48.97 -11.44
CA ASP C 232 25.50 -50.40 -11.36
C ASP C 232 26.36 -50.99 -10.26
N ALA C 233 25.74 -51.77 -9.37
CA ALA C 233 26.47 -52.34 -8.25
C ALA C 233 27.01 -53.72 -8.59
N SER C 234 26.40 -54.41 -9.57
CA SER C 234 26.85 -55.75 -9.92
C SER C 234 28.14 -55.73 -10.71
N LYS C 235 28.33 -54.70 -11.55
CA LYS C 235 29.52 -54.60 -12.40
C LYS C 235 30.64 -53.84 -11.68
N SER C 236 31.07 -54.41 -10.55
CA SER C 236 32.16 -53.93 -9.67
C SER C 236 31.93 -52.52 -9.15
N VAL C 237 30.65 -52.13 -8.99
CA VAL C 237 30.14 -50.83 -8.55
C VAL C 237 30.72 -49.72 -9.43
N GLN C 238 30.21 -49.60 -10.65
CA GLN C 238 30.68 -48.58 -11.58
C GLN C 238 29.56 -47.58 -11.87
N VAL C 239 29.95 -46.49 -12.52
CA VAL C 239 29.05 -45.37 -12.80
C VAL C 239 29.17 -45.00 -14.28
N SER C 240 28.05 -44.64 -14.89
CA SER C 240 28.03 -44.16 -16.26
C SER C 240 27.24 -42.86 -16.32
N THR C 241 27.86 -41.80 -16.83
CA THR C 241 27.26 -40.48 -16.86
C THR C 241 26.92 -40.09 -18.28
N LEU C 242 26.01 -39.15 -18.42
CA LEU C 242 25.63 -38.59 -19.71
C LEU C 242 25.31 -37.12 -19.55
N LYS C 243 25.96 -36.29 -20.36
CA LYS C 243 25.74 -34.85 -20.38
C LYS C 243 24.80 -34.52 -21.53
N THR C 244 23.66 -33.93 -21.21
CA THR C 244 22.69 -33.53 -22.21
C THR C 244 22.89 -32.07 -22.59
N GLU C 245 22.24 -31.65 -23.66
CA GLU C 245 22.30 -30.27 -24.13
C GLU C 245 21.07 -29.46 -23.75
N PHE C 246 20.15 -30.03 -22.96
CA PHE C 246 18.91 -29.36 -22.61
C PHE C 246 19.03 -28.69 -21.25
N LEU C 247 17.89 -28.21 -20.75
CA LEU C 247 17.79 -27.60 -19.43
C LEU C 247 17.84 -28.69 -18.36
N PRO C 248 18.16 -28.34 -17.09
CA PRO C 248 18.21 -29.36 -16.03
C PRO C 248 16.86 -29.99 -15.71
N LEU C 249 16.93 -31.21 -15.19
CA LEU C 249 15.77 -32.05 -14.95
C LEU C 249 15.53 -32.17 -13.45
N LEU C 250 14.27 -32.37 -13.06
CA LEU C 250 13.91 -32.35 -11.65
C LEU C 250 13.46 -33.69 -11.10
N SER C 251 12.90 -34.57 -11.93
CA SER C 251 12.41 -35.84 -11.43
C SER C 251 12.77 -36.95 -12.39
N VAL C 252 12.95 -38.15 -11.86
CA VAL C 252 13.44 -39.28 -12.64
C VAL C 252 12.91 -40.56 -12.01
N SER C 253 12.73 -41.59 -12.85
CA SER C 253 12.29 -42.91 -12.41
C SER C 253 12.67 -43.94 -13.47
N PHE C 254 13.20 -45.09 -13.03
CA PHE C 254 13.23 -46.27 -13.89
C PHE C 254 11.82 -46.71 -14.23
N VAL C 255 11.57 -46.89 -15.53
CA VAL C 255 10.27 -47.34 -15.98
C VAL C 255 10.35 -48.83 -16.32
N SER C 256 11.56 -49.36 -16.40
CA SER C 256 11.82 -50.77 -16.65
C SER C 256 13.19 -51.11 -16.09
N GLU C 257 13.73 -52.25 -16.47
CA GLU C 257 15.10 -52.58 -16.08
C GLU C 257 16.12 -51.77 -16.89
N ASN C 258 15.82 -51.53 -18.18
CA ASN C 258 16.80 -50.92 -19.07
C ASN C 258 16.23 -49.69 -19.79
N SER C 259 15.37 -48.92 -19.12
CA SER C 259 14.85 -47.70 -19.71
C SER C 259 14.53 -46.72 -18.58
N VAL C 260 14.75 -45.43 -18.83
CA VAL C 260 14.51 -44.42 -17.81
C VAL C 260 13.84 -43.20 -18.44
N VAL C 261 12.86 -42.64 -17.73
CA VAL C 261 12.08 -41.50 -18.17
C VAL C 261 12.35 -40.34 -17.21
N ALA C 262 12.66 -39.17 -17.77
CA ALA C 262 12.97 -38.01 -16.95
C ALA C 262 12.20 -36.80 -17.45
N ALA C 263 12.09 -35.79 -16.59
CA ALA C 263 11.41 -34.55 -16.94
C ALA C 263 11.98 -33.42 -16.08
N GLY C 264 11.70 -32.19 -16.51
CA GLY C 264 12.24 -31.05 -15.79
C GLY C 264 11.84 -29.69 -16.33
N HIS C 265 12.82 -28.79 -16.46
CA HIS C 265 12.56 -27.42 -16.89
C HIS C 265 12.37 -27.29 -18.39
N ASP C 266 12.56 -28.37 -19.16
CA ASP C 266 12.32 -28.34 -20.59
C ASP C 266 10.85 -28.55 -20.93
N CYS C 267 10.01 -28.82 -19.91
CA CYS C 267 8.56 -29.05 -19.93
C CYS C 267 8.16 -30.35 -20.62
N CYS C 268 9.11 -31.19 -21.00
CA CYS C 268 8.84 -32.34 -21.85
C CYS C 268 9.56 -33.57 -21.29
N PRO C 269 8.86 -34.70 -21.12
CA PRO C 269 9.54 -35.91 -20.68
C PRO C 269 10.36 -36.54 -21.80
N MET C 270 11.50 -37.10 -21.41
CA MET C 270 12.47 -37.66 -22.35
C MET C 270 12.85 -39.06 -21.89
N LEU C 271 13.28 -39.88 -22.86
CA LEU C 271 13.58 -41.28 -22.63
C LEU C 271 15.06 -41.56 -22.88
N PHE C 272 15.67 -42.33 -21.99
CA PHE C 272 17.06 -42.73 -22.14
C PHE C 272 17.16 -44.24 -21.98
N ASN C 273 18.17 -44.81 -22.63
CA ASN C 273 18.42 -46.25 -22.68
C ASN C 273 19.72 -46.56 -21.97
N TYR C 274 19.76 -47.72 -21.30
CA TYR C 274 20.93 -48.22 -20.62
C TYR C 274 21.08 -49.70 -20.93
N ASP C 275 22.08 -50.05 -21.74
CA ASP C 275 22.30 -51.44 -22.11
C ASP C 275 23.04 -52.17 -21.00
N ASP C 276 23.23 -53.48 -21.20
CA ASP C 276 23.87 -54.31 -20.19
C ASP C 276 25.38 -54.13 -20.14
N ARG C 277 25.98 -53.71 -21.26
CA ARG C 277 27.41 -53.42 -21.26
C ARG C 277 27.70 -52.12 -20.52
N GLY C 278 26.76 -51.18 -20.57
CA GLY C 278 26.82 -49.93 -19.85
C GLY C 278 27.16 -48.75 -20.74
N CYS C 279 26.10 -48.09 -21.21
CA CYS C 279 26.15 -46.91 -22.07
C CYS C 279 24.82 -46.18 -21.92
N LEU C 280 24.83 -44.93 -21.50
CA LEU C 280 23.62 -44.15 -21.35
C LEU C 280 23.43 -43.31 -22.60
N THR C 281 22.38 -43.62 -23.36
CA THR C 281 22.15 -42.99 -24.66
C THR C 281 20.80 -42.30 -24.66
N PHE C 282 20.78 -41.07 -25.18
CA PHE C 282 19.52 -40.36 -25.37
C PHE C 282 18.76 -40.96 -26.53
N VAL C 283 17.47 -41.21 -26.35
CA VAL C 283 16.69 -41.84 -27.40
C VAL C 283 15.80 -40.83 -28.09
N SER C 284 14.82 -40.29 -27.35
CA SER C 284 13.83 -39.38 -27.93
C SER C 284 13.12 -38.61 -26.83
N LYS C 285 12.59 -37.45 -27.21
CA LYS C 285 11.62 -36.74 -26.40
C LYS C 285 10.28 -37.43 -26.56
N LEU C 286 9.56 -37.64 -25.45
CA LEU C 286 8.28 -38.34 -25.53
C LEU C 286 7.19 -37.44 -26.10
N ASP C 287 7.18 -36.17 -25.70
CA ASP C 287 6.20 -35.22 -26.23
C ASP C 287 6.75 -34.66 -27.54
N ILE C 288 6.41 -35.33 -28.63
CA ILE C 288 6.70 -34.80 -29.96
C ILE C 288 5.77 -33.63 -30.24
N PRO C 289 6.22 -32.57 -30.92
CA PRO C 289 5.28 -31.54 -31.37
C PRO C 289 4.32 -32.07 -32.42
N LYS C 290 3.09 -31.55 -32.38
CA LYS C 290 2.05 -32.01 -33.30
C LYS C 290 2.29 -31.44 -34.68
N GLN C 291 1.89 -32.20 -35.70
CA GLN C 291 1.98 -31.72 -37.09
C GLN C 291 0.74 -30.89 -37.40
N SER C 292 0.78 -29.64 -36.95
CA SER C 292 -0.33 -28.72 -37.14
C SER C 292 0.16 -27.37 -37.64
N ARG C 315 0.80 -10.77 -29.43
CA ARG C 315 1.46 -12.03 -29.76
C ARG C 315 1.27 -13.06 -28.67
N ASN C 316 0.86 -14.26 -29.06
CA ASN C 316 0.81 -15.41 -28.17
C ASN C 316 2.08 -16.22 -28.40
N THR C 317 2.74 -16.60 -27.30
CA THR C 317 3.96 -17.41 -27.40
C THR C 317 3.63 -18.83 -27.84
N ALA C 318 2.86 -19.55 -27.01
CA ALA C 318 2.22 -20.85 -27.30
C ALA C 318 3.26 -21.92 -27.66
N LEU C 319 4.04 -22.29 -26.64
CA LEU C 319 5.04 -23.34 -26.76
C LEU C 319 4.40 -24.66 -27.14
N GLU C 320 4.99 -25.36 -28.11
CA GLU C 320 4.37 -26.56 -28.68
C GLU C 320 4.63 -27.78 -27.79
N THR C 321 4.06 -27.75 -26.59
CA THR C 321 4.25 -28.74 -25.54
C THR C 321 2.96 -28.70 -24.74
N LEU C 322 2.52 -29.88 -24.26
CA LEU C 322 1.21 -29.96 -23.62
C LEU C 322 1.23 -29.31 -22.24
N HIS C 323 2.38 -29.33 -21.57
CA HIS C 323 2.58 -28.57 -20.35
C HIS C 323 3.10 -27.17 -20.70
N GLN C 324 2.60 -26.16 -19.98
CA GLN C 324 3.01 -24.79 -20.22
C GLN C 324 4.07 -24.30 -19.24
N ASN C 325 4.48 -25.13 -18.29
CA ASN C 325 5.49 -24.73 -17.32
C ASN C 325 6.25 -25.98 -16.87
N SER C 326 7.08 -25.83 -15.84
CA SER C 326 8.06 -26.85 -15.49
C SER C 326 7.40 -28.03 -14.77
N ILE C 327 7.73 -29.24 -15.23
CA ILE C 327 7.26 -30.46 -14.59
C ILE C 327 8.13 -30.76 -13.39
N THR C 328 7.51 -31.00 -12.24
CA THR C 328 8.25 -31.25 -11.01
C THR C 328 8.14 -32.67 -10.47
N GLN C 329 7.28 -33.51 -11.04
CA GLN C 329 7.13 -34.87 -10.51
C GLN C 329 6.70 -35.82 -11.62
N VAL C 330 7.30 -37.00 -11.64
CA VAL C 330 6.94 -38.09 -12.54
C VAL C 330 6.65 -39.32 -11.69
N SER C 331 5.45 -39.88 -11.84
CA SER C 331 5.09 -41.09 -11.11
C SER C 331 4.42 -42.07 -12.07
N ILE C 332 4.57 -43.36 -11.77
CA ILE C 332 4.00 -44.43 -12.57
C ILE C 332 2.52 -44.53 -12.26
N TYR C 333 1.74 -45.02 -13.22
CA TYR C 333 0.30 -45.04 -13.08
C TYR C 333 -0.29 -46.44 -13.22
N GLU C 334 0.39 -47.33 -13.94
CA GLU C 334 -0.14 -48.65 -14.23
C GLU C 334 0.67 -49.68 -13.45
N VAL C 335 0.02 -50.30 -12.46
CA VAL C 335 0.51 -51.31 -11.51
C VAL C 335 1.80 -50.87 -10.78
N ASP C 336 2.99 -51.22 -11.27
CA ASP C 336 4.21 -51.00 -10.50
C ASP C 336 5.40 -50.87 -11.46
N LYS C 337 6.61 -50.95 -10.91
CA LYS C 337 7.81 -50.78 -11.71
C LYS C 337 8.14 -52.02 -12.52
N GLN C 338 7.50 -53.16 -12.21
CA GLN C 338 7.76 -54.39 -12.95
C GLN C 338 7.20 -54.32 -14.38
N ASP C 339 6.06 -53.66 -14.55
CA ASP C 339 5.45 -53.50 -15.86
C ASP C 339 4.76 -52.16 -15.90
N CYS C 340 5.13 -51.32 -16.88
CA CYS C 340 4.55 -50.00 -17.00
C CYS C 340 3.91 -49.81 -18.37
N ARG C 341 2.71 -49.23 -18.36
CA ARG C 341 2.06 -48.80 -19.58
C ARG C 341 1.61 -47.35 -19.53
N LYS C 342 1.37 -46.79 -18.35
CA LYS C 342 0.98 -45.39 -18.19
C LYS C 342 1.81 -44.76 -17.08
N PHE C 343 2.10 -43.47 -17.25
CA PHE C 343 2.79 -42.71 -16.21
C PHE C 343 2.26 -41.29 -16.22
N CYS C 344 2.42 -40.61 -15.08
CA CYS C 344 1.75 -39.35 -14.82
C CYS C 344 2.74 -38.24 -14.47
N THR C 345 2.37 -37.01 -14.78
CA THR C 345 3.18 -35.83 -14.52
C THR C 345 2.32 -34.72 -13.92
N THR C 346 2.94 -33.92 -13.05
CA THR C 346 2.32 -32.72 -12.51
C THR C 346 3.27 -31.54 -12.72
N GLY C 347 2.70 -30.35 -12.85
CA GLY C 347 3.48 -29.19 -13.24
C GLY C 347 3.16 -27.96 -12.43
N ILE C 348 3.91 -26.89 -12.71
CA ILE C 348 3.74 -25.61 -12.03
C ILE C 348 2.55 -24.86 -12.63
N ASP C 349 2.21 -25.14 -13.89
CA ASP C 349 1.04 -24.50 -14.49
C ASP C 349 -0.27 -25.07 -13.93
N GLY C 350 -0.24 -26.29 -13.41
CA GLY C 350 -1.38 -26.88 -12.75
C GLY C 350 -2.11 -27.80 -13.69
N ALA C 351 -1.79 -29.09 -13.63
CA ALA C 351 -2.23 -30.07 -14.61
C ALA C 351 -1.99 -31.45 -14.04
N MET C 352 -2.48 -32.46 -14.76
CA MET C 352 -2.23 -33.85 -14.43
C MET C 352 -2.35 -34.60 -15.75
N THR C 353 -1.21 -34.92 -16.35
CA THR C 353 -1.18 -35.52 -17.68
C THR C 353 -0.84 -37.00 -17.59
N ILE C 354 -1.70 -37.83 -18.17
CA ILE C 354 -1.50 -39.27 -18.20
C ILE C 354 -1.06 -39.64 -19.61
N TRP C 355 0.15 -40.15 -19.75
CA TRP C 355 0.70 -40.55 -21.03
C TRP C 355 0.54 -42.06 -21.20
N ASP C 356 0.44 -42.49 -22.45
CA ASP C 356 0.22 -43.90 -22.77
C ASP C 356 1.37 -44.40 -23.64
N PHE C 357 1.93 -45.56 -23.29
CA PHE C 357 3.06 -46.09 -24.05
C PHE C 357 2.62 -46.70 -25.38
N LYS C 358 1.44 -47.32 -25.42
CA LYS C 358 0.99 -47.95 -26.66
C LYS C 358 0.55 -46.90 -27.67
N THR C 359 0.04 -45.76 -27.20
CA THR C 359 -0.27 -44.65 -28.09
C THR C 359 1.00 -43.98 -28.58
N LEU C 360 2.00 -43.85 -27.72
CA LEU C 360 3.25 -43.19 -28.12
C LEU C 360 4.15 -44.11 -28.93
N GLU C 361 3.87 -45.42 -28.93
CA GLU C 361 4.64 -46.35 -29.76
C GLU C 361 4.29 -46.18 -31.23
N SER C 362 3.01 -46.06 -31.55
CA SER C 362 2.57 -45.95 -32.94
C SER C 362 2.74 -44.53 -33.47
N SER C 363 2.64 -43.53 -32.59
CA SER C 363 2.65 -42.14 -33.04
C SER C 363 4.03 -41.67 -33.43
N ILE C 364 5.06 -42.06 -32.67
CA ILE C 364 6.43 -41.68 -32.95
C ILE C 364 7.12 -42.84 -33.65
N GLN C 365 7.61 -42.59 -34.86
CA GLN C 365 8.33 -43.62 -35.61
C GLN C 365 9.75 -43.77 -35.07
N GLY C 366 10.16 -45.02 -34.87
CA GLY C 366 11.47 -45.32 -34.35
C GLY C 366 11.56 -45.43 -32.85
N LEU C 367 10.51 -45.05 -32.12
CA LEU C 367 10.54 -45.13 -30.67
C LEU C 367 10.29 -46.56 -30.22
N ARG C 368 11.33 -47.20 -29.68
CA ARG C 368 11.24 -48.60 -29.24
C ARG C 368 11.51 -48.64 -27.75
N ILE C 369 10.45 -48.76 -26.96
CA ILE C 369 10.57 -48.84 -25.51
C ILE C 369 10.87 -50.28 -25.11
N MET C 370 11.87 -50.45 -24.25
CA MET C 370 12.24 -51.77 -23.76
C MET C 370 11.78 -51.98 -22.32
N MET D 1 1.07 29.59 -23.00
CA MET D 1 1.69 30.91 -22.81
C MET D 1 3.19 30.82 -23.08
N ILE D 2 3.60 31.31 -24.26
CA ILE D 2 5.00 31.25 -24.63
C ILE D 2 5.76 32.45 -24.04
N LEU D 3 5.27 33.65 -24.29
CA LEU D 3 5.91 34.87 -23.81
C LEU D 3 5.36 35.24 -22.45
N LEU D 4 6.24 35.67 -21.55
CA LEU D 4 5.80 36.23 -20.29
C LEU D 4 5.23 37.63 -20.53
N GLU D 5 4.34 38.04 -19.63
CA GLU D 5 3.67 39.33 -19.72
C GLU D 5 4.28 40.31 -18.74
N VAL D 6 4.10 41.60 -19.03
CA VAL D 6 4.74 42.66 -18.24
C VAL D 6 3.80 43.31 -17.23
N ASN D 7 2.51 43.05 -17.30
CA ASN D 7 1.53 43.66 -16.40
C ASN D 7 1.26 42.74 -15.22
N ASN D 8 1.26 43.32 -14.02
CA ASN D 8 0.91 42.56 -12.82
C ASN D 8 -0.60 42.38 -12.76
N ARG D 9 -1.04 41.21 -12.34
CA ARG D 9 -2.47 40.90 -12.34
C ARG D 9 -3.19 41.45 -11.12
N ILE D 10 -2.54 41.38 -9.95
CA ILE D 10 -3.18 41.66 -8.67
C ILE D 10 -3.50 43.15 -8.54
N ILE D 11 -2.57 44.00 -8.97
CA ILE D 11 -2.74 45.46 -8.95
C ILE D 11 -3.88 45.88 -9.86
N GLU D 12 -3.94 45.28 -11.06
CA GLU D 12 -4.96 45.63 -12.05
C GLU D 12 -6.34 45.17 -11.61
N GLU D 13 -6.44 43.96 -11.05
CA GLU D 13 -7.73 43.43 -10.60
C GLU D 13 -8.26 44.19 -9.38
N THR D 14 -7.37 44.49 -8.42
CA THR D 14 -7.77 45.19 -7.20
C THR D 14 -8.17 46.64 -7.50
N LEU D 15 -7.40 47.33 -8.35
CA LEU D 15 -7.71 48.71 -8.67
C LEU D 15 -8.93 48.82 -9.58
N ALA D 16 -9.16 47.82 -10.45
CA ALA D 16 -10.36 47.82 -11.29
C ALA D 16 -11.61 47.57 -10.47
N LEU D 17 -11.53 46.68 -9.47
CA LEU D 17 -12.67 46.43 -8.59
C LEU D 17 -12.99 47.65 -7.71
N LYS D 18 -11.96 48.30 -7.18
CA LYS D 18 -12.16 49.49 -6.36
C LYS D 18 -12.69 50.67 -7.18
N PHE D 19 -12.23 50.79 -8.43
CA PHE D 19 -12.69 51.89 -9.28
C PHE D 19 -14.12 51.65 -9.77
N GLU D 20 -14.49 50.39 -9.99
CA GLU D 20 -15.87 50.09 -10.38
C GLU D 20 -16.84 50.27 -9.22
N ASN D 21 -16.42 49.92 -7.99
CA ASN D 21 -17.28 50.16 -6.84
C ASN D 21 -17.34 51.64 -6.48
N ALA D 22 -16.30 52.40 -6.81
CA ALA D 22 -16.36 53.85 -6.59
C ALA D 22 -17.23 54.53 -7.64
N ALA D 23 -17.19 54.06 -8.89
CA ALA D 23 -18.00 54.67 -9.94
C ALA D 23 -19.45 54.23 -9.85
N ALA D 24 -19.72 53.10 -9.20
CA ALA D 24 -21.10 52.64 -9.05
C ALA D 24 -21.86 53.46 -8.02
N GLY D 25 -21.16 54.05 -7.06
CA GLY D 25 -21.78 54.88 -6.04
C GLY D 25 -21.83 54.27 -4.67
N ASN D 26 -21.29 53.07 -4.48
CA ASN D 26 -21.30 52.43 -3.16
C ASN D 26 -20.24 53.05 -2.27
N LYS D 27 -20.38 52.80 -0.97
CA LYS D 27 -19.36 53.22 -0.02
C LYS D 27 -18.12 52.33 -0.14
N PRO D 28 -16.92 52.87 0.03
CA PRO D 28 -15.71 52.08 -0.16
C PRO D 28 -15.44 51.15 1.02
N GLU D 29 -14.54 50.20 0.78
CA GLU D 29 -14.19 49.18 1.76
C GLU D 29 -12.67 49.11 1.87
N ALA D 30 -12.19 48.77 3.07
CA ALA D 30 -10.77 48.80 3.36
C ALA D 30 -10.03 47.64 2.68
N VAL D 31 -8.76 47.89 2.34
CA VAL D 31 -7.93 46.91 1.66
C VAL D 31 -6.52 46.99 2.24
N GLU D 32 -5.89 45.82 2.41
CA GLU D 32 -4.52 45.76 2.89
C GLU D 32 -3.91 44.47 2.35
N VAL D 33 -3.17 44.57 1.23
CA VAL D 33 -2.51 43.39 0.66
C VAL D 33 -1.02 43.67 0.50
N THR D 34 -0.21 42.62 0.71
CA THR D 34 1.22 42.65 0.54
C THR D 34 1.65 41.43 -0.25
N PHE D 35 2.42 41.63 -1.31
CA PHE D 35 2.75 40.51 -2.19
C PHE D 35 4.08 40.78 -2.88
N ALA D 36 4.45 39.88 -3.79
CA ALA D 36 5.78 39.85 -4.39
C ALA D 36 5.68 39.73 -5.90
N ASP D 37 6.83 39.66 -6.54
CA ASP D 37 6.94 39.53 -8.00
C ASP D 37 8.25 38.79 -8.30
N PHE D 38 8.70 38.87 -9.55
CA PHE D 38 10.01 38.36 -9.90
C PHE D 38 11.11 39.24 -9.33
N ASP D 39 12.28 38.62 -9.12
CA ASP D 39 13.56 39.27 -8.74
C ASP D 39 13.49 39.99 -7.40
N GLY D 40 12.68 39.50 -6.47
CA GLY D 40 12.64 40.03 -5.11
C GLY D 40 12.06 41.42 -4.96
N VAL D 41 10.98 41.70 -5.65
CA VAL D 41 10.33 43.00 -5.63
C VAL D 41 9.10 42.93 -4.72
N LEU D 42 8.96 43.88 -3.79
CA LEU D 42 7.85 43.83 -2.85
C LEU D 42 6.83 44.90 -3.17
N TYR D 43 5.54 44.53 -3.13
CA TYR D 43 4.44 45.46 -3.32
C TYR D 43 3.55 45.49 -2.09
N HIS D 44 3.00 46.67 -1.82
CA HIS D 44 2.08 46.89 -0.71
C HIS D 44 0.97 47.83 -1.17
N ILE D 45 -0.27 47.37 -1.11
CA ILE D 45 -1.43 48.20 -1.40
C ILE D 45 -2.21 48.38 -0.11
N SER D 46 -2.44 49.62 0.29
CA SER D 46 -3.01 49.89 1.61
C SER D 46 -3.79 51.20 1.58
N ASN D 47 -4.34 51.54 2.74
CA ASN D 47 -5.03 52.81 2.93
C ASN D 47 -4.20 53.71 3.83
N PRO D 48 -3.91 54.96 3.44
CA PRO D 48 -3.10 55.83 4.30
C PRO D 48 -3.92 56.38 5.46
N ASN D 49 -3.42 56.15 6.68
CA ASN D 49 -3.94 56.65 7.96
C ASN D 49 -5.38 56.23 8.25
N GLY D 50 -5.80 55.07 7.74
CA GLY D 50 -7.14 54.59 7.97
C GLY D 50 -8.22 55.19 7.09
N ASP D 51 -7.87 56.07 6.17
CA ASP D 51 -8.86 56.69 5.30
C ASP D 51 -9.24 55.72 4.20
N LYS D 52 -10.52 55.36 4.12
CA LYS D 52 -10.97 54.36 3.18
C LYS D 52 -11.30 54.91 1.80
N THR D 53 -11.22 56.23 1.62
CA THR D 53 -11.47 56.83 0.32
C THR D 53 -10.20 57.02 -0.50
N LYS D 54 -9.04 56.63 0.03
CA LYS D 54 -7.77 56.76 -0.66
C LYS D 54 -7.03 55.44 -0.61
N VAL D 55 -6.36 55.09 -1.71
CA VAL D 55 -5.51 53.90 -1.75
C VAL D 55 -4.10 54.32 -2.13
N MET D 56 -3.13 53.50 -1.71
CA MET D 56 -1.72 53.81 -1.94
C MET D 56 -1.00 52.52 -2.29
N VAL D 57 -0.21 52.59 -3.36
CA VAL D 57 0.55 51.46 -3.89
C VAL D 57 2.03 51.78 -3.75
N SER D 58 2.77 50.92 -3.05
CA SER D 58 4.18 51.15 -2.79
C SER D 58 5.00 49.96 -3.24
N ILE D 59 6.17 50.24 -3.81
CA ILE D 59 7.07 49.23 -4.33
C ILE D 59 8.45 49.41 -3.70
N SER D 60 9.01 48.29 -3.23
CA SER D 60 10.34 48.22 -2.64
C SER D 60 11.26 47.36 -3.49
N LEU D 61 12.41 47.93 -3.84
CA LEU D 61 13.45 47.30 -4.63
C LEU D 61 14.73 47.27 -3.81
N LYS D 62 15.58 46.26 -4.02
CA LYS D 62 16.83 46.18 -3.28
C LYS D 62 17.93 47.01 -3.93
N PHE D 63 17.73 47.46 -5.16
CA PHE D 63 18.77 48.11 -5.94
C PHE D 63 18.33 49.47 -6.47
N TYR D 64 17.57 50.23 -5.69
CA TYR D 64 17.01 51.48 -6.19
C TYR D 64 18.06 52.60 -6.21
N LYS D 65 19.17 52.44 -5.50
CA LYS D 65 20.22 53.46 -5.51
C LYS D 65 20.94 53.50 -6.85
N GLU D 66 21.17 52.33 -7.45
CA GLU D 66 21.84 52.28 -8.75
C GLU D 66 20.93 52.80 -9.86
N LEU D 67 19.63 52.55 -9.76
CA LEU D 67 18.69 53.09 -10.73
C LEU D 67 18.46 54.58 -10.50
N GLN D 68 18.63 55.02 -9.24
CA GLN D 68 18.52 56.44 -8.93
C GLN D 68 19.75 57.20 -9.42
N ALA D 69 20.89 56.52 -9.54
CA ALA D 69 22.08 57.17 -10.07
C ALA D 69 21.97 57.48 -11.55
N HIS D 70 21.16 56.72 -12.29
CA HIS D 70 20.94 56.96 -13.70
C HIS D 70 19.68 57.75 -14.00
N GLY D 71 18.93 58.18 -12.97
CA GLY D 71 17.84 59.11 -13.18
C GLY D 71 16.48 58.49 -13.42
N ALA D 72 16.03 57.62 -12.51
CA ALA D 72 14.70 57.02 -12.66
C ALA D 72 13.59 57.93 -12.13
N ASP D 73 13.95 58.94 -11.32
CA ASP D 73 12.94 59.77 -10.66
C ASP D 73 12.27 60.71 -11.65
N GLU D 74 13.03 61.24 -12.61
CA GLU D 74 12.46 62.12 -13.63
C GLU D 74 11.57 61.33 -14.58
N LEU D 75 11.94 60.09 -14.88
CA LEU D 75 11.10 59.22 -15.71
C LEU D 75 9.80 58.86 -15.01
N LEU D 76 9.86 58.55 -13.71
CA LEU D 76 8.65 58.22 -12.95
C LEU D 76 7.74 59.43 -12.79
N LYS D 77 8.34 60.62 -12.62
CA LYS D 77 7.57 61.86 -12.53
C LYS D 77 6.90 62.19 -13.86
N ARG D 78 7.63 62.02 -14.97
CA ARG D 78 7.10 62.31 -16.29
C ARG D 78 6.02 61.32 -16.71
N VAL D 79 6.12 60.08 -16.24
CA VAL D 79 5.07 59.09 -16.52
C VAL D 79 3.83 59.39 -15.68
N TYR D 80 4.00 59.59 -14.37
CA TYR D 80 2.83 59.61 -13.51
C TYR D 80 2.26 61.00 -13.27
N GLY D 81 3.07 61.96 -12.84
CA GLY D 81 2.55 63.31 -12.62
C GLY D 81 2.08 63.50 -11.19
N SER D 82 0.79 63.80 -11.04
CA SER D 82 0.25 64.17 -9.74
C SER D 82 0.03 62.97 -8.82
N TYR D 83 0.04 61.75 -9.36
CA TYR D 83 -0.15 60.58 -8.52
C TYR D 83 1.08 60.22 -7.72
N LEU D 84 2.25 60.72 -8.11
CA LEU D 84 3.47 60.45 -7.35
C LEU D 84 3.52 61.32 -6.10
N VAL D 85 3.76 60.68 -4.96
CA VAL D 85 3.80 61.34 -3.65
C VAL D 85 5.11 60.99 -2.97
N ASN D 86 5.25 61.45 -1.73
CA ASN D 86 6.38 61.04 -0.91
C ASN D 86 6.25 59.58 -0.51
N PRO D 87 7.35 58.83 -0.51
CA PRO D 87 7.25 57.40 -0.18
C PRO D 87 7.06 57.16 1.30
N GLU D 88 6.43 56.03 1.61
CA GLU D 88 6.29 55.61 3.00
C GLU D 88 7.56 54.91 3.47
N SER D 89 7.58 54.57 4.75
CA SER D 89 8.77 54.01 5.37
C SER D 89 8.95 52.55 4.95
N GLY D 90 10.18 52.21 4.56
CA GLY D 90 10.49 50.86 4.13
C GLY D 90 10.17 50.56 2.68
N TYR D 91 9.72 51.54 1.92
CA TYR D 91 9.34 51.33 0.52
C TYR D 91 9.94 52.45 -0.31
N ASN D 92 10.21 52.14 -1.59
CA ASN D 92 10.98 53.07 -2.40
C ASN D 92 10.08 54.05 -3.16
N VAL D 93 9.11 53.56 -3.91
CA VAL D 93 8.26 54.45 -4.70
C VAL D 93 6.80 54.22 -4.32
N SER D 94 6.10 55.30 -4.00
CA SER D 94 4.69 55.23 -3.60
C SER D 94 3.82 56.09 -4.51
N LEU D 95 2.63 55.60 -4.80
CA LEU D 95 1.63 56.27 -5.63
C LEU D 95 0.31 56.32 -4.88
N LEU D 96 -0.44 57.41 -5.04
CA LEU D 96 -1.66 57.63 -4.30
C LEU D 96 -2.81 57.88 -5.26
N TYR D 97 -3.91 57.14 -5.07
CA TYR D 97 -5.11 57.30 -5.87
C TYR D 97 -6.28 57.66 -4.96
N ASP D 98 -7.00 58.72 -5.30
CA ASP D 98 -8.16 59.17 -4.54
C ASP D 98 -9.42 58.69 -5.24
N LEU D 99 -10.31 58.04 -4.48
CA LEU D 99 -11.52 57.49 -5.08
C LEU D 99 -12.58 58.56 -5.30
N GLU D 100 -12.47 59.70 -4.61
CA GLU D 100 -13.45 60.77 -4.80
C GLU D 100 -13.21 61.52 -6.10
N ASN D 101 -11.94 61.76 -6.44
CA ASN D 101 -11.58 62.49 -7.65
C ASN D 101 -10.93 61.52 -8.63
N LEU D 102 -11.67 61.15 -9.67
CA LEU D 102 -11.20 60.16 -10.63
C LEU D 102 -11.52 60.66 -12.03
N PRO D 103 -10.74 60.26 -13.04
CA PRO D 103 -11.12 60.56 -14.42
C PRO D 103 -12.29 59.72 -14.89
N ALA D 104 -12.82 60.09 -16.06
CA ALA D 104 -14.01 59.42 -16.59
C ALA D 104 -13.69 58.04 -17.13
N SER D 105 -12.52 57.87 -17.76
CA SER D 105 -12.11 56.60 -18.33
C SER D 105 -11.09 55.95 -17.41
N LYS D 106 -11.48 54.87 -16.74
CA LYS D 106 -10.61 54.18 -15.80
C LYS D 106 -9.92 53.00 -16.47
N ASP D 107 -9.19 53.30 -17.55
CA ASP D 107 -8.50 52.26 -18.31
C ASP D 107 -7.01 52.54 -18.46
N SER D 108 -6.63 53.80 -18.66
CA SER D 108 -5.23 54.12 -18.88
C SER D 108 -4.45 54.10 -17.57
N ILE D 109 -5.07 54.55 -16.48
CA ILE D 109 -4.35 54.73 -15.21
C ILE D 109 -4.08 53.38 -14.56
N VAL D 110 -4.98 52.41 -14.74
CA VAL D 110 -4.77 51.06 -14.21
C VAL D 110 -3.65 50.36 -14.98
N HIS D 111 -3.62 50.55 -16.30
CA HIS D 111 -2.57 49.96 -17.13
C HIS D 111 -1.22 50.61 -16.87
N GLN D 112 -1.21 51.91 -16.53
CA GLN D 112 0.05 52.56 -16.16
C GLN D 112 0.48 52.15 -14.76
N ALA D 113 -0.47 51.87 -13.86
CA ALA D 113 -0.12 51.45 -12.52
C ALA D 113 0.35 50.00 -12.48
N GLY D 114 -0.02 49.21 -13.49
CA GLY D 114 0.49 47.86 -13.58
C GLY D 114 1.93 47.75 -14.00
N MET D 115 2.49 48.80 -14.61
CA MET D 115 3.82 48.76 -15.21
C MET D 115 4.86 49.50 -14.37
N LEU D 116 4.76 49.39 -13.05
CA LEU D 116 5.60 50.19 -12.15
C LEU D 116 7.03 49.69 -12.12
N LYS D 117 7.22 48.36 -12.12
CA LYS D 117 8.57 47.77 -12.15
C LYS D 117 9.26 48.04 -13.48
N ARG D 118 8.50 47.99 -14.57
CA ARG D 118 9.02 48.32 -15.90
C ARG D 118 9.43 49.79 -15.99
N ASN D 119 8.63 50.68 -15.41
CA ASN D 119 8.97 52.10 -15.43
C ASN D 119 10.13 52.41 -14.50
N CYS D 120 10.36 51.57 -13.50
CA CYS D 120 11.61 51.66 -12.73
C CYS D 120 12.82 51.22 -13.56
N PHE D 121 12.67 50.14 -14.35
CA PHE D 121 13.82 49.63 -15.10
C PHE D 121 14.17 50.46 -16.34
N ALA D 122 13.22 51.19 -16.92
CA ALA D 122 13.41 51.72 -18.29
C ALA D 122 14.38 52.90 -18.40
N SER D 123 14.83 53.48 -17.28
CA SER D 123 15.54 54.76 -17.33
C SER D 123 16.97 54.61 -17.84
N VAL D 124 17.67 53.56 -17.43
CA VAL D 124 19.04 53.33 -17.87
C VAL D 124 19.07 52.93 -19.34
N PHE D 125 18.01 52.23 -19.79
CA PHE D 125 17.84 51.87 -21.19
C PHE D 125 17.64 53.11 -22.05
N GLU D 126 16.79 54.03 -21.58
CA GLU D 126 16.53 55.26 -22.33
C GLU D 126 17.75 56.18 -22.36
N LYS D 127 18.54 56.21 -21.27
CA LYS D 127 19.73 57.05 -21.23
C LYS D 127 20.82 56.54 -22.15
N TYR D 128 21.07 55.22 -22.15
CA TYR D 128 22.13 54.71 -23.02
C TYR D 128 21.68 54.64 -24.49
N PHE D 129 20.38 54.50 -24.75
CA PHE D 129 19.91 54.59 -26.13
C PHE D 129 20.01 56.03 -26.64
N GLN D 130 19.82 57.01 -25.73
CA GLN D 130 20.01 58.41 -26.10
C GLN D 130 21.48 58.73 -26.33
N PHE D 131 22.38 58.09 -25.56
CA PHE D 131 23.82 58.22 -25.79
C PHE D 131 24.24 57.63 -27.13
N GLN D 132 23.62 56.51 -27.53
CA GLN D 132 23.91 55.97 -28.86
C GLN D 132 23.32 56.84 -29.96
N GLU D 133 22.18 57.47 -29.69
CA GLU D 133 21.54 58.32 -30.70
C GLU D 133 22.29 59.62 -30.91
N GLU D 134 22.82 60.21 -29.83
CA GLU D 134 23.51 61.48 -29.93
C GLU D 134 24.91 61.34 -30.53
N GLY D 135 25.46 60.14 -30.54
CA GLY D 135 26.79 59.92 -31.06
C GLY D 135 27.92 60.11 -30.08
N LYS D 136 27.62 60.40 -28.82
CA LYS D 136 28.66 60.53 -27.81
C LYS D 136 29.20 59.16 -27.43
N GLU D 137 30.52 59.07 -27.31
CA GLU D 137 31.19 57.82 -27.00
C GLU D 137 32.24 58.05 -25.93
N GLY D 138 32.56 57.00 -25.19
CA GLY D 138 33.54 57.06 -24.14
C GLY D 138 32.99 57.09 -22.73
N GLU D 139 31.67 57.00 -22.57
CA GLU D 139 31.09 56.98 -21.23
C GLU D 139 31.26 55.61 -20.60
N ASN D 140 31.15 55.58 -19.27
CA ASN D 140 31.34 54.34 -18.53
C ASN D 140 30.12 53.44 -18.67
N ARG D 141 30.34 52.15 -18.47
CA ARG D 141 29.25 51.18 -18.54
C ARG D 141 28.40 51.24 -17.28
N ALA D 142 27.21 50.65 -17.36
CA ALA D 142 26.28 50.60 -16.25
C ALA D 142 26.25 49.20 -15.69
N VAL D 143 26.45 49.09 -14.38
CA VAL D 143 26.43 47.83 -13.66
C VAL D 143 25.23 47.84 -12.73
N ILE D 144 24.31 46.88 -12.91
CA ILE D 144 23.10 46.81 -12.12
C ILE D 144 23.01 45.41 -11.51
N HIS D 145 23.00 45.33 -10.19
CA HIS D 145 22.82 44.06 -9.48
C HIS D 145 21.32 43.82 -9.31
N TYR D 146 20.72 43.23 -10.35
CA TYR D 146 19.28 42.99 -10.30
C TYR D 146 18.92 41.81 -9.40
N ARG D 147 19.86 40.91 -9.13
CA ARG D 147 19.70 39.90 -8.11
C ARG D 147 20.95 39.89 -7.24
N ASP D 148 20.99 38.96 -6.30
CA ASP D 148 22.12 38.90 -5.37
C ASP D 148 23.36 38.31 -6.02
N ASP D 149 23.18 37.29 -6.87
CA ASP D 149 24.30 36.62 -7.52
C ASP D 149 24.41 36.95 -8.99
N GLU D 150 23.49 37.73 -9.53
CA GLU D 150 23.45 37.99 -10.97
C GLU D 150 23.68 39.47 -11.19
N THR D 151 24.33 39.79 -12.30
CA THR D 151 24.85 41.13 -12.54
C THR D 151 24.65 41.48 -14.02
N MET D 152 24.06 42.65 -14.26
CA MET D 152 23.72 43.09 -15.60
C MET D 152 24.62 44.25 -16.02
N TYR D 153 25.11 44.21 -17.26
CA TYR D 153 26.04 45.21 -17.78
C TYR D 153 25.45 45.84 -19.03
N VAL D 154 25.47 47.16 -19.11
CA VAL D 154 24.97 47.91 -20.26
C VAL D 154 26.09 48.82 -20.77
N GLU D 155 26.45 48.67 -22.05
CA GLU D 155 27.49 49.50 -22.64
C GLU D 155 27.02 50.05 -23.98
N SER D 156 27.53 51.22 -24.33
CA SER D 156 27.16 51.89 -25.57
C SER D 156 28.40 52.16 -26.40
N LYS D 157 28.33 51.80 -27.68
CA LYS D 157 29.38 52.05 -28.66
C LYS D 157 28.93 53.13 -29.62
N LYS D 158 29.70 53.32 -30.69
CA LYS D 158 29.36 54.30 -31.71
C LYS D 158 28.15 53.84 -32.54
N ASP D 159 28.06 52.53 -32.80
CA ASP D 159 27.05 52.02 -33.71
C ASP D 159 26.16 50.94 -33.12
N ARG D 160 26.39 50.52 -31.87
CA ARG D 160 25.65 49.41 -31.31
C ARG D 160 25.56 49.59 -29.81
N VAL D 161 24.57 48.91 -29.21
CA VAL D 161 24.41 48.87 -27.77
C VAL D 161 24.54 47.41 -27.34
N THR D 162 25.40 47.16 -26.36
CA THR D 162 25.67 45.80 -25.90
C THR D 162 25.10 45.60 -24.50
N VAL D 163 24.29 44.57 -24.34
CA VAL D 163 23.67 44.22 -23.06
C VAL D 163 24.16 42.84 -22.67
N VAL D 164 24.79 42.73 -21.50
CA VAL D 164 25.38 41.49 -21.03
C VAL D 164 24.63 41.05 -19.77
N PHE D 165 24.09 39.84 -19.81
CA PHE D 165 23.49 39.19 -18.66
C PHE D 165 24.45 38.13 -18.12
N SER D 166 24.59 38.09 -16.80
CA SER D 166 25.34 37.04 -16.11
C SER D 166 24.35 36.23 -15.30
N THR D 167 24.21 34.95 -15.64
CA THR D 167 23.19 34.11 -15.02
C THR D 167 23.81 32.88 -14.37
N VAL D 168 23.18 32.43 -13.29
CA VAL D 168 23.65 31.29 -12.49
C VAL D 168 22.56 30.22 -12.51
N PHE D 169 22.93 29.00 -12.88
CA PHE D 169 22.04 27.85 -12.81
C PHE D 169 22.35 27.07 -11.54
N LYS D 170 21.31 26.71 -10.79
CA LYS D 170 21.51 26.04 -9.51
C LYS D 170 21.91 24.58 -9.68
N ASP D 171 21.27 23.87 -10.61
CA ASP D 171 21.48 22.45 -10.79
C ASP D 171 22.16 22.19 -12.14
N ASP D 172 22.91 21.08 -12.21
CA ASP D 172 23.67 20.75 -13.42
C ASP D 172 22.79 20.35 -14.59
N ASP D 173 21.60 19.82 -14.31
CA ASP D 173 20.61 19.53 -15.34
C ASP D 173 20.17 20.81 -16.03
N ASP D 174 20.00 21.88 -15.25
CA ASP D 174 19.69 23.19 -15.80
C ASP D 174 20.84 23.76 -16.59
N VAL D 175 22.08 23.41 -16.24
CA VAL D 175 23.27 23.85 -16.99
C VAL D 175 23.27 23.20 -18.37
N VAL D 176 22.99 21.89 -18.43
CA VAL D 176 23.00 21.16 -19.71
C VAL D 176 21.84 21.62 -20.60
N ILE D 177 20.64 21.77 -20.02
CA ILE D 177 19.47 22.20 -20.79
C ILE D 177 19.61 23.66 -21.22
N GLY D 178 20.22 24.52 -20.38
CA GLY D 178 20.45 25.89 -20.76
C GLY D 178 21.51 26.06 -21.84
N LYS D 179 22.51 25.16 -21.85
CA LYS D 179 23.46 25.13 -22.95
C LYS D 179 22.81 24.71 -24.25
N VAL D 180 21.87 23.74 -24.17
CA VAL D 180 21.09 23.31 -25.33
C VAL D 180 20.23 24.45 -25.87
N PHE D 181 19.61 25.22 -24.97
CA PHE D 181 18.77 26.35 -25.39
C PHE D 181 19.59 27.50 -25.97
N MET D 182 20.72 27.83 -25.35
CA MET D 182 21.51 28.95 -25.85
C MET D 182 22.32 28.61 -27.09
N GLN D 183 22.51 27.31 -27.38
CA GLN D 183 23.03 26.93 -28.69
C GLN D 183 22.05 27.30 -29.80
N GLU D 184 20.75 27.11 -29.56
CA GLU D 184 19.75 27.52 -30.55
C GLU D 184 19.53 29.03 -30.57
N PHE D 185 19.73 29.70 -29.43
CA PHE D 185 19.73 31.17 -29.44
C PHE D 185 20.91 31.74 -30.22
N LYS D 186 22.07 31.06 -30.18
CA LYS D 186 23.28 31.62 -30.76
C LYS D 186 23.25 31.57 -32.29
N GLU D 187 22.83 30.45 -32.86
CA GLU D 187 22.85 30.28 -34.31
C GLU D 187 21.50 30.56 -34.96
N GLY D 188 20.53 31.11 -34.21
CA GLY D 188 19.19 31.39 -34.70
C GLY D 188 19.03 32.64 -35.54
N ARG D 189 20.13 33.23 -35.99
CA ARG D 189 20.13 34.39 -36.87
C ARG D 189 19.63 34.05 -38.28
N ARG D 190 19.73 32.77 -38.69
CA ARG D 190 19.50 32.39 -40.08
C ARG D 190 18.02 32.39 -40.47
N ALA D 191 17.10 32.55 -39.53
CA ALA D 191 15.69 32.67 -39.87
C ALA D 191 15.32 34.11 -40.24
N SER D 192 15.50 35.04 -39.29
CA SER D 192 15.09 36.42 -39.46
C SER D 192 16.33 37.29 -39.66
N HIS D 193 16.33 38.09 -40.72
CA HIS D 193 17.49 38.92 -41.02
C HIS D 193 17.61 40.12 -40.08
N THR D 194 16.50 40.78 -39.79
CA THR D 194 16.49 41.93 -38.88
C THR D 194 16.22 41.42 -37.47
N ALA D 195 17.29 41.22 -36.72
CA ALA D 195 17.21 40.67 -35.38
C ALA D 195 18.43 41.15 -34.59
N PRO D 196 18.29 41.34 -33.27
CA PRO D 196 19.48 41.57 -32.45
C PRO D 196 20.35 40.32 -32.39
N GLN D 197 21.65 40.53 -32.22
CA GLN D 197 22.60 39.42 -32.31
C GLN D 197 22.89 38.86 -30.92
N VAL D 198 22.76 37.54 -30.78
CA VAL D 198 22.89 36.86 -29.50
C VAL D 198 24.20 36.07 -29.49
N LEU D 199 24.98 36.26 -28.44
CA LEU D 199 26.22 35.53 -28.24
C LEU D 199 26.18 34.87 -26.86
N PHE D 200 26.87 33.75 -26.73
CA PHE D 200 26.85 32.98 -25.50
C PHE D 200 28.26 32.58 -25.10
N SER D 201 28.55 32.62 -23.81
CA SER D 201 29.81 32.13 -23.27
C SER D 201 29.54 31.37 -21.97
N HIS D 202 30.24 30.26 -21.79
CA HIS D 202 30.10 29.43 -20.60
C HIS D 202 31.39 29.46 -19.81
N ARG D 203 31.25 29.69 -18.49
CA ARG D 203 32.26 29.61 -17.40
C ARG D 203 33.27 30.77 -17.43
N GLU D 204 33.28 31.57 -18.50
CA GLU D 204 34.25 32.65 -18.66
C GLU D 204 33.53 33.94 -19.01
N PRO D 205 34.01 35.07 -18.51
CA PRO D 205 33.49 36.35 -18.98
C PRO D 205 34.00 36.65 -20.39
N PRO D 206 33.31 37.52 -21.14
CA PRO D 206 33.85 37.92 -22.44
C PRO D 206 35.06 38.82 -22.31
N LEU D 207 35.80 38.95 -23.41
CA LEU D 207 37.08 39.67 -23.38
C LEU D 207 36.89 41.17 -23.31
N GLU D 208 35.73 41.69 -23.74
CA GLU D 208 35.45 43.11 -23.57
C GLU D 208 35.17 43.44 -22.12
N LEU D 209 34.56 42.51 -21.39
CA LEU D 209 34.26 42.70 -19.97
C LEU D 209 35.48 42.23 -19.18
N LYS D 210 36.39 43.16 -18.96
CA LYS D 210 37.64 42.88 -18.27
C LYS D 210 37.76 43.81 -17.08
N ASP D 211 38.77 43.54 -16.23
CA ASP D 211 39.16 44.25 -14.98
C ASP D 211 37.98 44.50 -14.03
N THR D 212 37.05 43.55 -13.98
CA THR D 212 35.90 43.64 -13.10
C THR D 212 35.82 42.36 -12.26
N ASP D 213 34.94 42.38 -11.27
CA ASP D 213 34.74 41.22 -10.39
C ASP D 213 33.72 40.27 -11.02
N ALA D 214 34.17 39.57 -12.05
CA ALA D 214 33.34 38.63 -12.79
C ALA D 214 33.61 37.22 -12.28
N ALA D 215 32.55 36.49 -11.95
CA ALA D 215 32.69 35.15 -11.42
C ALA D 215 33.07 34.16 -12.53
N VAL D 216 33.94 33.21 -12.19
CA VAL D 216 34.49 32.26 -13.15
C VAL D 216 34.09 30.84 -12.77
N GLY D 217 33.02 30.70 -12.01
CA GLY D 217 32.57 29.38 -11.59
C GLY D 217 31.91 28.62 -12.72
N ASP D 218 31.67 27.33 -12.46
CA ASP D 218 31.23 26.41 -13.50
C ASP D 218 29.73 26.46 -13.77
N ASN D 219 28.97 27.24 -12.99
CA ASN D 219 27.53 27.33 -13.19
C ASN D 219 27.09 28.69 -13.69
N ILE D 220 28.00 29.48 -14.25
CA ILE D 220 27.74 30.87 -14.59
C ILE D 220 27.91 31.04 -16.10
N GLY D 221 26.85 31.51 -16.75
CA GLY D 221 26.89 31.80 -18.16
C GLY D 221 26.71 33.28 -18.45
N TYR D 222 27.24 33.69 -19.59
CA TYR D 222 27.19 35.09 -20.02
C TYR D 222 26.49 35.19 -21.36
N ILE D 223 25.50 36.07 -21.44
CA ILE D 223 24.64 36.23 -22.61
C ILE D 223 24.79 37.65 -23.12
N THR D 224 25.13 37.81 -24.39
CA THR D 224 25.37 39.12 -24.97
C THR D 224 24.32 39.40 -26.04
N PHE D 225 23.61 40.51 -25.88
CA PHE D 225 22.72 41.04 -26.90
C PHE D 225 23.39 42.23 -27.56
N VAL D 226 23.39 42.24 -28.89
CA VAL D 226 23.87 43.36 -29.67
C VAL D 226 22.66 43.99 -30.34
N LEU D 227 22.42 45.26 -30.06
CA LEU D 227 21.25 45.99 -30.54
C LEU D 227 21.68 47.11 -31.46
N PHE D 228 20.97 47.26 -32.56
CA PHE D 228 21.26 48.17 -33.65
C PHE D 228 20.34 49.39 -33.58
N PRO D 229 20.61 50.45 -34.37
CA PRO D 229 19.65 51.57 -34.44
C PRO D 229 18.28 51.25 -35.04
N ARG D 230 18.08 50.08 -35.65
CA ARG D 230 16.73 49.64 -35.99
C ARG D 230 15.92 49.31 -34.73
N HIS D 231 16.59 48.93 -33.65
CA HIS D 231 15.89 48.59 -32.41
C HIS D 231 15.92 49.73 -31.41
N THR D 232 16.93 50.60 -31.47
CA THR D 232 17.09 51.66 -30.48
C THR D 232 16.59 53.02 -30.94
N ASN D 233 15.94 53.11 -32.11
CA ASN D 233 15.23 54.33 -32.44
C ASN D 233 13.95 54.40 -31.63
N ALA D 234 13.37 55.62 -31.57
CA ALA D 234 12.38 55.97 -30.56
C ALA D 234 11.05 55.23 -30.77
N SER D 235 10.60 55.15 -32.02
CA SER D 235 9.28 54.59 -32.35
C SER D 235 9.19 53.08 -32.16
N ALA D 236 10.31 52.40 -31.91
CA ALA D 236 10.28 51.00 -31.52
C ALA D 236 10.67 50.76 -30.07
N ARG D 237 11.35 51.73 -29.41
CA ARG D 237 12.30 51.43 -28.32
C ARG D 237 11.61 50.83 -27.10
N ASP D 238 10.34 51.22 -26.88
CA ASP D 238 9.56 50.80 -25.73
C ASP D 238 9.31 49.31 -25.76
N ASN D 239 8.97 48.78 -26.95
CA ASN D 239 8.75 47.36 -27.17
C ASN D 239 10.02 46.57 -26.90
N THR D 240 11.17 47.13 -27.33
CA THR D 240 12.47 46.51 -27.13
C THR D 240 12.78 46.39 -25.65
N ILE D 241 12.45 47.46 -24.90
CA ILE D 241 12.72 47.53 -23.46
C ILE D 241 11.90 46.47 -22.73
N ASN D 242 10.66 46.25 -23.22
CA ASN D 242 9.74 45.30 -22.63
C ASN D 242 10.29 43.89 -22.71
N LEU D 243 10.80 43.54 -23.91
CA LEU D 243 11.27 42.18 -24.17
C LEU D 243 12.53 41.90 -23.38
N ILE D 244 13.36 42.94 -23.21
CA ILE D 244 14.67 42.66 -22.64
C ILE D 244 14.56 42.50 -21.13
N HIS D 245 13.52 43.13 -20.50
CA HIS D 245 13.55 42.95 -19.06
C HIS D 245 12.79 41.71 -18.67
N THR D 246 12.20 41.01 -19.65
CA THR D 246 11.68 39.70 -19.35
C THR D 246 12.77 38.64 -19.37
N PHE D 247 13.86 38.89 -20.12
CA PHE D 247 14.51 37.85 -20.94
C PHE D 247 14.99 36.67 -20.11
N ARG D 248 15.76 36.95 -19.05
CA ARG D 248 16.40 35.95 -18.19
C ARG D 248 15.37 35.05 -17.53
N ASP D 249 14.31 35.68 -16.98
CA ASP D 249 13.23 34.94 -16.33
C ASP D 249 12.50 34.07 -17.33
N TYR D 250 12.34 34.60 -18.56
CA TYR D 250 11.70 33.89 -19.67
C TYR D 250 12.48 32.63 -20.01
N LEU D 251 13.82 32.75 -20.01
CA LEU D 251 14.70 31.63 -20.32
C LEU D 251 14.57 30.54 -19.28
N HIS D 252 14.53 30.96 -18.01
CA HIS D 252 14.47 30.00 -16.91
C HIS D 252 13.12 29.32 -16.86
N TYR D 253 12.09 30.07 -17.29
CA TYR D 253 10.72 29.55 -17.32
C TYR D 253 10.61 28.40 -18.30
N HIS D 254 11.28 28.56 -19.46
CA HIS D 254 11.15 27.53 -20.49
C HIS D 254 11.95 26.30 -20.13
N ILE D 255 13.02 26.49 -19.33
CA ILE D 255 13.84 25.37 -18.87
C ILE D 255 13.03 24.47 -17.97
N LYS D 256 12.22 25.10 -17.08
CA LYS D 256 11.39 24.36 -16.16
C LYS D 256 10.28 23.63 -16.89
N CYS D 257 9.78 24.26 -17.96
CA CYS D 257 8.68 23.67 -18.72
C CYS D 257 9.16 22.47 -19.51
N SER D 258 10.45 22.50 -19.92
CA SER D 258 11.06 21.40 -20.65
C SER D 258 11.13 20.16 -19.77
N LYS D 259 11.45 20.38 -18.48
CA LYS D 259 11.58 19.27 -17.54
C LYS D 259 10.22 18.63 -17.29
N ALA D 260 9.16 19.48 -17.29
CA ALA D 260 7.81 18.99 -17.06
C ALA D 260 7.35 18.11 -18.20
N TYR D 261 7.78 18.45 -19.43
CA TYR D 261 7.39 17.68 -20.60
C TYR D 261 8.02 16.31 -20.57
N ILE D 262 9.26 16.23 -20.04
CA ILE D 262 10.01 14.97 -19.95
C ILE D 262 9.31 14.04 -18.99
N HIS D 263 8.71 14.62 -17.92
CA HIS D 263 8.02 13.84 -16.90
C HIS D 263 6.79 13.17 -17.47
N THR D 264 6.11 13.87 -18.39
CA THR D 264 4.89 13.36 -19.03
C THR D 264 5.21 12.13 -19.85
N ARG D 265 6.35 12.18 -20.58
CA ARG D 265 6.75 11.10 -21.46
C ARG D 265 7.13 9.87 -20.65
N MET D 266 7.77 10.09 -19.48
CA MET D 266 8.23 8.97 -18.67
C MET D 266 7.05 8.22 -18.08
N ARG D 267 5.98 8.98 -17.75
CA ARG D 267 4.78 8.40 -17.15
C ARG D 267 4.10 7.45 -18.11
N ALA D 268 4.09 7.84 -19.42
CA ALA D 268 3.43 7.05 -20.44
C ALA D 268 4.16 5.73 -20.65
N LYS D 269 5.50 5.80 -20.62
CA LYS D 269 6.31 4.62 -20.90
C LYS D 269 6.22 3.64 -19.73
N THR D 270 6.06 4.19 -18.52
CA THR D 270 6.00 3.35 -17.32
C THR D 270 4.70 2.55 -17.32
N SER D 271 3.62 3.18 -17.83
CA SER D 271 2.32 2.54 -17.88
C SER D 271 2.33 1.37 -18.84
N ASP D 272 3.08 1.53 -19.96
CA ASP D 272 3.15 0.51 -20.98
C ASP D 272 3.88 -0.72 -20.47
N PHE D 273 4.90 -0.48 -19.62
CA PHE D 273 5.69 -1.58 -19.07
C PHE D 273 4.86 -2.43 -18.14
N LEU D 274 3.94 -1.79 -17.40
CA LEU D 274 3.12 -2.51 -16.45
C LEU D 274 2.11 -3.38 -17.17
N LYS D 275 1.69 -2.94 -18.36
CA LYS D 275 0.72 -3.71 -19.15
C LYS D 275 1.36 -5.00 -19.67
N VAL D 276 2.67 -4.95 -19.94
CA VAL D 276 3.38 -6.15 -20.41
C VAL D 276 3.48 -7.15 -19.28
N LEU D 277 3.65 -6.66 -18.04
CA LEU D 277 3.69 -7.56 -16.90
C LEU D 277 2.31 -8.12 -16.59
N ASN D 278 1.26 -7.38 -16.97
CA ASN D 278 -0.09 -7.88 -16.78
C ASN D 278 -0.43 -8.94 -17.82
N ARG D 279 0.34 -9.03 -18.91
CA ARG D 279 0.16 -10.14 -19.82
C ARG D 279 1.00 -11.35 -19.46
N ALA D 280 1.79 -11.28 -18.38
CA ALA D 280 2.59 -12.44 -18.01
C ALA D 280 1.88 -13.38 -17.06
N ARG D 281 0.67 -13.03 -16.61
CA ARG D 281 -0.04 -13.85 -15.65
C ARG D 281 -0.68 -15.06 -16.33
N PRO D 282 -0.68 -16.23 -15.67
CA PRO D 282 -1.32 -17.42 -16.26
C PRO D 282 -2.83 -17.41 -16.00
N ASP D 283 -3.52 -16.69 -16.88
CA ASP D 283 -4.97 -16.47 -16.93
C ASP D 283 -5.47 -15.84 -15.62
N ALA D 284 -4.67 -14.94 -15.04
CA ALA D 284 -5.17 -14.10 -13.96
C ALA D 284 -5.57 -12.73 -14.46
N GLU D 285 -5.51 -12.50 -15.77
CA GLU D 285 -5.86 -11.21 -16.36
C GLU D 285 -7.33 -11.21 -16.80
N PRO E 1 -38.65 13.83 10.34
CA PRO E 1 -39.33 12.86 9.47
C PRO E 1 -40.65 13.41 8.94
N ALA E 2 -41.47 12.53 8.38
CA ALA E 2 -42.75 12.94 7.82
C ALA E 2 -43.75 13.25 8.92
N TYR E 3 -44.81 13.98 8.56
CA TYR E 3 -45.76 14.44 9.55
C TYR E 3 -46.96 13.49 9.61
N HIS E 4 -47.42 13.23 10.83
CA HIS E 4 -48.47 12.27 11.08
C HIS E 4 -49.71 12.97 11.62
N SER E 5 -50.83 12.26 11.62
CA SER E 5 -52.08 12.81 12.11
C SER E 5 -52.11 12.80 13.63
N SER E 6 -53.06 13.56 14.17
CA SER E 6 -53.26 13.61 15.62
C SER E 6 -54.72 13.58 16.01
N LEU E 7 -55.59 12.99 15.19
CA LEU E 7 -57.02 12.98 15.45
C LEU E 7 -57.50 11.66 16.05
N MET E 8 -56.57 10.83 16.52
CA MET E 8 -56.93 9.51 17.03
C MET E 8 -57.58 9.63 18.40
N ASP E 9 -58.69 8.90 18.58
CA ASP E 9 -59.52 8.91 19.76
C ASP E 9 -59.70 7.48 20.26
N PRO E 10 -59.79 7.25 21.58
CA PRO E 10 -59.90 5.86 22.09
C PRO E 10 -61.14 5.08 21.67
N ASP E 11 -62.28 5.71 21.41
CA ASP E 11 -63.45 4.97 20.91
C ASP E 11 -63.80 5.36 19.46
N THR E 12 -62.93 4.97 18.54
CA THR E 12 -63.06 5.28 17.13
C THR E 12 -63.36 3.98 16.39
N LYS E 13 -64.36 4.02 15.50
CA LYS E 13 -64.76 2.85 14.75
C LYS E 13 -63.72 2.54 13.68
N LEU E 14 -63.36 1.27 13.55
CA LEU E 14 -62.31 0.82 12.65
C LEU E 14 -62.93 0.00 11.52
N ILE E 15 -62.38 0.14 10.33
CA ILE E 15 -62.76 -0.65 9.17
C ILE E 15 -61.52 -1.31 8.57
N GLY E 16 -61.36 -2.61 8.81
CA GLY E 16 -60.11 -3.27 8.46
C GLY E 16 -59.01 -2.81 9.39
N ASN E 17 -58.06 -2.08 8.82
CA ASN E 17 -57.07 -1.34 9.61
C ASN E 17 -57.15 0.16 9.38
N MET E 18 -58.17 0.63 8.68
CA MET E 18 -58.42 2.05 8.54
C MET E 18 -59.07 2.62 9.79
N ALA E 19 -59.15 3.93 9.85
CA ALA E 19 -59.91 4.64 10.87
C ALA E 19 -61.06 5.35 10.19
N LEU E 20 -62.28 5.03 10.60
CA LEU E 20 -63.47 5.61 9.99
C LEU E 20 -63.72 6.94 10.69
N LEU E 21 -63.11 7.99 10.14
CA LEU E 21 -63.12 9.31 10.76
C LEU E 21 -64.29 10.14 10.24
N PRO E 22 -64.91 10.94 11.10
CA PRO E 22 -66.01 11.81 10.65
C PRO E 22 -65.51 13.00 9.86
N ILE E 23 -66.34 13.43 8.91
CA ILE E 23 -66.04 14.55 8.01
C ILE E 23 -67.21 15.52 8.03
N ARG E 24 -67.00 16.67 7.39
CA ARG E 24 -68.05 17.68 7.17
C ARG E 24 -68.41 17.64 5.69
N SER E 25 -69.56 17.05 5.37
CA SER E 25 -69.92 16.87 3.97
C SER E 25 -71.42 16.92 3.83
N GLN E 26 -71.86 17.21 2.60
CA GLN E 26 -73.26 17.14 2.23
C GLN E 26 -73.58 15.91 1.39
N PHE E 27 -72.60 15.06 1.12
CA PHE E 27 -72.86 13.81 0.42
C PHE E 27 -73.35 12.75 1.39
N LYS E 28 -74.35 11.99 0.95
CA LYS E 28 -75.10 11.13 1.86
C LYS E 28 -74.36 9.82 2.10
N GLY E 29 -74.38 9.36 3.37
CA GLY E 29 -73.90 8.03 3.67
C GLY E 29 -73.28 7.83 5.04
N PRO E 30 -72.37 6.85 5.13
CA PRO E 30 -71.98 6.29 6.43
C PRO E 30 -70.95 7.09 7.21
N ALA E 31 -70.48 8.23 6.71
CA ALA E 31 -69.56 9.03 7.48
C ALA E 31 -70.30 9.77 8.60
N PRO E 32 -69.78 9.79 9.82
CA PRO E 32 -70.43 10.53 10.89
C PRO E 32 -70.28 12.03 10.72
N ARG E 33 -71.20 12.77 11.34
CA ARG E 33 -71.20 14.21 11.20
C ARG E 33 -70.19 14.84 12.16
N GLU E 34 -69.44 15.81 11.67
CA GLU E 34 -68.37 16.43 12.42
C GLU E 34 -68.78 17.82 12.88
N THR E 35 -68.56 18.11 14.17
CA THR E 35 -68.90 19.38 14.77
C THR E 35 -67.76 20.39 14.71
N LYS E 36 -66.52 19.96 14.94
CA LYS E 36 -65.39 20.88 14.97
C LYS E 36 -64.95 21.23 13.55
N ASP E 37 -64.05 22.20 13.47
CA ASP E 37 -63.57 22.66 12.17
C ASP E 37 -62.56 21.69 11.56
N THR E 38 -61.74 21.06 12.41
CA THR E 38 -60.65 20.24 11.92
C THR E 38 -61.10 18.80 11.70
N ASP E 39 -60.96 18.33 10.46
CA ASP E 39 -61.19 16.94 10.13
C ASP E 39 -59.96 16.41 9.38
N ILE E 40 -60.09 15.20 8.82
CA ILE E 40 -58.92 14.54 8.25
C ILE E 40 -58.60 15.09 6.86
N VAL E 41 -59.60 15.65 6.16
CA VAL E 41 -59.39 16.19 4.83
C VAL E 41 -58.60 17.49 4.88
N ASP E 42 -58.91 18.35 5.86
CA ASP E 42 -58.19 19.60 6.05
C ASP E 42 -56.75 19.36 6.48
N GLU E 43 -56.53 18.35 7.32
CA GLU E 43 -55.19 18.00 7.75
C GLU E 43 -54.38 17.39 6.60
N ALA E 44 -55.03 16.64 5.72
CA ALA E 44 -54.34 16.06 4.58
C ALA E 44 -53.95 17.13 3.55
N ILE E 45 -54.84 18.10 3.32
CA ILE E 45 -54.53 19.22 2.43
C ILE E 45 -53.45 20.11 3.05
N TYR E 46 -53.46 20.26 4.37
CA TYR E 46 -52.45 21.04 5.08
C TYR E 46 -51.08 20.37 5.05
N TYR E 47 -51.03 19.04 5.11
CA TYR E 47 -49.76 18.32 5.14
C TYR E 47 -49.31 17.79 3.78
N PHE E 48 -50.07 18.05 2.70
CA PHE E 48 -49.76 17.48 1.39
C PHE E 48 -48.46 18.01 0.81
N LYS E 49 -48.19 19.31 0.94
CA LYS E 49 -47.02 19.88 0.30
C LYS E 49 -45.73 19.49 1.02
N ALA E 50 -45.83 19.18 2.30
CA ALA E 50 -44.67 18.70 3.03
C ALA E 50 -44.48 17.20 2.85
N ASN E 51 -45.59 16.45 2.76
CA ASN E 51 -45.49 15.00 2.77
C ASN E 51 -45.18 14.38 1.41
N VAL E 52 -45.30 15.14 0.31
CA VAL E 52 -45.22 14.53 -1.01
C VAL E 52 -43.76 14.31 -1.41
N PHE E 53 -42.81 14.96 -0.73
CA PHE E 53 -41.41 14.76 -1.06
C PHE E 53 -40.84 13.51 -0.42
N PHE E 54 -41.52 12.97 0.58
CA PHE E 54 -40.96 11.86 1.34
C PHE E 54 -41.10 10.55 0.59
N LYS E 55 -40.08 9.71 0.70
CA LYS E 55 -40.08 8.39 0.07
C LYS E 55 -40.22 7.25 1.06
N ASN E 56 -40.10 7.52 2.36
CA ASN E 56 -40.27 6.49 3.39
C ASN E 56 -41.24 7.01 4.43
N TYR E 57 -42.28 6.24 4.71
CA TYR E 57 -43.30 6.59 5.70
C TYR E 57 -43.45 5.41 6.65
N GLU E 58 -43.61 5.71 7.93
CA GLU E 58 -43.74 4.69 8.96
C GLU E 58 -45.13 4.81 9.59
N ILE E 59 -45.85 3.71 9.60
CA ILE E 59 -47.23 3.71 10.10
C ILE E 59 -47.20 3.66 11.62
N LYS E 60 -47.88 4.62 12.27
CA LYS E 60 -47.97 4.64 13.72
C LYS E 60 -49.34 4.22 14.25
N ASN E 61 -50.42 4.60 13.58
CA ASN E 61 -51.77 4.25 14.02
C ASN E 61 -52.67 4.11 12.80
N GLU E 62 -53.99 4.17 13.04
CA GLU E 62 -54.94 3.87 11.98
C GLU E 62 -55.31 5.11 11.17
N ALA E 63 -54.97 6.31 11.66
CA ALA E 63 -55.27 7.52 10.90
C ALA E 63 -54.29 7.72 9.75
N ASP E 64 -53.11 7.09 9.84
CA ASP E 64 -52.08 7.27 8.84
C ASP E 64 -52.46 6.65 7.50
N ARG E 65 -53.25 5.58 7.52
CA ARG E 65 -53.61 4.89 6.28
C ARG E 65 -54.59 5.72 5.46
N THR E 66 -55.60 6.31 6.11
CA THR E 66 -56.50 7.19 5.38
C THR E 66 -55.84 8.53 5.03
N LEU E 67 -54.82 8.94 5.81
CA LEU E 67 -54.03 10.11 5.42
C LEU E 67 -53.23 9.85 4.14
N ILE E 68 -52.64 8.65 4.00
CA ILE E 68 -51.93 8.26 2.78
C ILE E 68 -52.89 8.15 1.59
N TYR E 69 -54.12 7.69 1.83
CA TYR E 69 -55.11 7.57 0.76
C TYR E 69 -55.54 8.93 0.21
N ILE E 70 -55.81 9.90 1.11
CA ILE E 70 -56.17 11.23 0.65
C ILE E 70 -54.96 11.95 0.05
N THR E 71 -53.75 11.65 0.53
CA THR E 71 -52.52 12.23 -0.01
C THR E 71 -52.26 11.74 -1.45
N LEU E 72 -52.61 10.49 -1.75
CA LEU E 72 -52.49 10.02 -3.13
C LEU E 72 -53.58 10.61 -4.02
N TYR E 73 -54.82 10.69 -3.51
CA TYR E 73 -55.92 11.14 -4.35
C TYR E 73 -55.86 12.66 -4.62
N ILE E 74 -55.15 13.42 -3.78
CA ILE E 74 -54.89 14.83 -4.08
C ILE E 74 -54.00 14.96 -5.32
N SER E 75 -53.03 14.04 -5.47
CA SER E 75 -52.16 14.04 -6.65
C SER E 75 -52.91 13.62 -7.91
N GLU E 76 -53.78 12.61 -7.82
CA GLU E 76 -54.59 12.31 -9.01
C GLU E 76 -55.68 13.34 -9.27
N CYS E 77 -56.03 14.16 -8.28
CA CYS E 77 -56.85 15.33 -8.57
C CYS E 77 -56.07 16.39 -9.33
N LEU E 78 -54.81 16.60 -8.95
CA LEU E 78 -54.01 17.67 -9.56
C LEU E 78 -53.63 17.35 -10.99
N LYS E 79 -53.45 16.05 -11.31
CA LYS E 79 -53.15 15.65 -12.68
C LYS E 79 -54.29 15.94 -13.66
N LYS E 80 -55.53 15.93 -13.16
CA LYS E 80 -56.66 16.35 -13.98
C LYS E 80 -56.91 17.86 -13.88
N LEU E 81 -56.52 18.49 -12.77
CA LEU E 81 -56.70 19.93 -12.63
C LEU E 81 -55.72 20.75 -13.44
N GLN E 82 -54.62 20.13 -13.90
CA GLN E 82 -53.63 20.87 -14.69
C GLN E 82 -54.21 21.33 -16.03
N LYS E 83 -55.05 20.53 -16.66
CA LYS E 83 -55.55 20.86 -17.99
C LYS E 83 -56.81 21.71 -18.00
N CYS E 84 -57.34 22.07 -16.83
CA CYS E 84 -58.61 22.78 -16.77
C CYS E 84 -58.44 24.26 -17.11
N ASN E 85 -59.56 24.92 -17.36
CA ASN E 85 -59.57 26.32 -17.76
C ASN E 85 -60.47 27.25 -16.95
N SER E 86 -61.49 26.73 -16.27
CA SER E 86 -62.37 27.54 -15.44
C SER E 86 -62.74 26.75 -14.20
N LYS E 87 -63.30 27.47 -13.22
CA LYS E 87 -63.62 26.87 -11.93
C LYS E 87 -64.82 25.92 -12.03
N SER E 88 -65.82 26.29 -12.83
CA SER E 88 -67.04 25.48 -12.95
C SER E 88 -66.77 24.19 -13.73
N GLN E 89 -65.90 24.26 -14.74
CA GLN E 89 -65.51 23.06 -15.48
C GLN E 89 -64.64 22.16 -14.60
N GLY E 90 -63.86 22.77 -13.69
CA GLY E 90 -63.11 21.99 -12.72
C GLY E 90 -64.00 21.28 -11.72
N GLU E 91 -65.08 21.94 -11.29
CA GLU E 91 -66.05 21.31 -10.40
C GLU E 91 -66.80 20.18 -11.09
N LYS E 92 -67.13 20.37 -12.38
CA LYS E 92 -67.74 19.29 -13.17
C LYS E 92 -66.78 18.12 -13.37
N GLU E 93 -65.49 18.41 -13.51
CA GLU E 93 -64.51 17.34 -13.68
C GLU E 93 -64.30 16.58 -12.37
N MET E 94 -64.38 17.27 -11.22
CA MET E 94 -64.32 16.57 -9.95
C MET E 94 -65.56 15.74 -9.69
N TYR E 95 -66.74 16.20 -10.13
CA TYR E 95 -67.94 15.39 -9.99
C TYR E 95 -67.91 14.19 -10.93
N THR E 96 -67.21 14.33 -12.06
CA THR E 96 -66.97 13.17 -12.92
C THR E 96 -65.99 12.19 -12.28
N LEU E 97 -64.89 12.69 -11.71
CA LEU E 97 -63.82 11.82 -11.24
C LEU E 97 -64.14 11.20 -9.88
N GLY E 98 -65.10 11.76 -9.15
CA GLY E 98 -65.42 11.22 -7.83
C GLY E 98 -66.13 9.88 -7.88
N ILE E 99 -66.93 9.65 -8.92
CA ILE E 99 -67.68 8.41 -9.04
C ILE E 99 -66.95 7.34 -9.83
N THR E 100 -65.68 7.57 -10.18
CA THR E 100 -64.91 6.57 -10.91
C THR E 100 -64.52 5.41 -10.00
N ASN E 101 -64.69 4.19 -10.50
CA ASN E 101 -64.47 2.98 -9.70
C ASN E 101 -62.97 2.73 -9.56
N PHE E 102 -62.38 3.39 -8.57
CA PHE E 102 -60.99 3.16 -8.23
C PHE E 102 -60.86 1.83 -7.48
N PRO E 103 -59.70 1.17 -7.59
CA PRO E 103 -59.51 -0.08 -6.85
C PRO E 103 -59.38 0.13 -5.35
N ILE E 104 -59.79 -0.89 -4.61
CA ILE E 104 -59.82 -0.89 -3.14
C ILE E 104 -58.62 -1.71 -2.65
N PRO E 105 -58.31 -1.73 -1.34
CA PRO E 105 -57.40 -2.76 -0.85
C PRO E 105 -57.96 -4.16 -1.02
N GLY E 106 -57.06 -5.10 -1.29
CA GLY E 106 -57.40 -6.48 -1.60
C GLY E 106 -57.46 -6.77 -3.07
N GLU E 107 -58.01 -5.85 -3.86
CA GLU E 107 -58.03 -5.99 -5.30
C GLU E 107 -56.63 -5.79 -5.87
N PRO E 108 -56.31 -6.46 -6.99
CA PRO E 108 -55.08 -6.15 -7.70
C PRO E 108 -55.13 -4.76 -8.32
N GLY E 109 -53.98 -4.10 -8.36
CA GLY E 109 -53.89 -2.72 -8.79
C GLY E 109 -53.75 -1.73 -7.66
N PHE E 110 -54.06 -2.14 -6.43
CA PHE E 110 -53.79 -1.29 -5.28
C PHE E 110 -52.29 -1.33 -4.99
N PRO E 111 -51.63 -0.16 -4.86
CA PRO E 111 -50.16 -0.15 -4.69
C PRO E 111 -49.67 -0.67 -3.34
N LEU E 112 -50.23 -0.17 -2.25
CA LEU E 112 -49.78 -0.54 -0.91
C LEU E 112 -50.63 -1.67 -0.35
N ASN E 113 -50.62 -2.81 -1.04
CA ASN E 113 -51.45 -3.93 -0.60
C ASN E 113 -50.82 -4.68 0.56
N ALA E 114 -49.51 -4.55 0.75
CA ALA E 114 -48.85 -5.23 1.85
C ALA E 114 -49.12 -4.53 3.18
N ILE E 115 -49.10 -3.20 3.18
CA ILE E 115 -49.35 -2.43 4.40
C ILE E 115 -50.81 -2.50 4.80
N TYR E 116 -51.70 -2.36 3.82
CA TYR E 116 -53.14 -2.36 4.07
C TYR E 116 -53.62 -3.79 4.30
N ALA E 117 -54.82 -3.90 4.86
CA ALA E 117 -55.44 -5.20 5.15
C ALA E 117 -56.77 -5.27 4.44
N LYS E 118 -57.02 -6.38 3.76
CA LYS E 118 -58.25 -6.52 2.99
C LYS E 118 -59.42 -6.84 3.92
N PRO E 119 -60.62 -6.38 3.57
CA PRO E 119 -61.80 -6.73 4.35
C PRO E 119 -62.28 -8.14 4.03
N ALA E 120 -63.27 -8.60 4.82
CA ALA E 120 -63.79 -9.96 4.71
C ALA E 120 -65.26 -9.99 4.31
N ASN E 121 -66.12 -9.33 5.07
CA ASN E 121 -67.56 -9.45 4.89
C ASN E 121 -68.01 -8.56 3.72
N LYS E 122 -69.16 -8.94 3.13
CA LYS E 122 -69.65 -8.25 1.95
C LYS E 122 -70.20 -6.86 2.28
N GLN E 123 -70.86 -6.74 3.44
CA GLN E 123 -71.31 -5.43 3.88
C GLN E 123 -70.14 -4.52 4.27
N GLU E 124 -69.05 -5.13 4.75
CA GLU E 124 -67.81 -4.40 4.99
C GLU E 124 -67.22 -3.88 3.69
N ASP E 125 -67.33 -4.68 2.61
CA ASP E 125 -66.92 -4.24 1.28
C ASP E 125 -67.77 -3.06 0.79
N GLU E 126 -69.08 -3.12 1.03
CA GLU E 126 -69.99 -2.07 0.59
C GLU E 126 -69.75 -0.76 1.34
N VAL E 127 -69.53 -0.84 2.66
CA VAL E 127 -69.31 0.40 3.40
C VAL E 127 -67.89 0.93 3.17
N MET E 128 -66.93 0.07 2.78
CA MET E 128 -65.61 0.58 2.42
C MET E 128 -65.64 1.29 1.07
N ARG E 129 -66.42 0.76 0.10
CA ARG E 129 -66.65 1.44 -1.18
C ARG E 129 -67.32 2.79 -0.99
N ALA E 130 -68.33 2.84 -0.11
CA ALA E 130 -69.05 4.09 0.17
C ALA E 130 -68.15 5.12 0.86
N TYR E 131 -67.34 4.67 1.83
CA TYR E 131 -66.46 5.57 2.57
C TYR E 131 -65.35 6.14 1.68
N LEU E 132 -64.78 5.31 0.80
CA LEU E 132 -63.75 5.80 -0.11
C LEU E 132 -64.32 6.74 -1.15
N GLN E 133 -65.56 6.48 -1.62
CA GLN E 133 -66.21 7.37 -2.58
C GLN E 133 -66.51 8.74 -1.98
N GLN E 134 -66.97 8.77 -0.73
CA GLN E 134 -67.30 10.05 -0.12
C GLN E 134 -66.07 10.84 0.28
N LEU E 135 -64.99 10.14 0.66
CA LEU E 135 -63.71 10.79 0.89
C LEU E 135 -63.15 11.41 -0.39
N ARG E 136 -63.28 10.69 -1.51
CA ARG E 136 -62.83 11.19 -2.81
C ARG E 136 -63.60 12.43 -3.25
N GLN E 137 -64.94 12.40 -3.10
CA GLN E 137 -65.77 13.52 -3.52
C GLN E 137 -65.55 14.75 -2.64
N GLU E 138 -65.39 14.54 -1.33
CA GLU E 138 -65.20 15.66 -0.42
C GLU E 138 -63.83 16.31 -0.61
N THR E 139 -62.77 15.52 -0.84
CA THR E 139 -61.47 16.15 -1.02
C THR E 139 -61.33 16.77 -2.41
N GLY E 140 -62.12 16.29 -3.39
CA GLY E 140 -62.16 16.97 -4.68
C GLY E 140 -62.84 18.32 -4.60
N LEU E 141 -63.97 18.38 -3.88
CA LEU E 141 -64.69 19.65 -3.69
C LEU E 141 -63.88 20.64 -2.87
N ARG E 142 -63.13 20.16 -1.87
CA ARG E 142 -62.33 21.08 -1.07
C ARG E 142 -61.06 21.51 -1.79
N LEU E 143 -60.51 20.66 -2.66
CA LEU E 143 -59.30 21.04 -3.38
C LEU E 143 -59.59 22.02 -4.51
N CYS E 144 -60.80 21.94 -5.10
CA CYS E 144 -61.15 22.82 -6.21
C CYS E 144 -61.32 24.27 -5.78
N GLU E 145 -61.60 24.51 -4.49
CA GLU E 145 -61.61 25.89 -3.99
C GLU E 145 -60.20 26.45 -3.85
N LYS E 146 -59.26 25.63 -3.37
CA LYS E 146 -57.92 26.14 -3.07
C LYS E 146 -57.03 26.21 -4.29
N VAL E 147 -57.32 25.44 -5.35
CA VAL E 147 -56.37 25.39 -6.46
C VAL E 147 -56.53 26.61 -7.37
N PHE E 148 -57.69 27.25 -7.36
CA PHE E 148 -58.00 28.29 -8.33
C PHE E 148 -57.69 29.68 -7.79
N ASP E 149 -56.92 30.45 -8.58
CA ASP E 149 -56.67 31.85 -8.28
C ASP E 149 -57.87 32.68 -8.69
N PRO E 150 -58.49 33.45 -7.80
CA PRO E 150 -59.84 33.96 -8.08
C PRO E 150 -59.89 35.14 -9.05
N GLN E 151 -58.81 35.89 -9.19
CA GLN E 151 -58.87 37.10 -10.02
C GLN E 151 -58.73 36.79 -11.49
N ASN E 152 -58.27 35.59 -11.85
CA ASN E 152 -58.01 35.23 -13.23
C ASN E 152 -58.86 34.02 -13.60
N ASP E 153 -59.19 33.17 -12.60
CA ASP E 153 -59.88 31.88 -12.75
C ASP E 153 -59.15 30.95 -13.72
N LYS E 154 -57.87 30.77 -13.47
CA LYS E 154 -57.02 29.74 -14.05
C LYS E 154 -56.32 29.03 -12.89
N PRO E 155 -55.88 27.78 -13.10
CA PRO E 155 -55.13 27.10 -12.02
C PRO E 155 -53.77 27.74 -11.77
N SER E 156 -53.42 27.82 -10.49
CA SER E 156 -52.19 28.48 -10.06
C SER E 156 -50.97 27.65 -10.39
N LYS E 157 -49.83 28.31 -10.53
CA LYS E 157 -48.59 27.61 -10.81
C LYS E 157 -48.06 26.91 -9.56
N TRP E 158 -48.40 27.44 -8.38
CA TRP E 158 -47.84 26.93 -7.13
C TRP E 158 -48.48 25.60 -6.74
N TRP E 159 -49.68 25.33 -7.22
CA TRP E 159 -50.29 24.03 -6.98
C TRP E 159 -50.05 23.06 -8.12
N THR E 160 -49.89 23.56 -9.34
CA THR E 160 -49.64 22.71 -10.49
C THR E 160 -48.17 22.46 -10.73
N CYS E 161 -47.28 22.93 -9.85
CA CYS E 161 -45.88 22.54 -9.93
C CYS E 161 -45.58 21.22 -9.23
N PHE E 162 -46.59 20.57 -8.63
CA PHE E 162 -46.43 19.30 -7.92
C PHE E 162 -46.99 18.13 -8.70
N VAL E 163 -46.99 18.19 -10.03
CA VAL E 163 -47.63 17.14 -10.83
C VAL E 163 -46.74 15.90 -10.89
N LYS E 164 -45.45 16.07 -11.19
CA LYS E 164 -44.55 14.96 -11.43
C LYS E 164 -44.11 14.23 -10.17
N ARG E 165 -44.35 14.80 -8.99
CA ARG E 165 -43.97 14.14 -7.75
C ARG E 165 -44.95 13.02 -7.40
N GLN E 166 -44.41 11.97 -6.79
CA GLN E 166 -45.20 10.82 -6.36
C GLN E 166 -44.89 10.50 -4.91
N PHE E 167 -45.93 10.21 -4.14
CA PHE E 167 -45.78 9.88 -2.73
C PHE E 167 -45.38 8.43 -2.59
N MET E 168 -44.23 8.20 -1.94
CA MET E 168 -43.63 6.89 -1.62
C MET E 168 -43.33 6.06 -2.87
N ASN E 169 -43.10 6.72 -4.01
CA ASN E 169 -42.96 6.14 -5.35
C ASN E 169 -44.14 5.22 -5.70
N LYS E 170 -45.35 5.67 -5.34
CA LYS E 170 -46.56 4.91 -5.58
C LYS E 170 -47.57 5.80 -6.29
N SER E 171 -48.50 5.16 -6.99
CA SER E 171 -49.57 5.87 -7.66
C SER E 171 -50.84 5.04 -7.56
N LEU E 172 -51.97 5.71 -7.29
CA LEU E 172 -53.25 5.02 -7.17
C LEU E 172 -53.77 4.57 -8.53
N SER E 173 -53.38 5.24 -9.61
CA SER E 173 -53.74 4.85 -10.96
C SER E 173 -52.51 4.34 -11.69
N GLY E 174 -52.74 3.62 -12.78
CA GLY E 174 -51.67 3.11 -13.59
C GLY E 174 -50.98 4.20 -14.40
N PRO E 175 -49.73 3.95 -14.83
CA PRO E 175 -49.01 4.96 -15.62
C PRO E 175 -49.48 5.02 -17.07
N THR F 1 21.85 -2.75 -36.09
CA THR F 1 21.77 -4.19 -35.94
C THR F 1 23.17 -4.65 -36.40
N ALA F 2 24.15 -3.77 -36.17
CA ALA F 2 25.53 -4.12 -36.47
C ALA F 2 26.06 -5.15 -35.47
N THR F 3 25.84 -4.91 -34.17
CA THR F 3 26.15 -5.91 -33.16
C THR F 3 25.00 -6.13 -32.18
N LEU F 4 23.82 -5.53 -32.42
CA LEU F 4 22.75 -5.56 -31.43
C LEU F 4 22.06 -6.92 -31.36
N ARG F 5 21.81 -7.54 -32.53
CA ARG F 5 21.16 -8.85 -32.56
C ARG F 5 21.98 -10.00 -31.95
N PRO F 6 23.31 -10.16 -32.21
CA PRO F 6 24.01 -11.23 -31.46
C PRO F 6 24.17 -10.96 -29.97
N TYR F 7 24.24 -9.68 -29.58
CA TYR F 7 24.29 -9.30 -28.18
C TYR F 7 23.00 -9.66 -27.46
N LEU F 8 21.86 -9.36 -28.10
CA LEU F 8 20.57 -9.70 -27.51
C LEU F 8 20.30 -11.20 -27.53
N SER F 9 20.81 -11.91 -28.54
CA SER F 9 20.67 -13.37 -28.57
C SER F 9 21.51 -14.05 -27.49
N ALA F 10 22.71 -13.53 -27.22
CA ALA F 10 23.54 -14.07 -26.15
C ALA F 10 22.96 -13.78 -24.77
N VAL F 11 22.39 -12.59 -24.59
CA VAL F 11 21.74 -12.24 -23.32
C VAL F 11 20.49 -13.09 -23.11
N ARG F 12 19.74 -13.37 -24.19
CA ARG F 12 18.56 -14.23 -24.11
C ARG F 12 18.91 -15.68 -23.77
N ALA F 13 19.99 -16.20 -24.36
CA ALA F 13 20.42 -17.57 -24.06
C ALA F 13 20.94 -17.71 -22.64
N THR F 14 21.68 -16.71 -22.15
CA THR F 14 22.21 -16.76 -20.79
C THR F 14 21.08 -16.60 -19.76
N LEU F 15 20.07 -15.78 -20.08
CA LEU F 15 18.93 -15.62 -19.18
C LEU F 15 18.03 -16.84 -19.20
N GLN F 16 17.99 -17.57 -20.32
CA GLN F 16 17.29 -18.85 -20.35
C GLN F 16 18.00 -19.89 -19.51
N ALA F 17 19.33 -19.86 -19.51
CA ALA F 17 20.08 -20.82 -18.70
C ALA F 17 20.04 -20.46 -17.21
N ALA F 18 19.86 -19.18 -16.88
CA ALA F 18 19.96 -18.76 -15.48
C ALA F 18 18.65 -18.94 -14.73
N LEU F 19 17.52 -18.72 -15.38
CA LEU F 19 16.22 -18.71 -14.70
C LEU F 19 15.68 -20.12 -14.59
N CYS F 20 16.22 -20.86 -13.63
CA CYS F 20 15.74 -22.21 -13.26
C CYS F 20 15.75 -22.27 -11.74
N LEU F 21 14.66 -21.88 -11.11
CA LEU F 21 14.60 -21.68 -9.67
C LEU F 21 13.62 -22.65 -9.04
N GLU F 22 13.72 -22.77 -7.71
CA GLU F 22 12.81 -23.60 -6.94
C GLU F 22 12.72 -23.04 -5.53
N ASN F 23 11.77 -23.55 -4.76
CA ASN F 23 11.59 -23.10 -3.38
C ASN F 23 12.67 -23.66 -2.48
N PHE F 24 13.11 -22.83 -1.53
CA PHE F 24 14.18 -23.22 -0.63
C PHE F 24 14.05 -22.42 0.66
N SER F 25 13.92 -23.12 1.79
CA SER F 25 13.87 -22.49 3.09
C SER F 25 15.28 -22.35 3.66
N SER F 26 15.43 -21.42 4.61
CA SER F 26 16.74 -21.10 5.15
C SER F 26 17.25 -22.20 6.07
N GLN F 27 18.53 -22.52 5.93
CA GLN F 27 19.15 -23.58 6.72
C GLN F 27 20.02 -23.03 7.86
N VAL F 28 19.96 -21.74 8.12
CA VAL F 28 20.63 -21.16 9.29
C VAL F 28 19.66 -20.51 10.26
N VAL F 29 18.49 -20.06 9.82
CA VAL F 29 17.50 -19.42 10.69
C VAL F 29 16.23 -20.26 10.63
N GLU F 30 15.64 -20.51 11.79
CA GLU F 30 14.46 -21.36 11.95
C GLU F 30 13.25 -20.70 11.30
N ARG F 31 12.74 -21.32 10.22
CA ARG F 31 11.58 -20.90 9.42
C ARG F 31 11.73 -19.49 8.84
N HIS F 32 12.73 -19.33 7.98
CA HIS F 32 12.91 -18.11 7.20
C HIS F 32 12.98 -18.45 5.72
N ASN F 33 12.60 -17.50 4.88
CA ASN F 33 12.62 -17.68 3.44
C ASN F 33 13.15 -16.40 2.83
N LYS F 34 14.39 -16.43 2.37
CA LYS F 34 15.11 -15.24 1.91
C LYS F 34 15.78 -15.53 0.58
N PRO F 35 15.97 -14.52 -0.27
CA PRO F 35 16.73 -14.72 -1.52
C PRO F 35 18.21 -14.91 -1.23
N GLU F 36 18.79 -15.91 -1.88
CA GLU F 36 20.14 -16.34 -1.52
C GLU F 36 21.23 -15.51 -2.18
N VAL F 37 20.91 -14.72 -3.20
CA VAL F 37 21.93 -13.90 -3.84
C VAL F 37 22.14 -12.62 -3.04
N GLU F 38 21.17 -12.27 -2.20
CA GLU F 38 21.27 -11.06 -1.40
C GLU F 38 21.83 -11.35 -0.01
N VAL F 39 21.45 -12.48 0.58
CA VAL F 39 21.89 -12.84 1.92
C VAL F 39 23.34 -13.32 1.88
N ARG F 40 23.65 -14.22 0.93
CA ARG F 40 24.96 -14.84 0.68
C ARG F 40 25.50 -15.58 1.92
N SER F 41 24.62 -16.28 2.64
CA SER F 41 25.04 -16.95 3.86
C SER F 41 25.77 -18.26 3.56
N SER F 42 25.36 -18.97 2.51
CA SER F 42 25.90 -20.28 2.19
C SER F 42 26.62 -20.23 0.85
N LYS F 43 27.68 -21.03 0.72
CA LYS F 43 28.54 -20.94 -0.46
C LYS F 43 28.15 -21.98 -1.50
N GLU F 44 27.50 -23.06 -1.10
CA GLU F 44 27.17 -24.12 -2.06
C GLU F 44 25.94 -23.78 -2.88
N LEU F 45 25.17 -22.78 -2.47
CA LEU F 45 23.95 -22.43 -3.17
C LEU F 45 24.14 -21.30 -4.16
N LEU F 46 25.35 -20.79 -4.31
CA LEU F 46 25.63 -19.69 -5.23
C LEU F 46 26.24 -20.23 -6.52
N LEU F 47 26.01 -19.51 -7.61
CA LEU F 47 26.57 -19.84 -8.90
C LEU F 47 27.62 -18.80 -9.27
N GLN F 48 28.37 -19.10 -10.32
CA GLN F 48 29.38 -18.17 -10.80
C GLN F 48 28.74 -17.01 -11.54
N PRO F 49 29.18 -15.79 -11.29
CA PRO F 49 28.65 -14.64 -12.04
C PRO F 49 29.20 -14.62 -13.46
N VAL F 50 28.36 -14.16 -14.39
CA VAL F 50 28.76 -14.08 -15.79
C VAL F 50 28.50 -12.68 -16.30
N THR F 51 29.22 -12.30 -17.35
CA THR F 51 29.15 -10.96 -17.92
C THR F 51 29.12 -11.09 -19.44
N ILE F 52 28.20 -10.36 -20.07
CA ILE F 52 28.16 -10.26 -21.53
C ILE F 52 28.35 -8.80 -21.90
N SER F 53 29.34 -8.52 -22.75
CA SER F 53 29.73 -7.16 -23.06
C SER F 53 29.70 -6.94 -24.57
N ARG F 54 28.93 -5.94 -25.00
CA ARG F 54 28.94 -5.54 -26.40
C ARG F 54 30.20 -4.77 -26.76
N ASN F 55 30.61 -3.84 -25.90
CA ASN F 55 31.84 -3.07 -26.06
C ASN F 55 32.35 -2.77 -24.66
N GLU F 56 33.19 -1.73 -24.55
CA GLU F 56 33.84 -1.41 -23.28
C GLU F 56 32.86 -0.81 -22.28
N LYS F 57 31.76 -0.22 -22.75
CA LYS F 57 30.86 0.52 -21.87
C LYS F 57 29.46 -0.05 -21.80
N GLU F 58 29.14 -1.11 -22.55
CA GLU F 58 27.85 -1.76 -22.49
C GLU F 58 28.03 -3.18 -21.98
N LYS F 59 27.38 -3.51 -20.87
CA LYS F 59 27.54 -4.83 -20.29
C LYS F 59 26.31 -5.23 -19.48
N VAL F 60 26.15 -6.54 -19.33
CA VAL F 60 25.10 -7.15 -18.53
C VAL F 60 25.77 -8.17 -17.61
N LEU F 61 25.55 -8.03 -16.30
CA LEU F 61 26.08 -8.94 -15.30
C LEU F 61 24.95 -9.77 -14.71
N ILE F 62 25.10 -11.10 -14.73
CA ILE F 62 24.06 -12.02 -14.28
C ILE F 62 24.62 -12.87 -13.17
N GLU F 63 23.96 -12.85 -12.01
CA GLU F 63 24.31 -13.66 -10.85
C GLU F 63 23.12 -14.51 -10.47
N GLY F 64 23.37 -15.76 -10.07
CA GLY F 64 22.30 -16.69 -9.82
C GLY F 64 22.47 -17.42 -8.50
N SER F 65 21.38 -18.05 -8.08
CA SER F 65 21.34 -18.86 -6.86
C SER F 65 20.35 -19.98 -7.06
N ILE F 66 19.93 -20.60 -5.95
CA ILE F 66 18.97 -21.69 -6.04
C ILE F 66 17.54 -21.14 -6.11
N ASN F 67 17.32 -19.90 -5.66
CA ASN F 67 15.97 -19.34 -5.65
C ASN F 67 15.90 -17.87 -6.08
N SER F 68 16.99 -17.30 -6.59
CA SER F 68 17.00 -15.88 -6.91
C SER F 68 18.05 -15.59 -7.98
N VAL F 69 17.72 -14.65 -8.86
CA VAL F 69 18.59 -14.22 -9.94
C VAL F 69 18.66 -12.69 -9.93
N ARG F 70 19.88 -12.14 -9.91
CA ARG F 70 20.09 -10.71 -10.00
C ARG F 70 20.72 -10.35 -11.34
N VAL F 71 20.10 -9.42 -12.06
CA VAL F 71 20.53 -9.03 -13.40
C VAL F 71 20.81 -7.53 -13.38
N SER F 72 22.03 -7.13 -13.73
CA SER F 72 22.41 -5.73 -13.77
C SER F 72 22.77 -5.31 -15.19
N ILE F 73 22.23 -4.17 -15.61
CA ILE F 73 22.40 -3.66 -16.97
C ILE F 73 23.05 -2.29 -16.91
N ALA F 74 24.10 -2.10 -17.71
CA ALA F 74 24.69 -0.79 -17.95
C ALA F 74 24.24 -0.28 -19.32
N VAL F 75 23.78 0.97 -19.36
CA VAL F 75 23.12 1.53 -20.53
C VAL F 75 24.11 2.45 -21.26
N LYS F 76 24.06 2.43 -22.60
CA LYS F 76 24.94 3.25 -23.41
C LYS F 76 24.57 4.72 -23.31
N GLN F 77 25.54 5.54 -22.89
CA GLN F 77 25.38 6.99 -22.77
C GLN F 77 26.50 7.64 -23.57
N ALA F 78 26.14 8.45 -24.56
CA ALA F 78 27.12 9.04 -25.46
C ALA F 78 27.45 10.49 -25.14
N ASP F 79 26.48 11.28 -24.65
CA ASP F 79 26.68 12.69 -24.41
C ASP F 79 26.26 13.02 -22.97
N GLU F 80 26.33 14.31 -22.65
CA GLU F 80 25.92 14.75 -21.32
C GLU F 80 24.40 14.76 -21.18
N ILE F 81 23.70 15.14 -22.26
CA ILE F 81 22.25 15.19 -22.25
C ILE F 81 21.65 13.79 -22.17
N GLU F 82 22.30 12.81 -22.83
CA GLU F 82 21.86 11.43 -22.73
C GLU F 82 22.16 10.84 -21.35
N LYS F 83 23.25 11.32 -20.74
CA LYS F 83 23.60 10.90 -19.39
C LYS F 83 22.58 11.37 -18.37
N ILE F 84 22.17 12.64 -18.46
CA ILE F 84 21.23 13.16 -17.46
C ILE F 84 19.81 12.66 -17.74
N LEU F 85 19.48 12.38 -19.01
CA LEU F 85 18.18 11.80 -19.32
C LEU F 85 18.09 10.35 -18.86
N CYS F 86 19.19 9.60 -18.98
CA CYS F 86 19.23 8.23 -18.48
C CYS F 86 19.17 8.18 -16.97
N HIS F 87 19.85 9.13 -16.29
CA HIS F 87 19.82 9.16 -14.83
C HIS F 87 18.44 9.54 -14.30
N LYS F 88 17.76 10.49 -14.97
CA LYS F 88 16.40 10.87 -14.59
C LYS F 88 15.41 9.73 -14.85
N PHE F 89 15.61 8.98 -15.94
CA PHE F 89 14.72 7.85 -16.26
C PHE F 89 14.88 6.72 -15.25
N MET F 90 16.12 6.41 -14.85
CA MET F 90 16.33 5.33 -13.90
C MET F 90 15.85 5.71 -12.50
N ARG F 91 16.01 6.98 -12.11
CA ARG F 91 15.48 7.43 -10.83
C ARG F 91 13.95 7.45 -10.82
N PHE F 92 13.34 7.82 -11.95
CA PHE F 92 11.89 7.79 -12.10
C PHE F 92 11.34 6.37 -11.99
N MET F 93 12.03 5.40 -12.59
CA MET F 93 11.53 4.03 -12.52
C MET F 93 11.82 3.39 -11.17
N MET F 94 12.94 3.75 -10.52
CA MET F 94 13.21 3.11 -9.23
C MET F 94 12.45 3.75 -8.09
N MET F 95 11.84 4.93 -8.28
CA MET F 95 10.99 5.43 -7.19
C MET F 95 9.66 4.66 -7.16
N ARG F 96 9.20 4.16 -8.31
CA ARG F 96 7.95 3.40 -8.40
C ARG F 96 8.21 1.90 -8.38
N ALA F 97 9.15 1.44 -7.54
CA ALA F 97 9.62 0.05 -7.61
C ALA F 97 8.63 -0.94 -7.00
N GLU F 98 7.60 -0.47 -6.29
CA GLU F 98 6.69 -1.39 -5.65
C GLU F 98 5.62 -1.91 -6.62
N ASN F 99 5.48 -1.28 -7.79
CA ASN F 99 4.50 -1.74 -8.75
C ASN F 99 5.10 -2.66 -9.80
N PHE F 100 6.42 -2.63 -9.98
CA PHE F 100 7.07 -3.44 -11.00
C PHE F 100 7.22 -4.89 -10.57
N PHE F 101 7.41 -5.10 -9.25
CA PHE F 101 7.58 -6.35 -8.49
C PHE F 101 8.92 -7.06 -8.72
N ILE F 102 9.70 -6.64 -9.71
CA ILE F 102 10.94 -7.33 -10.04
C ILE F 102 12.09 -6.33 -10.13
N LEU F 103 11.92 -5.18 -9.50
CA LEU F 103 12.91 -4.11 -9.60
C LEU F 103 13.53 -3.84 -8.23
N ARG F 104 14.79 -3.42 -8.25
CA ARG F 104 15.51 -3.07 -7.03
C ARG F 104 15.41 -1.56 -6.80
N ARG F 105 15.39 -1.17 -5.52
CA ARG F 105 15.32 0.26 -5.20
C ARG F 105 16.66 0.95 -5.43
N LYS F 106 17.76 0.21 -5.31
CA LYS F 106 19.09 0.75 -5.54
C LYS F 106 19.86 -0.18 -6.46
N PRO F 107 20.54 0.34 -7.46
CA PRO F 107 21.29 -0.51 -8.38
C PRO F 107 22.62 -0.96 -7.78
N VAL F 108 23.14 -2.04 -8.37
CA VAL F 108 24.49 -2.51 -8.05
C VAL F 108 25.49 -1.49 -8.59
N GLU F 109 26.57 -1.26 -7.82
CA GLU F 109 27.57 -0.24 -8.12
C GLU F 109 28.31 -0.57 -9.42
N GLY F 110 28.49 0.46 -10.25
CA GLY F 110 29.05 0.30 -11.58
C GLY F 110 28.05 0.03 -12.67
N TYR F 111 26.76 -0.05 -12.34
CA TYR F 111 25.72 -0.38 -13.30
C TYR F 111 24.56 0.59 -13.15
N ASP F 112 23.69 0.60 -14.17
CA ASP F 112 22.59 1.57 -14.17
C ASP F 112 21.32 1.00 -13.56
N ILE F 113 20.87 -0.18 -14.00
CA ILE F 113 19.60 -0.71 -13.50
C ILE F 113 19.83 -2.16 -13.08
N SER F 114 18.98 -2.64 -12.17
CA SER F 114 19.10 -3.99 -11.63
C SER F 114 17.74 -4.60 -11.37
N PHE F 115 17.57 -5.85 -11.79
CA PHE F 115 16.38 -6.65 -11.55
C PHE F 115 16.71 -7.76 -10.56
N LEU F 116 15.76 -8.08 -9.70
CA LEU F 116 15.87 -9.21 -8.76
C LEU F 116 14.63 -10.08 -8.93
N ILE F 117 14.83 -11.31 -9.39
CA ILE F 117 13.73 -12.22 -9.68
C ILE F 117 13.85 -13.43 -8.77
N THR F 118 12.83 -13.68 -7.97
CA THR F 118 12.80 -14.81 -7.05
C THR F 118 11.96 -15.93 -7.65
N ASN F 119 11.74 -16.99 -6.86
CA ASN F 119 11.00 -18.13 -7.35
C ASN F 119 9.50 -17.88 -7.31
N PHE F 120 9.04 -16.90 -6.52
CA PHE F 120 7.62 -16.59 -6.46
C PHE F 120 7.14 -15.92 -7.74
N HIS F 121 8.02 -15.17 -8.39
CA HIS F 121 7.67 -14.58 -9.68
C HIS F 121 7.63 -15.64 -10.78
N THR F 122 8.49 -16.65 -10.69
CA THR F 122 8.43 -17.74 -11.66
C THR F 122 7.26 -18.67 -11.38
N GLU F 123 6.76 -18.70 -10.15
CA GLU F 123 5.53 -19.44 -9.88
C GLU F 123 4.30 -18.65 -10.30
N GLN F 124 4.39 -17.31 -10.26
CA GLN F 124 3.27 -16.45 -10.57
C GLN F 124 3.23 -15.97 -12.01
N MET F 125 4.29 -16.20 -12.79
CA MET F 125 4.35 -15.76 -14.17
C MET F 125 5.03 -16.84 -15.00
N TYR F 126 4.88 -16.76 -16.30
CA TYR F 126 5.64 -17.65 -17.19
C TYR F 126 7.08 -17.18 -17.28
N LYS F 127 8.00 -18.13 -17.48
CA LYS F 127 9.43 -17.79 -17.50
C LYS F 127 9.82 -17.10 -18.79
N HIS F 128 9.33 -17.60 -19.92
CA HIS F 128 9.74 -17.09 -21.22
C HIS F 128 9.18 -15.70 -21.48
N LYS F 129 8.02 -15.38 -20.89
CA LYS F 129 7.50 -14.02 -20.95
C LYS F 129 8.32 -13.06 -20.11
N LEU F 130 8.92 -13.54 -19.01
CA LEU F 130 9.82 -12.71 -18.21
C LEU F 130 11.12 -12.42 -18.96
N VAL F 131 11.66 -13.43 -19.65
CA VAL F 131 12.87 -13.24 -20.47
C VAL F 131 12.61 -12.28 -21.62
N ASP F 132 11.44 -12.42 -22.27
CA ASP F 132 11.06 -11.51 -23.34
C ASP F 132 10.79 -10.10 -22.83
N PHE F 133 10.34 -9.97 -21.57
CA PHE F 133 10.17 -8.64 -20.99
C PHE F 133 11.50 -7.96 -20.73
N VAL F 134 12.51 -8.71 -20.29
CA VAL F 134 13.84 -8.14 -20.05
C VAL F 134 14.49 -7.69 -21.36
N ILE F 135 14.35 -8.51 -22.41
CA ILE F 135 14.88 -8.14 -23.74
C ILE F 135 14.12 -6.94 -24.33
N HIS F 136 12.80 -6.89 -24.10
CA HIS F 136 11.98 -5.78 -24.59
C HIS F 136 12.28 -4.47 -23.87
N PHE F 137 12.59 -4.56 -22.57
CA PHE F 137 13.01 -3.40 -21.78
C PHE F 137 14.32 -2.83 -22.27
N MET F 138 15.31 -3.71 -22.50
CA MET F 138 16.61 -3.30 -23.04
C MET F 138 16.51 -2.76 -24.45
N GLU F 139 15.53 -3.21 -25.23
CA GLU F 139 15.33 -2.63 -26.55
C GLU F 139 14.67 -1.25 -26.47
N GLU F 140 13.70 -1.07 -25.57
CA GLU F 140 12.87 0.14 -25.60
C GLU F 140 13.54 1.36 -24.97
N ILE F 141 14.52 1.15 -24.07
CA ILE F 141 15.14 2.24 -23.32
C ILE F 141 15.87 3.23 -24.24
N ASP F 142 16.63 2.71 -25.22
CA ASP F 142 17.44 3.57 -26.09
C ASP F 142 16.58 4.37 -27.06
N LYS F 143 15.49 3.78 -27.56
CA LYS F 143 14.55 4.48 -28.42
C LYS F 143 13.86 5.60 -27.69
N GLU F 144 13.49 5.37 -26.41
CA GLU F 144 12.87 6.41 -25.61
C GLU F 144 13.82 7.58 -25.34
N ILE F 145 15.10 7.28 -25.05
CA ILE F 145 16.09 8.32 -24.77
C ILE F 145 16.39 9.17 -26.00
N SER F 146 16.47 8.52 -27.18
CA SER F 146 16.71 9.25 -28.43
C SER F 146 15.51 10.14 -28.80
N GLU F 147 14.28 9.67 -28.53
CA GLU F 147 13.10 10.47 -28.80
C GLU F 147 13.01 11.69 -27.88
N MET F 148 13.43 11.54 -26.61
CA MET F 148 13.48 12.69 -25.70
C MET F 148 14.50 13.73 -26.13
N LYS F 149 15.67 13.28 -26.64
CA LYS F 149 16.69 14.21 -27.11
C LYS F 149 16.23 15.00 -28.33
N LEU F 150 15.54 14.33 -29.27
CA LEU F 150 15.01 15.03 -30.44
C LEU F 150 13.88 16.00 -30.08
N SER F 151 13.04 15.64 -29.11
CA SER F 151 11.97 16.51 -28.67
C SER F 151 12.50 17.77 -27.97
N VAL F 152 13.57 17.61 -27.16
CA VAL F 152 14.19 18.74 -26.48
C VAL F 152 14.83 19.71 -27.49
N ASN F 153 15.48 19.17 -28.53
CA ASN F 153 16.09 20.02 -29.55
C ASN F 153 15.05 20.79 -30.39
N ALA F 154 13.94 20.13 -30.74
CA ALA F 154 12.89 20.80 -31.51
C ALA F 154 12.18 21.88 -30.68
N ARG F 155 11.95 21.60 -29.39
CA ARG F 155 11.36 22.58 -28.48
C ARG F 155 12.25 23.80 -28.30
N ALA F 156 13.57 23.58 -28.20
CA ALA F 156 14.52 24.69 -28.07
C ALA F 156 14.56 25.56 -29.32
N ARG F 157 14.43 24.93 -30.50
CA ARG F 157 14.39 25.70 -31.75
C ARG F 157 13.14 26.59 -31.84
N ILE F 158 11.97 26.06 -31.45
CA ILE F 158 10.73 26.85 -31.52
C ILE F 158 10.73 27.98 -30.48
N VAL F 159 11.26 27.71 -29.27
CA VAL F 159 11.33 28.71 -28.20
C VAL F 159 12.29 29.85 -28.57
N ALA F 160 13.43 29.53 -29.20
CA ALA F 160 14.33 30.58 -29.68
C ALA F 160 13.72 31.38 -30.84
N GLU F 161 12.96 30.69 -31.71
CA GLU F 161 12.37 31.32 -32.89
C GLU F 161 11.30 32.35 -32.52
N GLU F 162 10.49 32.04 -31.50
CA GLU F 162 9.42 32.98 -31.09
C GLU F 162 9.98 34.26 -30.49
N PHE F 163 10.99 34.14 -29.62
CA PHE F 163 11.56 35.31 -28.96
C PHE F 163 12.37 36.16 -29.93
N LEU F 164 13.08 35.54 -30.88
CA LEU F 164 13.77 36.38 -31.85
C LEU F 164 12.82 36.91 -32.93
N LYS F 165 11.65 36.29 -33.10
CA LYS F 165 10.67 36.85 -34.02
C LYS F 165 9.97 38.06 -33.42
N ASN F 166 9.75 38.06 -32.11
CA ASN F 166 8.89 39.08 -31.49
C ASN F 166 9.54 40.45 -31.36
N PHE F 167 10.84 40.59 -31.64
CA PHE F 167 11.50 41.89 -31.67
C PHE F 167 11.02 42.74 -32.84
N SER G 1 29.41 0.90 25.05
CA SER G 1 29.83 0.14 26.22
C SER G 1 29.87 -1.36 25.91
N SER G 2 28.78 -2.05 26.22
CA SER G 2 28.72 -3.50 25.99
C SER G 2 28.54 -3.81 24.50
N ALA G 3 27.75 -2.98 23.79
CA ALA G 3 27.07 -3.31 22.53
C ALA G 3 27.98 -3.67 21.35
N ARG G 4 29.30 -3.55 21.53
CA ARG G 4 30.28 -4.12 20.59
C ARG G 4 30.26 -5.65 20.53
N PHE G 5 29.54 -6.34 21.44
CA PHE G 5 29.27 -7.77 21.24
C PHE G 5 28.44 -8.01 19.98
N ARG G 6 27.61 -7.03 19.57
CA ARG G 6 26.91 -7.17 18.30
C ARG G 6 27.81 -6.90 17.10
N LYS G 7 29.04 -6.42 17.30
CA LYS G 7 29.92 -6.17 16.17
C LYS G 7 30.55 -7.46 15.65
N VAL G 8 30.85 -8.41 16.54
CA VAL G 8 31.55 -9.61 16.13
C VAL G 8 30.55 -10.69 15.72
N ASP G 9 30.73 -11.24 14.54
CA ASP G 9 29.88 -12.31 14.03
C ASP G 9 30.58 -13.65 14.16
N VAL G 10 29.81 -14.67 14.54
CA VAL G 10 30.35 -16.01 14.77
C VAL G 10 29.82 -17.05 13.81
N GLY G 11 29.15 -16.63 12.72
CA GLY G 11 28.55 -17.59 11.80
C GLY G 11 29.54 -18.32 10.92
N GLU G 12 30.73 -17.77 10.72
CA GLU G 12 31.75 -18.43 9.92
C GLU G 12 32.76 -19.19 10.76
N TYR G 13 32.56 -19.27 12.07
CA TYR G 13 33.46 -20.00 12.96
C TYR G 13 32.85 -21.32 13.41
N ASP G 14 31.76 -21.73 12.78
CA ASP G 14 31.09 -22.97 13.12
C ASP G 14 31.86 -24.16 12.58
N GLU G 15 31.74 -25.30 13.26
CA GLU G 15 32.39 -26.52 12.78
C GLU G 15 31.57 -27.16 11.66
N ASN G 16 30.25 -26.97 11.68
CA ASN G 16 29.38 -27.51 10.63
C ASN G 16 29.18 -26.44 9.56
N LYS G 17 30.01 -26.48 8.53
CA LYS G 17 29.86 -25.58 7.39
C LYS G 17 30.39 -26.29 6.16
N PHE G 18 29.95 -25.82 4.99
CA PHE G 18 30.34 -26.45 3.73
C PHE G 18 31.76 -26.03 3.38
N VAL G 19 32.71 -26.85 3.81
CA VAL G 19 34.08 -26.73 3.31
C VAL G 19 34.14 -27.44 1.96
N ASP G 20 34.93 -26.89 1.04
CA ASP G 20 35.02 -27.46 -0.30
C ASP G 20 35.79 -28.77 -0.28
N GLU G 21 35.53 -29.60 -1.29
CA GLU G 21 36.21 -30.88 -1.47
C GLU G 21 37.46 -30.69 -2.35
N GLU G 22 38.35 -29.83 -1.85
CA GLU G 22 39.54 -29.42 -2.58
C GLU G 22 40.55 -30.55 -2.45
N ASP G 23 40.62 -31.37 -3.50
CA ASP G 23 41.66 -32.39 -3.62
C ASP G 23 42.89 -31.73 -4.23
N GLY G 24 43.95 -31.62 -3.44
CA GLY G 24 45.15 -30.90 -3.83
C GLY G 24 45.94 -31.52 -4.97
N GLY G 25 46.21 -30.72 -6.00
CA GLY G 25 46.98 -31.18 -7.13
C GLY G 25 47.44 -30.01 -7.96
N ASP G 26 48.58 -30.20 -8.62
CA ASP G 26 49.16 -29.18 -9.48
C ASP G 26 49.73 -29.85 -10.71
N GLY G 27 50.55 -29.11 -11.45
CA GLY G 27 51.11 -29.63 -12.69
C GLY G 27 50.32 -29.14 -13.89
N GLN G 28 49.74 -27.95 -13.78
CA GLN G 28 49.00 -27.33 -14.87
C GLN G 28 49.61 -25.97 -15.12
N ALA G 29 50.26 -25.82 -16.27
CA ALA G 29 51.00 -24.61 -16.63
C ALA G 29 50.54 -24.06 -17.97
N GLY G 30 49.23 -24.09 -18.23
CA GLY G 30 48.71 -23.89 -19.56
C GLY G 30 48.85 -25.17 -20.36
N PRO G 31 48.50 -25.13 -21.65
CA PRO G 31 48.87 -26.27 -22.50
C PRO G 31 50.37 -26.34 -22.73
N ASP G 32 50.86 -25.34 -23.47
CA ASP G 32 52.24 -24.92 -23.74
C ASP G 32 52.13 -23.76 -24.73
N GLU G 33 53.22 -23.02 -24.94
CA GLU G 33 53.14 -21.84 -25.81
C GLU G 33 53.88 -22.04 -27.12
N GLY G 34 54.92 -22.88 -27.10
CA GLY G 34 55.86 -22.92 -28.23
C GLY G 34 55.30 -23.60 -29.47
N GLU G 35 54.61 -24.73 -29.30
CA GLU G 35 54.05 -25.39 -30.48
C GLU G 35 52.80 -24.67 -30.96
N VAL G 36 52.15 -23.91 -30.09
CA VAL G 36 51.05 -23.05 -30.51
C VAL G 36 51.56 -21.90 -31.38
N ASP G 37 52.70 -21.32 -30.99
CA ASP G 37 53.32 -20.27 -31.79
C ASP G 37 53.86 -20.82 -33.12
N SER G 38 54.38 -22.04 -33.12
CA SER G 38 54.85 -22.64 -34.36
C SER G 38 53.68 -23.07 -35.25
N CYS G 39 52.54 -23.42 -34.66
CA CYS G 39 51.36 -23.74 -35.44
C CYS G 39 50.75 -22.49 -36.05
N LEU G 40 50.87 -21.35 -35.36
CA LEU G 40 50.52 -20.09 -36.00
C LEU G 40 51.56 -19.68 -37.03
N ARG G 41 52.81 -20.13 -36.87
CA ARG G 41 53.86 -19.81 -37.83
C ARG G 41 53.69 -20.57 -39.15
N GLN G 42 53.23 -21.82 -39.09
CA GLN G 42 53.20 -22.69 -40.26
C GLN G 42 51.98 -22.46 -41.16
N GLY G 43 51.16 -21.44 -40.89
CA GLY G 43 50.02 -21.15 -41.75
C GLY G 43 48.84 -22.08 -41.53
N ASN G 44 48.60 -22.49 -40.29
CA ASN G 44 47.44 -23.31 -39.97
C ASN G 44 46.71 -22.70 -38.78
N MET G 45 45.45 -23.10 -38.65
CA MET G 45 44.52 -22.56 -37.66
C MET G 45 43.91 -23.62 -36.75
N THR G 46 43.78 -24.85 -37.25
CA THR G 46 43.03 -25.86 -36.50
C THR G 46 43.91 -26.53 -35.45
N ALA G 47 45.15 -26.88 -35.84
CA ALA G 47 46.07 -27.60 -34.95
C ALA G 47 46.50 -26.75 -33.76
N ALA G 48 46.56 -25.43 -33.96
CA ALA G 48 46.76 -24.51 -32.84
C ALA G 48 45.54 -24.49 -31.91
N LEU G 49 44.35 -24.71 -32.46
CA LEU G 49 43.14 -24.68 -31.63
C LEU G 49 43.02 -25.94 -30.77
N GLN G 50 43.30 -27.13 -31.34
CA GLN G 50 43.32 -28.30 -30.45
C GLN G 50 44.60 -28.37 -29.62
N ALA G 51 45.64 -27.60 -29.97
CA ALA G 51 46.74 -27.41 -29.03
C ALA G 51 46.31 -26.55 -27.85
N ALA G 52 45.49 -25.53 -28.10
CA ALA G 52 45.10 -24.60 -27.05
C ALA G 52 44.06 -25.19 -26.11
N LEU G 53 43.16 -26.03 -26.63
CA LEU G 53 42.12 -26.60 -25.76
C LEU G 53 42.64 -27.72 -24.85
N LYS G 54 43.85 -28.23 -25.08
CA LYS G 54 44.41 -29.22 -24.17
C LYS G 54 44.92 -28.55 -22.90
N ASN G 55 44.96 -29.34 -21.81
CA ASN G 55 45.51 -29.05 -20.49
C ASN G 55 44.99 -27.77 -19.83
N PRO G 56 43.77 -27.76 -19.32
CA PRO G 56 43.27 -26.56 -18.63
C PRO G 56 43.88 -26.43 -17.24
N PRO G 57 43.99 -25.20 -16.71
CA PRO G 57 44.51 -25.01 -15.35
C PRO G 57 43.40 -25.04 -14.29
N ILE G 58 42.72 -26.19 -14.19
CA ILE G 58 41.53 -26.26 -13.35
C ILE G 58 41.89 -26.44 -11.88
N ASN G 59 43.08 -26.98 -11.58
CA ASN G 59 43.39 -27.36 -10.21
C ASN G 59 44.29 -26.34 -9.51
N THR G 60 45.06 -25.56 -10.25
CA THR G 60 45.99 -24.63 -9.62
C THR G 60 45.26 -23.40 -9.08
N LYS G 61 45.66 -22.99 -7.88
CA LYS G 61 45.10 -21.80 -7.24
C LYS G 61 46.04 -20.62 -7.41
N SER G 62 46.25 -20.24 -8.67
CA SER G 62 47.16 -19.16 -9.01
C SER G 62 46.48 -18.25 -10.03
N GLN G 63 46.59 -16.94 -9.81
CA GLN G 63 45.96 -15.99 -10.73
C GLN G 63 46.77 -15.85 -12.01
N ALA G 64 48.10 -15.93 -11.93
CA ALA G 64 48.96 -15.66 -13.07
C ALA G 64 48.92 -16.77 -14.10
N VAL G 65 48.81 -18.03 -13.63
CA VAL G 65 48.71 -19.18 -14.52
C VAL G 65 47.38 -19.16 -15.28
N LYS G 66 46.30 -18.83 -14.58
CA LYS G 66 44.98 -18.68 -15.22
C LYS G 66 44.96 -17.47 -16.16
N ASP G 67 45.73 -16.42 -15.83
CA ASP G 67 45.79 -15.24 -16.68
C ASP G 67 46.52 -15.51 -17.99
N ARG G 68 47.65 -16.22 -17.93
CA ARG G 68 48.35 -16.51 -19.18
C ARG G 68 47.67 -17.63 -19.97
N ALA G 69 46.97 -18.54 -19.28
CA ALA G 69 46.20 -19.56 -19.99
C ALA G 69 44.95 -18.97 -20.64
N GLY G 70 44.35 -17.95 -20.04
CA GLY G 70 43.31 -17.19 -20.70
C GLY G 70 43.83 -16.11 -21.61
N SER G 71 45.14 -15.89 -21.64
CA SER G 71 45.72 -15.00 -22.63
C SER G 71 46.03 -15.70 -23.94
N ILE G 72 46.60 -16.91 -23.87
CA ILE G 72 47.05 -17.59 -25.08
C ILE G 72 45.88 -18.11 -25.92
N VAL G 73 44.78 -18.53 -25.29
CA VAL G 73 43.67 -19.06 -26.06
C VAL G 73 42.84 -17.92 -26.64
N LEU G 74 42.81 -16.76 -25.98
CA LEU G 74 42.23 -15.58 -26.61
C LEU G 74 43.12 -15.07 -27.73
N LYS G 75 44.44 -15.17 -27.56
CA LYS G 75 45.42 -14.74 -28.57
C LYS G 75 45.29 -15.55 -29.85
N VAL G 76 44.93 -16.83 -29.74
CA VAL G 76 44.57 -17.52 -30.97
C VAL G 76 43.13 -17.21 -31.38
N LEU G 77 42.24 -16.82 -30.44
CA LEU G 77 40.82 -16.65 -30.78
C LEU G 77 40.52 -15.39 -31.59
N ILE G 78 41.27 -14.29 -31.40
CA ILE G 78 41.14 -13.18 -32.35
C ILE G 78 41.65 -13.58 -33.73
N SER G 79 42.78 -14.28 -33.80
CA SER G 79 43.41 -14.58 -35.08
C SER G 79 42.66 -15.72 -35.79
N PHE G 80 41.56 -15.36 -36.44
CA PHE G 80 40.88 -16.22 -37.41
C PHE G 80 40.28 -15.36 -38.51
N LYS G 81 39.40 -15.97 -39.29
CA LYS G 81 38.63 -15.37 -40.35
C LYS G 81 37.15 -15.45 -39.99
N ALA G 82 36.28 -15.17 -40.96
CA ALA G 82 34.83 -15.15 -40.72
C ALA G 82 34.17 -16.50 -41.01
N ASN G 83 34.59 -17.19 -42.06
CA ASN G 83 33.89 -18.39 -42.52
C ASN G 83 34.54 -19.70 -42.09
N ASP G 84 35.53 -19.67 -41.21
CA ASP G 84 36.16 -20.89 -40.70
C ASP G 84 35.66 -21.25 -39.30
N ILE G 85 34.73 -20.47 -38.76
CA ILE G 85 34.28 -20.62 -37.38
C ILE G 85 33.44 -21.89 -37.24
N GLU G 86 32.60 -22.18 -38.25
CA GLU G 86 31.76 -23.38 -38.18
C GLU G 86 32.59 -24.65 -38.34
N LYS G 87 33.67 -24.59 -39.13
CA LYS G 87 34.57 -25.72 -39.28
C LYS G 87 35.36 -25.97 -37.99
N ALA G 88 35.80 -24.89 -37.34
CA ALA G 88 36.49 -25.03 -36.05
C ALA G 88 35.54 -25.45 -34.94
N VAL G 89 34.24 -25.18 -35.07
CA VAL G 89 33.28 -25.64 -34.08
C VAL G 89 32.98 -27.13 -34.26
N GLN G 90 32.64 -27.57 -35.49
CA GLN G 90 32.23 -28.96 -35.65
C GLN G 90 33.42 -29.91 -35.83
N SER G 91 34.65 -29.39 -35.84
CA SER G 91 35.81 -30.26 -35.75
C SER G 91 36.09 -30.77 -34.34
N LEU G 92 35.39 -30.27 -33.32
CA LEU G 92 35.64 -30.63 -31.94
C LEU G 92 34.59 -31.60 -31.42
N ASP G 93 34.84 -32.10 -30.21
CA ASP G 93 33.96 -32.98 -29.48
C ASP G 93 33.25 -32.10 -28.42
N LYS G 94 32.42 -32.70 -27.55
CA LYS G 94 31.62 -31.94 -26.59
C LYS G 94 32.47 -31.33 -25.48
N ASN G 95 33.56 -31.99 -25.10
CA ASN G 95 34.45 -31.45 -24.07
C ASN G 95 35.20 -30.22 -24.59
N GLY G 96 35.57 -30.24 -25.87
CA GLY G 96 36.10 -29.05 -26.51
C GLY G 96 35.07 -27.94 -26.60
N VAL G 97 33.79 -28.30 -26.76
CA VAL G 97 32.71 -27.33 -26.88
C VAL G 97 32.47 -26.61 -25.55
N ASP G 98 32.35 -27.35 -24.44
CA ASP G 98 32.04 -26.65 -23.19
C ASP G 98 33.29 -26.01 -22.57
N LEU G 99 34.49 -26.51 -22.90
CA LEU G 99 35.69 -25.77 -22.52
C LEU G 99 35.84 -24.49 -23.35
N LEU G 100 35.40 -24.51 -24.60
CA LEU G 100 35.40 -23.30 -25.42
C LEU G 100 34.38 -22.29 -24.91
N MET G 101 33.24 -22.77 -24.40
CA MET G 101 32.27 -21.90 -23.74
C MET G 101 32.82 -21.28 -22.47
N LYS G 102 33.59 -22.04 -21.69
CA LYS G 102 34.23 -21.49 -20.49
C LYS G 102 35.26 -20.40 -20.85
N TYR G 103 36.04 -20.64 -21.91
CA TYR G 103 37.03 -19.64 -22.32
C TYR G 103 36.39 -18.41 -22.96
N ILE G 104 35.28 -18.58 -23.69
CA ILE G 104 34.58 -17.45 -24.29
C ILE G 104 33.90 -16.59 -23.21
N TYR G 105 33.25 -17.24 -22.23
CA TYR G 105 32.63 -16.49 -21.14
C TYR G 105 33.64 -15.87 -20.20
N LYS G 106 34.86 -16.42 -20.14
CA LYS G 106 35.94 -15.71 -19.46
C LYS G 106 36.44 -14.55 -20.31
N GLY G 107 36.38 -14.70 -21.64
CA GLY G 107 36.92 -13.68 -22.52
C GLY G 107 36.03 -12.46 -22.67
N PHE G 108 34.73 -12.57 -22.32
CA PHE G 108 33.90 -11.37 -22.32
C PHE G 108 34.24 -10.39 -21.20
N GLU G 109 34.90 -10.87 -20.14
CA GLU G 109 35.07 -10.07 -18.93
C GLU G 109 36.07 -8.93 -19.12
N SER G 110 37.02 -9.07 -20.05
CA SER G 110 38.01 -8.03 -20.35
C SER G 110 37.84 -7.62 -21.80
N PRO G 111 36.98 -6.65 -22.09
CA PRO G 111 36.76 -6.26 -23.49
C PRO G 111 37.87 -5.37 -24.02
N SER G 112 38.21 -5.57 -25.29
CA SER G 112 39.17 -4.71 -25.98
C SER G 112 38.75 -4.63 -27.46
N ASP G 113 37.93 -3.62 -27.77
CA ASP G 113 37.51 -3.17 -29.11
C ASP G 113 36.73 -4.29 -29.82
N ASN G 114 36.92 -4.37 -31.15
CA ASN G 114 36.10 -5.19 -32.05
C ASN G 114 36.26 -6.67 -31.81
N SER G 115 37.36 -7.06 -31.16
CA SER G 115 37.63 -8.43 -30.70
C SER G 115 36.49 -8.98 -29.85
N SER G 116 35.89 -8.12 -29.01
CA SER G 116 34.74 -8.51 -28.18
C SER G 116 33.56 -8.92 -29.06
N ALA G 117 33.33 -8.18 -30.15
CA ALA G 117 32.30 -8.52 -31.11
C ALA G 117 32.63 -9.83 -31.84
N VAL G 118 33.93 -10.10 -32.03
CA VAL G 118 34.39 -11.35 -32.63
C VAL G 118 34.01 -12.54 -31.76
N LEU G 119 34.08 -12.33 -30.43
CA LEU G 119 33.70 -13.38 -29.47
C LEU G 119 32.22 -13.69 -29.56
N LEU G 120 31.40 -12.66 -29.88
CA LEU G 120 29.96 -12.84 -30.03
C LEU G 120 29.64 -13.75 -31.20
N GLN G 121 30.44 -13.63 -32.29
CA GLN G 121 30.28 -14.51 -33.45
C GLN G 121 30.58 -15.95 -33.08
N TRP G 122 31.64 -16.15 -32.26
CA TRP G 122 32.01 -17.48 -31.78
C TRP G 122 30.91 -18.07 -30.92
N HIS G 123 30.22 -17.19 -30.17
CA HIS G 123 29.17 -17.62 -29.24
C HIS G 123 28.00 -18.25 -29.98
N GLU G 124 27.63 -17.69 -31.15
CA GLU G 124 26.45 -18.26 -31.81
C GLU G 124 26.82 -19.57 -32.50
N LYS G 125 28.06 -19.67 -32.98
CA LYS G 125 28.49 -20.94 -33.54
C LYS G 125 28.77 -21.94 -32.43
N ALA G 126 29.08 -21.46 -31.22
CA ALA G 126 29.25 -22.41 -30.13
C ALA G 126 27.91 -22.73 -29.48
N LEU G 127 26.83 -22.08 -29.94
CA LEU G 127 25.52 -22.57 -29.60
C LEU G 127 24.96 -23.46 -30.72
N ALA G 128 25.69 -23.60 -31.82
CA ALA G 128 25.21 -24.42 -32.93
C ALA G 128 25.32 -25.91 -32.62
N ALA G 129 26.54 -26.42 -32.52
CA ALA G 129 26.76 -27.80 -32.07
C ALA G 129 27.02 -27.83 -30.57
N GLY G 130 26.12 -27.24 -29.79
CA GLY G 130 26.27 -27.19 -28.35
C GLY G 130 24.93 -27.35 -27.66
N GLY G 131 24.58 -26.41 -26.81
CA GLY G 131 23.27 -26.40 -26.20
C GLY G 131 23.20 -25.37 -25.09
N VAL G 132 22.02 -25.31 -24.47
CA VAL G 132 21.82 -24.47 -23.30
C VAL G 132 22.55 -25.09 -22.10
N GLY G 133 22.69 -26.42 -22.09
CA GLY G 133 23.38 -27.11 -21.02
C GLY G 133 24.87 -26.85 -20.96
N SER G 134 25.47 -26.40 -22.08
CA SER G 134 26.85 -25.92 -22.05
C SER G 134 26.96 -24.64 -21.23
N ILE G 135 26.00 -23.73 -21.38
CA ILE G 135 25.95 -22.51 -20.57
C ILE G 135 25.62 -22.83 -19.13
N VAL G 136 24.82 -23.87 -18.90
CA VAL G 136 24.52 -24.36 -17.55
C VAL G 136 25.78 -24.91 -16.88
N ARG G 137 26.59 -25.67 -17.63
CA ARG G 137 27.83 -26.20 -17.08
C ARG G 137 28.89 -25.11 -16.91
N VAL G 138 28.79 -24.02 -17.66
CA VAL G 138 29.59 -22.83 -17.36
C VAL G 138 29.16 -22.21 -16.03
N LEU G 139 27.84 -22.12 -15.81
CA LEU G 139 27.32 -21.39 -14.65
C LEU G 139 27.59 -22.11 -13.33
N THR G 140 27.37 -23.42 -13.28
CA THR G 140 27.63 -24.18 -12.05
C THR G 140 28.88 -25.06 -12.23
N ALA G 141 30.02 -24.46 -11.91
CA ALA G 141 31.29 -25.16 -11.89
C ALA G 141 32.10 -24.64 -10.72
N ARG G 142 32.58 -25.55 -9.88
CA ARG G 142 33.35 -25.18 -8.69
C ARG G 142 34.81 -24.92 -8.99
N LYS G 143 35.27 -25.19 -10.21
CA LYS G 143 36.65 -24.91 -10.61
C LYS G 143 36.61 -24.02 -11.84
N THR G 144 36.84 -22.73 -11.64
CA THR G 144 36.85 -21.78 -12.73
C THR G 144 38.15 -21.90 -13.54
N VAL G 145 38.17 -21.25 -14.69
CA VAL G 145 39.32 -21.33 -15.57
C VAL G 145 39.67 -19.91 -16.06
N GLU H 38 28.30 -58.64 16.24
CA GLU H 38 26.95 -58.13 16.06
C GLU H 38 26.57 -58.11 14.58
N TRP H 39 27.52 -57.73 13.74
CA TRP H 39 27.31 -57.59 12.30
C TRP H 39 28.41 -58.28 11.52
N GLU H 40 28.67 -59.55 11.88
CA GLU H 40 29.55 -60.39 11.09
C GLU H 40 28.95 -60.69 9.72
N ASP H 41 27.63 -60.85 9.67
CA ASP H 41 26.93 -61.04 8.40
C ASP H 41 25.66 -60.20 8.36
N SER I 1 4.94 26.73 23.79
CA SER I 1 6.08 26.64 22.90
C SER I 1 5.71 25.96 21.59
N GLY I 2 6.71 25.71 20.74
CA GLY I 2 6.45 25.12 19.46
C GLY I 2 5.85 26.12 18.49
N ILE I 3 5.17 25.59 17.48
CA ILE I 3 4.47 26.44 16.52
C ILE I 3 3.11 26.84 17.06
N VAL I 4 2.60 26.12 18.05
CA VAL I 4 1.23 26.31 18.54
C VAL I 4 1.11 27.61 19.32
N GLY I 5 2.09 27.90 20.18
CA GLY I 5 2.07 29.13 20.95
C GLY I 5 2.27 30.37 20.09
N ALA I 6 3.11 30.26 19.06
CA ALA I 6 3.29 31.36 18.12
C ALA I 6 2.04 31.56 17.26
N LEU I 7 1.34 30.46 16.94
CA LEU I 7 0.10 30.56 16.17
C LEU I 7 -1.01 31.20 16.99
N MET I 8 -1.09 30.85 18.29
CA MET I 8 -2.01 31.50 19.21
C MET I 8 -1.67 32.97 19.42
N GLU I 9 -0.38 33.31 19.43
CA GLU I 9 0.04 34.70 19.61
C GLU I 9 -0.30 35.53 18.38
N VAL I 10 -0.12 34.97 17.18
CA VAL I 10 -0.35 35.77 15.98
C VAL I 10 -1.85 35.93 15.71
N MET I 11 -2.69 34.93 16.05
CA MET I 11 -4.12 35.20 15.92
C MET I 11 -4.70 35.91 17.14
N GLN I 12 -3.98 35.94 18.26
CA GLN I 12 -4.36 36.82 19.36
C GLN I 12 -4.10 38.28 18.98
N LYS I 13 -3.02 38.53 18.24
CA LYS I 13 -2.77 39.86 17.70
C LYS I 13 -3.79 40.20 16.60
N ARG I 14 -4.19 39.21 15.81
CA ARG I 14 -5.04 39.49 14.66
C ARG I 14 -6.52 39.62 15.02
N SER I 15 -6.98 38.93 16.08
CA SER I 15 -8.41 38.83 16.36
C SER I 15 -8.98 40.15 16.89
N LYS I 16 -8.13 40.99 17.50
CA LYS I 16 -8.59 42.32 17.90
C LYS I 16 -8.75 43.24 16.69
N ALA I 17 -7.98 43.01 15.62
CA ALA I 17 -8.19 43.77 14.40
C ALA I 17 -9.41 43.26 13.63
N ILE I 18 -9.64 41.94 13.66
CA ILE I 18 -10.79 41.36 12.97
C ILE I 18 -12.11 41.74 13.66
N HIS I 19 -12.12 41.72 15.01
CA HIS I 19 -13.34 42.06 15.74
C HIS I 19 -13.64 43.56 15.68
N SER I 20 -12.62 44.39 15.45
CA SER I 20 -12.86 45.82 15.30
C SER I 20 -13.32 46.19 13.90
N SER I 21 -13.16 45.29 12.92
CA SER I 21 -13.52 45.61 11.55
C SER I 21 -15.02 45.54 11.32
N ASP I 22 -15.72 44.69 12.05
CA ASP I 22 -17.15 44.49 11.88
C ASP I 22 -17.99 45.39 12.78
N GLU I 23 -17.36 46.30 13.51
CA GLU I 23 -18.07 47.20 14.39
C GLU I 23 -18.79 48.30 13.60
N GLU I 31 -33.19 41.83 10.12
CA GLU I 31 -34.38 42.21 10.87
C GLU I 31 -35.59 41.41 10.39
N ASP I 32 -35.47 40.79 9.22
CA ASP I 32 -36.54 39.97 8.68
C ASP I 32 -36.59 38.58 9.29
N PHE I 33 -35.55 38.16 10.01
CA PHE I 33 -35.47 36.84 10.63
C PHE I 33 -35.17 36.98 12.12
N GLU I 34 -35.88 37.89 12.79
CA GLU I 34 -35.65 38.14 14.20
C GLU I 34 -36.43 37.21 15.12
N ASP I 35 -37.23 36.30 14.57
CA ASP I 35 -38.06 35.41 15.38
C ASP I 35 -37.23 34.34 16.10
N ASP I 36 -37.22 34.42 17.43
CA ASP I 36 -36.41 33.56 18.27
C ASP I 36 -37.25 32.53 19.02
N ASP I 37 -38.55 32.81 19.20
CA ASP I 37 -39.41 32.04 20.10
C ASP I 37 -39.73 30.65 19.56
N GLU I 38 -39.55 30.41 18.27
CA GLU I 38 -39.79 29.07 17.73
C GLU I 38 -38.58 28.17 17.96
N TRP I 39 -37.37 28.74 18.01
CA TRP I 39 -36.14 27.97 17.88
C TRP I 39 -35.84 27.14 19.12
N GLU I 40 -36.37 27.53 20.28
CA GLU I 40 -36.19 26.69 21.46
C GLU I 40 -37.18 25.53 21.42
N ASP I 41 -36.82 24.45 22.11
CA ASP I 41 -37.67 23.27 22.18
C ASP I 41 -38.79 23.47 23.19
PG ATP J . -12.32 22.53 -0.35
O1G ATP J . -11.94 21.33 -1.16
O2G ATP J . -12.80 22.19 1.06
O3G ATP J . -11.22 23.60 -0.26
PB ATP J . -14.12 23.60 -2.48
O1B ATP J . -13.19 24.43 -3.27
O2B ATP J . -14.54 22.28 -3.12
O3B ATP J . -13.55 23.28 -1.03
PA ATP J . -15.85 25.68 -1.27
O1A ATP J . -15.73 25.42 0.18
O2A ATP J . -15.02 26.84 -1.82
O3A ATP J . -15.46 24.39 -2.12
O5' ATP J . -17.36 25.93 -1.66
C5' ATP J . -17.75 26.32 -2.99
C4' ATP J . -19.21 26.01 -3.16
O4' ATP J . -19.96 26.64 -2.11
C3' ATP J . -19.83 26.46 -4.48
O3' ATP J . -20.27 25.36 -5.25
C2' ATP J . -21.03 27.32 -4.06
O2' ATP J . -22.18 27.02 -4.86
C1' ATP J . -21.25 26.86 -2.62
N9 ATP J . -21.96 27.81 -1.77
C8 ATP J . -23.16 27.58 -1.14
N7 ATP J . -23.60 28.59 -0.44
C5 ATP J . -22.63 29.56 -0.61
C6 ATP J . -22.50 30.87 -0.12
N6 ATP J . -23.40 31.47 0.68
N1 ATP J . -21.40 31.58 -0.47
C2 ATP J . -20.49 31.00 -1.27
N3 ATP J . -20.51 29.77 -1.79
C4 ATP J . -21.61 29.09 -1.42
MG MG K . -13.93 20.91 -1.66
PG ATP L . -0.24 -14.67 30.78
O1G ATP L . 1.23 -14.45 30.83
O2G ATP L . -0.65 -16.14 30.89
O3G ATP L . -1.02 -13.85 31.80
PB ATP L . -2.17 -14.29 28.53
O1B ATP L . -2.94 -15.51 28.85
O2B ATP L . -2.90 -12.95 28.72
O3B ATP L . -0.83 -14.21 29.37
PA ATP L . -0.75 -15.30 26.16
O1A ATP L . 0.37 -15.87 26.94
O2A ATP L . -1.71 -16.32 25.56
O3A ATP L . -1.62 -14.32 27.04
O5' ATP L . -0.23 -14.35 25.01
C5' ATP L . -0.90 -13.11 24.70
C4' ATP L . 0.06 -12.21 23.97
O4' ATP L . 0.72 -12.96 22.92
C3' ATP L . -0.56 -11.00 23.30
O3' ATP L . 0.32 -9.87 23.35
C2' ATP L . -0.77 -11.47 21.86
O2' ATP L . -0.74 -10.38 20.95
C1' ATP L . 0.47 -12.35 21.66
N9 ATP L . 0.29 -13.41 20.67
C8 ATP L . -0.66 -14.39 20.66
N7 ATP L . -0.58 -15.21 19.64
C5 ATP L . 0.49 -14.74 18.93
C6 ATP L . 1.11 -15.15 17.72
N6 ATP L . 0.70 -16.20 17.02
N1 ATP L . 2.17 -14.45 17.28
C2 ATP L . 2.60 -13.39 17.99
N3 ATP L . 2.10 -12.90 19.13
C4 ATP L . 1.05 -13.61 19.54
MG MG M . -0.70 -16.23 28.77
#